data_2RCV
#
_entry.id   2RCV
#
_cell.length_a   68.369
_cell.length_b   84.034
_cell.length_c   91.951
_cell.angle_alpha   99.13
_cell.angle_beta   105.98
_cell.angle_gamma   105.58
#
_symmetry.space_group_name_H-M   'P 1'
#
loop_
_entity.id
_entity.type
_entity.pdbx_description
1 polymer 'Superoxide dismutase [Mn]'
2 non-polymer 'MANGANESE (II) ION'
3 water water
#
_entity_poly.entity_id   1
_entity_poly.type   'polypeptide(L)'
_entity_poly.pdbx_seq_one_letter_code
;MAYELPELPYAYDALEPHIDKETMTIHHTKHHNTYVTNLNKAVEGNTALANKSVEELVADLDSVPENIRTAVRNNGGGHA
NHKLFWTLLSPNGGGEPTGALAEEINSVFGSFDKFKEQFAAAAAGRFGSGWAWLVVNNGKLEITSTPNQDSPLSEGKTPI
LGLDVWEHAYYLNYQNRRPDYISAFWNVVNWDEVARLYSERK
;
_entity_poly.pdbx_strand_id   A,B,C,D,E,F,G,H
#
# COMPACT_ATOMS: atom_id res chain seq x y z
N ALA A 2 16.31 -14.87 0.19
CA ALA A 2 16.94 -14.25 1.41
C ALA A 2 18.40 -13.89 1.13
N TYR A 3 18.66 -13.29 -0.02
CA TYR A 3 20.01 -12.91 -0.38
C TYR A 3 20.45 -11.70 0.43
N GLU A 4 21.76 -11.56 0.65
CA GLU A 4 22.26 -10.45 1.42
C GLU A 4 23.42 -9.73 0.74
N LEU A 5 23.62 -8.47 1.13
CA LEU A 5 24.71 -7.66 0.60
C LEU A 5 25.99 -8.12 1.31
N PRO A 6 26.98 -8.60 0.56
CA PRO A 6 28.24 -9.06 1.17
C PRO A 6 29.11 -7.91 1.63
N GLU A 7 29.86 -8.11 2.70
CA GLU A 7 30.75 -7.05 3.19
C GLU A 7 31.99 -7.06 2.31
N LEU A 8 32.60 -5.89 2.10
CA LEU A 8 33.81 -5.82 1.28
C LEU A 8 34.99 -6.44 2.03
N PRO A 9 35.93 -7.04 1.29
CA PRO A 9 37.13 -7.68 1.84
C PRO A 9 38.16 -6.64 2.29
N TYR A 10 37.84 -5.36 2.08
CA TYR A 10 38.74 -4.26 2.42
C TYR A 10 37.98 -2.97 2.74
N ALA A 11 38.69 -1.93 3.14
CA ALA A 11 38.10 -0.64 3.47
C ALA A 11 37.64 0.09 2.20
N TYR A 12 36.67 0.99 2.33
CA TYR A 12 36.17 1.69 1.16
C TYR A 12 37.22 2.54 0.43
N ASP A 13 38.26 2.97 1.15
CA ASP A 13 39.31 3.78 0.53
C ASP A 13 40.56 2.98 0.22
N ALA A 14 40.48 1.65 0.38
CA ALA A 14 41.64 0.79 0.15
C ALA A 14 42.15 0.70 -1.28
N LEU A 15 41.31 1.05 -2.25
CA LEU A 15 41.70 0.97 -3.65
C LEU A 15 42.10 2.31 -4.28
N GLU A 16 42.28 3.34 -3.45
CA GLU A 16 42.70 4.66 -3.92
C GLU A 16 44.12 4.59 -4.46
N PRO A 17 44.42 5.38 -5.51
CA PRO A 17 43.53 6.31 -6.22
C PRO A 17 42.87 5.66 -7.45
N HIS A 18 43.11 4.37 -7.63
CA HIS A 18 42.56 3.66 -8.79
C HIS A 18 41.04 3.75 -8.80
N ILE A 19 40.42 3.54 -7.64
CA ILE A 19 38.97 3.66 -7.51
C ILE A 19 38.76 4.49 -6.24
N ASP A 20 38.04 5.60 -6.37
CA ASP A 20 37.82 6.49 -5.24
C ASP A 20 36.90 5.99 -4.16
N LYS A 21 37.15 6.44 -2.94
CA LYS A 21 36.36 6.05 -1.76
C LYS A 21 34.87 6.34 -1.96
N GLU A 22 34.57 7.51 -2.51
CA GLU A 22 33.17 7.86 -2.71
C GLU A 22 32.48 6.90 -3.66
N THR A 23 33.15 6.52 -4.74
CA THR A 23 32.54 5.59 -5.69
C THR A 23 32.32 4.24 -5.02
N MET A 24 33.31 3.74 -4.31
CA MET A 24 33.18 2.45 -3.62
C MET A 24 31.98 2.48 -2.67
N THR A 25 31.83 3.58 -1.94
CA THR A 25 30.75 3.72 -1.00
C THR A 25 29.37 3.66 -1.67
N ILE A 26 29.17 4.48 -2.70
CA ILE A 26 27.90 4.50 -3.42
C ILE A 26 27.66 3.22 -4.19
N HIS A 27 28.70 2.72 -4.83
CA HIS A 27 28.60 1.52 -5.63
C HIS A 27 28.12 0.33 -4.80
N HIS A 28 28.68 0.19 -3.60
CA HIS A 28 28.33 -0.92 -2.71
C HIS A 28 27.03 -0.69 -1.93
N THR A 29 26.98 0.40 -1.16
CA THR A 29 25.81 0.69 -0.33
C THR A 29 24.53 1.14 -1.02
N LYS A 30 24.63 1.62 -2.26
CA LYS A 30 23.43 2.06 -2.97
C LYS A 30 23.12 1.15 -4.15
N HIS A 31 24.01 1.12 -5.13
CA HIS A 31 23.77 0.30 -6.32
C HIS A 31 23.64 -1.21 -6.06
N HIS A 32 24.68 -1.81 -5.48
CA HIS A 32 24.61 -3.25 -5.22
C HIS A 32 23.45 -3.55 -4.27
N ASN A 33 23.34 -2.76 -3.21
CA ASN A 33 22.27 -2.98 -2.25
C ASN A 33 20.88 -2.97 -2.90
N THR A 34 20.67 -2.09 -3.87
CA THR A 34 19.39 -2.00 -4.57
C THR A 34 19.09 -3.29 -5.35
N TYR A 35 20.11 -3.89 -5.94
CA TYR A 35 19.93 -5.13 -6.68
C TYR A 35 19.51 -6.25 -5.71
N VAL A 36 20.08 -6.23 -4.51
CA VAL A 36 19.74 -7.24 -3.51
C VAL A 36 18.30 -7.09 -3.06
N THR A 37 17.91 -5.85 -2.77
CA THR A 37 16.55 -5.57 -2.32
C THR A 37 15.51 -5.99 -3.35
N ASN A 38 15.75 -5.60 -4.60
CA ASN A 38 14.82 -5.95 -5.68
C ASN A 38 14.82 -7.42 -6.01
N LEU A 39 15.96 -8.10 -5.82
CA LEU A 39 16.05 -9.52 -6.09
C LEU A 39 15.22 -10.29 -5.07
N ASN A 40 15.33 -9.90 -3.80
CA ASN A 40 14.58 -10.59 -2.76
C ASN A 40 13.08 -10.40 -2.95
N LYS A 41 12.68 -9.24 -3.46
CA LYS A 41 11.27 -8.97 -3.69
C LYS A 41 10.74 -9.78 -4.86
N ALA A 42 11.59 -10.02 -5.84
CA ALA A 42 11.21 -10.77 -7.02
C ALA A 42 10.99 -12.25 -6.74
N VAL A 43 11.88 -12.86 -5.98
CA VAL A 43 11.77 -14.28 -5.67
C VAL A 43 10.98 -14.59 -4.41
N GLU A 44 10.40 -13.55 -3.81
CA GLU A 44 9.63 -13.73 -2.59
C GLU A 44 8.42 -14.64 -2.85
N GLY A 45 8.36 -15.75 -2.12
CA GLY A 45 7.26 -16.68 -2.30
C GLY A 45 7.63 -17.90 -3.12
N ASN A 46 8.73 -17.80 -3.86
CA ASN A 46 9.19 -18.92 -4.67
C ASN A 46 10.32 -19.62 -3.93
N THR A 47 9.95 -20.50 -3.01
CA THR A 47 10.92 -21.23 -2.20
C THR A 47 11.99 -21.92 -3.05
N ALA A 48 11.56 -22.51 -4.16
CA ALA A 48 12.47 -23.21 -5.06
C ALA A 48 13.63 -22.32 -5.51
N LEU A 49 13.30 -21.20 -6.15
CA LEU A 49 14.32 -20.27 -6.64
C LEU A 49 15.16 -19.68 -5.51
N ALA A 50 14.50 -19.29 -4.42
CA ALA A 50 15.19 -18.69 -3.29
C ALA A 50 16.23 -19.61 -2.64
N ASN A 51 16.01 -20.91 -2.69
CA ASN A 51 16.95 -21.85 -2.10
C ASN A 51 18.24 -21.99 -2.88
N LYS A 52 18.23 -21.55 -4.13
CA LYS A 52 19.43 -21.64 -4.96
C LYS A 52 20.33 -20.42 -4.80
N SER A 53 21.63 -20.61 -5.01
CA SER A 53 22.58 -19.50 -4.89
C SER A 53 22.26 -18.56 -6.03
N VAL A 54 22.68 -17.30 -5.91
CA VAL A 54 22.41 -16.34 -6.97
C VAL A 54 23.00 -16.78 -8.30
N GLU A 55 24.16 -17.44 -8.27
CA GLU A 55 24.80 -17.91 -9.49
C GLU A 55 23.96 -19.01 -10.16
N GLU A 56 23.45 -19.93 -9.36
CA GLU A 56 22.62 -21.01 -9.88
C GLU A 56 21.33 -20.42 -10.47
N LEU A 57 20.83 -19.40 -9.79
CA LEU A 57 19.61 -18.73 -10.23
C LEU A 57 19.76 -18.12 -11.62
N VAL A 58 20.80 -17.32 -11.81
CA VAL A 58 21.02 -16.68 -13.11
C VAL A 58 21.49 -17.65 -14.19
N ALA A 59 21.98 -18.81 -13.77
CA ALA A 59 22.46 -19.82 -14.70
C ALA A 59 21.31 -20.42 -15.52
N ASP A 60 20.09 -20.35 -14.98
CA ASP A 60 18.93 -20.90 -15.67
C ASP A 60 17.70 -19.98 -15.60
N LEU A 61 17.72 -18.92 -16.40
CA LEU A 61 16.62 -17.97 -16.43
C LEU A 61 15.36 -18.58 -17.07
N ASP A 62 15.55 -19.65 -17.84
CA ASP A 62 14.44 -20.32 -18.50
C ASP A 62 13.54 -21.00 -17.48
N SER A 63 14.10 -21.33 -16.32
CA SER A 63 13.34 -21.99 -15.27
C SER A 63 12.65 -20.99 -14.34
N VAL A 64 12.79 -19.70 -14.64
CA VAL A 64 12.17 -18.65 -13.84
C VAL A 64 10.84 -18.21 -14.47
N PRO A 65 9.79 -18.06 -13.65
CA PRO A 65 8.48 -17.64 -14.18
C PRO A 65 8.60 -16.37 -15.04
N GLU A 66 7.90 -16.35 -16.16
CA GLU A 66 7.95 -15.21 -17.06
C GLU A 66 7.54 -13.88 -16.41
N ASN A 67 6.72 -13.95 -15.37
CA ASN A 67 6.26 -12.73 -14.70
C ASN A 67 7.34 -12.03 -13.87
N ILE A 68 8.41 -12.74 -13.54
CA ILE A 68 9.50 -12.16 -12.76
C ILE A 68 10.86 -12.42 -13.40
N ARG A 69 10.85 -12.96 -14.61
CA ARG A 69 12.10 -13.28 -15.30
C ARG A 69 12.97 -12.05 -15.52
N THR A 70 12.35 -10.93 -15.90
CA THR A 70 13.09 -9.70 -16.14
C THR A 70 13.73 -9.20 -14.84
N ALA A 71 12.97 -9.24 -13.75
CA ALA A 71 13.46 -8.80 -12.45
C ALA A 71 14.62 -9.66 -11.98
N VAL A 72 14.51 -10.97 -12.18
CA VAL A 72 15.58 -11.86 -11.75
C VAL A 72 16.80 -11.63 -12.62
N ARG A 73 16.58 -11.50 -13.93
CA ARG A 73 17.67 -11.27 -14.87
C ARG A 73 18.47 -10.03 -14.47
N ASN A 74 17.77 -8.91 -14.37
CA ASN A 74 18.45 -7.65 -14.04
C ASN A 74 19.00 -7.58 -12.63
N ASN A 75 18.20 -7.96 -11.63
CA ASN A 75 18.65 -7.88 -10.26
C ASN A 75 19.49 -9.06 -9.80
N GLY A 76 19.18 -10.23 -10.33
CA GLY A 76 19.97 -11.41 -10.00
C GLY A 76 21.33 -11.21 -10.62
N GLY A 77 21.34 -10.70 -11.85
CA GLY A 77 22.57 -10.43 -12.56
C GLY A 77 23.35 -9.37 -11.82
N GLY A 78 22.66 -8.34 -11.33
CA GLY A 78 23.34 -7.29 -10.58
C GLY A 78 24.03 -7.82 -9.35
N HIS A 79 23.32 -8.65 -8.59
CA HIS A 79 23.88 -9.22 -7.37
C HIS A 79 25.03 -10.17 -7.68
N ALA A 80 24.84 -11.10 -8.61
CA ALA A 80 25.90 -12.05 -8.97
C ALA A 80 27.15 -11.35 -9.49
N ASN A 81 26.96 -10.39 -10.40
CA ASN A 81 28.09 -9.68 -10.97
C ASN A 81 28.90 -8.86 -9.96
N HIS A 82 28.22 -8.11 -9.09
CA HIS A 82 28.93 -7.30 -8.10
C HIS A 82 29.52 -8.13 -6.96
N LYS A 83 28.84 -9.21 -6.59
CA LYS A 83 29.38 -10.04 -5.51
C LYS A 83 30.74 -10.58 -5.96
N LEU A 84 30.82 -10.98 -7.23
CA LEU A 84 32.08 -11.49 -7.77
C LEU A 84 33.10 -10.35 -7.88
N PHE A 85 32.67 -9.23 -8.44
CA PHE A 85 33.53 -8.07 -8.64
C PHE A 85 34.32 -7.63 -7.39
N TRP A 86 33.65 -7.52 -6.24
CA TRP A 86 34.37 -7.09 -5.03
C TRP A 86 35.52 -8.02 -4.66
N THR A 87 35.31 -9.32 -4.85
CA THR A 87 36.34 -10.31 -4.52
C THR A 87 37.51 -10.34 -5.49
N LEU A 88 37.38 -9.67 -6.63
CA LEU A 88 38.45 -9.65 -7.62
C LEU A 88 39.37 -8.45 -7.46
N LEU A 89 39.04 -7.57 -6.53
CA LEU A 89 39.85 -6.38 -6.29
C LEU A 89 40.65 -6.52 -4.99
N SER A 90 41.77 -5.80 -4.91
CA SER A 90 42.61 -5.84 -3.72
C SER A 90 43.60 -4.68 -3.67
N PRO A 91 43.85 -4.14 -2.47
CA PRO A 91 44.80 -3.02 -2.30
C PRO A 91 46.22 -3.54 -2.47
N ASN A 92 46.36 -4.86 -2.50
CA ASN A 92 47.65 -5.52 -2.65
C ASN A 92 47.63 -6.38 -3.92
N GLY A 93 46.79 -6.00 -4.88
CA GLY A 93 46.70 -6.75 -6.13
C GLY A 93 47.64 -6.22 -7.18
N GLY A 94 47.28 -6.42 -8.45
CA GLY A 94 48.12 -5.97 -9.54
C GLY A 94 49.10 -7.05 -9.92
N GLY A 95 50.07 -6.70 -10.76
CA GLY A 95 51.06 -7.69 -11.18
C GLY A 95 50.53 -8.53 -12.32
N GLU A 96 51.00 -9.78 -12.40
CA GLU A 96 50.55 -10.68 -13.46
C GLU A 96 50.18 -12.04 -12.90
N PRO A 97 49.39 -12.82 -13.66
CA PRO A 97 48.95 -14.15 -13.25
C PRO A 97 50.14 -15.10 -13.15
N THR A 98 49.93 -16.21 -12.43
CA THR A 98 50.99 -17.21 -12.27
C THR A 98 50.36 -18.59 -12.37
N GLY A 99 51.18 -19.63 -12.19
CA GLY A 99 50.68 -20.99 -12.24
C GLY A 99 49.98 -21.41 -13.52
N ALA A 100 49.00 -22.30 -13.36
CA ALA A 100 48.23 -22.84 -14.48
C ALA A 100 47.47 -21.77 -15.24
N LEU A 101 46.95 -20.77 -14.51
CA LEU A 101 46.22 -19.69 -15.13
C LEU A 101 47.11 -18.94 -16.11
N ALA A 102 48.33 -18.61 -15.69
CA ALA A 102 49.25 -17.89 -16.57
C ALA A 102 49.57 -18.73 -17.81
N GLU A 103 49.78 -20.02 -17.62
CA GLU A 103 50.09 -20.92 -18.73
C GLU A 103 48.97 -20.94 -19.77
N GLU A 104 47.73 -20.98 -19.29
CA GLU A 104 46.57 -21.01 -20.18
C GLU A 104 46.42 -19.68 -20.91
N ILE A 105 46.65 -18.58 -20.19
CA ILE A 105 46.55 -17.25 -20.80
C ILE A 105 47.57 -17.07 -21.92
N ASN A 106 48.81 -17.51 -21.70
CA ASN A 106 49.83 -17.37 -22.72
C ASN A 106 49.56 -18.26 -23.93
N SER A 107 48.95 -19.41 -23.70
CA SER A 107 48.66 -20.34 -24.79
C SER A 107 47.47 -19.90 -25.63
N VAL A 108 46.47 -19.31 -24.98
CA VAL A 108 45.27 -18.86 -25.68
C VAL A 108 45.40 -17.48 -26.32
N PHE A 109 45.98 -16.54 -25.58
CA PHE A 109 46.12 -15.19 -26.11
C PHE A 109 47.53 -14.84 -26.58
N GLY A 110 48.49 -15.72 -26.33
CA GLY A 110 49.85 -15.45 -26.75
C GLY A 110 50.73 -14.90 -25.63
N SER A 111 50.16 -14.00 -24.83
CA SER A 111 50.89 -13.41 -23.71
C SER A 111 49.93 -12.65 -22.81
N PHE A 112 50.37 -12.33 -21.61
CA PHE A 112 49.53 -11.59 -20.68
C PHE A 112 49.25 -10.19 -21.23
N ASP A 113 50.24 -9.62 -21.90
CA ASP A 113 50.06 -8.29 -22.48
C ASP A 113 49.00 -8.31 -23.57
N LYS A 114 49.01 -9.37 -24.39
CA LYS A 114 48.01 -9.49 -25.45
C LYS A 114 46.63 -9.69 -24.85
N PHE A 115 46.57 -10.45 -23.77
CA PHE A 115 45.30 -10.67 -23.10
C PHE A 115 44.75 -9.33 -22.63
N LYS A 116 45.59 -8.55 -21.94
CA LYS A 116 45.14 -7.25 -21.44
C LYS A 116 44.67 -6.34 -22.57
N GLU A 117 45.38 -6.38 -23.70
CA GLU A 117 44.98 -5.55 -24.83
C GLU A 117 43.60 -5.96 -25.33
N GLN A 118 43.38 -7.26 -25.48
CA GLN A 118 42.09 -7.77 -25.95
C GLN A 118 40.97 -7.53 -24.93
N PHE A 119 41.29 -7.69 -23.65
CA PHE A 119 40.30 -7.47 -22.60
C PHE A 119 39.91 -5.99 -22.56
N ALA A 120 40.92 -5.12 -22.64
CA ALA A 120 40.67 -3.68 -22.64
C ALA A 120 39.85 -3.25 -23.85
N ALA A 121 40.07 -3.91 -24.98
CA ALA A 121 39.32 -3.58 -26.19
C ALA A 121 37.85 -3.96 -26.02
N ALA A 122 37.60 -5.09 -25.38
CA ALA A 122 36.24 -5.55 -25.14
C ALA A 122 35.55 -4.60 -24.18
N ALA A 123 36.26 -4.17 -23.15
CA ALA A 123 35.67 -3.26 -22.16
C ALA A 123 35.37 -1.89 -22.75
N ALA A 124 36.26 -1.42 -23.62
CA ALA A 124 36.08 -0.12 -24.24
C ALA A 124 35.01 -0.16 -25.34
N GLY A 125 34.89 -1.30 -26.00
CA GLY A 125 33.92 -1.43 -27.07
C GLY A 125 32.48 -1.69 -26.66
N ARG A 126 32.24 -1.93 -25.38
CA ARG A 126 30.88 -2.19 -24.88
C ARG A 126 30.12 -0.87 -24.86
N PHE A 127 29.26 -0.68 -25.86
CA PHE A 127 28.48 0.55 -25.96
C PHE A 127 27.33 0.52 -24.97
N GLY A 128 27.22 1.56 -24.15
CA GLY A 128 26.18 1.62 -23.17
C GLY A 128 26.67 1.00 -21.87
N SER A 129 25.75 0.43 -21.09
CA SER A 129 26.11 -0.20 -19.81
C SER A 129 26.47 -1.66 -20.01
N GLY A 130 27.42 -2.15 -19.24
CA GLY A 130 27.78 -3.54 -19.38
C GLY A 130 29.03 -3.97 -18.63
N TRP A 131 29.46 -5.19 -18.93
CA TRP A 131 30.62 -5.80 -18.30
C TRP A 131 31.56 -6.45 -19.32
N ALA A 132 32.84 -6.48 -19.00
CA ALA A 132 33.84 -7.14 -19.85
C ALA A 132 34.24 -8.36 -19.01
N TRP A 133 34.37 -9.51 -19.67
CA TRP A 133 34.67 -10.76 -18.98
C TRP A 133 35.77 -11.64 -19.55
N LEU A 134 36.33 -12.44 -18.65
CA LEU A 134 37.31 -13.47 -18.99
C LEU A 134 36.51 -14.66 -18.45
N VAL A 135 36.17 -15.62 -19.29
CA VAL A 135 35.39 -16.78 -18.84
C VAL A 135 36.00 -18.09 -19.33
N VAL A 136 35.46 -19.19 -18.80
CA VAL A 136 35.87 -20.53 -19.20
C VAL A 136 34.65 -21.09 -19.92
N ASN A 137 34.78 -21.28 -21.23
CA ASN A 137 33.69 -21.81 -22.04
C ASN A 137 34.11 -23.16 -22.60
N ASN A 138 33.43 -24.22 -22.18
CA ASN A 138 33.74 -25.57 -22.61
C ASN A 138 35.19 -25.91 -22.27
N GLY A 139 35.64 -25.44 -21.12
CA GLY A 139 37.00 -25.70 -20.68
C GLY A 139 38.05 -24.85 -21.37
N LYS A 140 37.61 -23.83 -22.11
CA LYS A 140 38.53 -22.95 -22.82
C LYS A 140 38.33 -21.50 -22.39
N LEU A 141 39.44 -20.78 -22.19
CA LEU A 141 39.35 -19.38 -21.79
C LEU A 141 39.02 -18.50 -22.99
N GLU A 142 38.17 -17.49 -22.77
CA GLU A 142 37.80 -16.57 -23.84
C GLU A 142 37.32 -15.24 -23.26
N ILE A 143 37.46 -14.18 -24.03
CA ILE A 143 37.03 -12.86 -23.60
C ILE A 143 35.67 -12.54 -24.22
N THR A 144 34.78 -11.98 -23.42
CA THR A 144 33.45 -11.63 -23.90
C THR A 144 32.98 -10.36 -23.17
N SER A 145 31.88 -9.81 -23.62
CA SER A 145 31.29 -8.64 -22.99
C SER A 145 29.78 -8.83 -23.02
N THR A 146 29.10 -8.34 -21.99
CA THR A 146 27.65 -8.46 -21.90
C THR A 146 27.02 -7.12 -21.58
N PRO A 147 25.76 -6.92 -22.00
CA PRO A 147 25.04 -5.68 -21.75
C PRO A 147 24.37 -5.65 -20.38
N ASN A 148 24.22 -4.45 -19.84
CA ASN A 148 23.54 -4.24 -18.56
C ASN A 148 24.01 -5.18 -17.45
N GLN A 149 23.14 -6.03 -16.90
CA GLN A 149 23.59 -6.94 -15.86
C GLN A 149 23.53 -8.39 -16.33
N ASP A 150 23.50 -8.60 -17.65
CA ASP A 150 23.47 -9.96 -18.16
C ASP A 150 24.77 -10.65 -17.78
N SER A 151 24.67 -11.92 -17.43
CA SER A 151 25.83 -12.69 -17.02
C SER A 151 26.14 -13.84 -17.95
N PRO A 152 27.44 -14.12 -18.14
CA PRO A 152 27.84 -15.23 -19.01
C PRO A 152 27.30 -16.55 -18.46
N LEU A 153 27.03 -16.59 -17.17
CA LEU A 153 26.52 -17.80 -16.55
C LEU A 153 25.22 -18.26 -17.22
N SER A 154 24.44 -17.30 -17.72
CA SER A 154 23.17 -17.63 -18.36
C SER A 154 23.36 -18.35 -19.70
N GLU A 155 24.58 -18.31 -20.22
CA GLU A 155 24.92 -18.95 -21.49
C GLU A 155 25.83 -20.16 -21.30
N GLY A 156 25.95 -20.63 -20.06
CA GLY A 156 26.80 -21.78 -19.79
C GLY A 156 28.29 -21.49 -19.72
N LYS A 157 28.64 -20.22 -19.48
CA LYS A 157 30.04 -19.83 -19.37
C LYS A 157 30.32 -19.42 -17.93
N THR A 158 31.53 -19.70 -17.45
CA THR A 158 31.85 -19.35 -16.07
C THR A 158 32.87 -18.21 -16.01
N PRO A 159 32.44 -17.05 -15.49
CA PRO A 159 33.36 -15.91 -15.41
C PRO A 159 34.39 -16.08 -14.29
N ILE A 160 35.63 -15.67 -14.56
CA ILE A 160 36.66 -15.78 -13.54
C ILE A 160 37.28 -14.40 -13.33
N LEU A 161 36.92 -13.47 -14.21
CA LEU A 161 37.39 -12.09 -14.13
C LEU A 161 36.38 -11.22 -14.83
N GLY A 162 36.00 -10.11 -14.19
CA GLY A 162 35.05 -9.23 -14.83
C GLY A 162 35.33 -7.79 -14.47
N LEU A 163 35.01 -6.88 -15.38
CA LEU A 163 35.19 -5.45 -15.15
C LEU A 163 33.86 -4.77 -15.43
N ASP A 164 33.38 -4.02 -14.45
CA ASP A 164 32.11 -3.31 -14.54
C ASP A 164 32.34 -2.05 -15.38
N VAL A 165 31.67 -1.90 -16.52
CA VAL A 165 31.87 -0.69 -17.30
C VAL A 165 30.64 0.22 -17.34
N TRP A 166 29.74 0.05 -16.37
CA TRP A 166 28.57 0.94 -16.23
C TRP A 166 29.23 2.25 -15.84
N GLU A 167 28.71 3.38 -16.30
CA GLU A 167 29.34 4.65 -15.97
C GLU A 167 29.43 4.90 -14.47
N HIS A 168 28.49 4.40 -13.68
CA HIS A 168 28.56 4.63 -12.24
C HIS A 168 29.82 4.08 -11.61
N ALA A 169 30.45 3.10 -12.25
CA ALA A 169 31.67 2.51 -11.70
C ALA A 169 32.91 3.40 -11.86
N TYR A 170 32.85 4.38 -12.75
CA TYR A 170 34.03 5.22 -12.99
C TYR A 170 33.80 6.70 -13.23
N TYR A 171 32.55 7.14 -13.36
CA TYR A 171 32.34 8.55 -13.66
C TYR A 171 32.86 9.58 -12.68
N LEU A 172 32.74 9.33 -11.38
CA LEU A 172 33.20 10.32 -10.42
C LEU A 172 34.69 10.65 -10.50
N ASN A 173 35.52 9.66 -10.80
CA ASN A 173 36.94 9.92 -10.88
C ASN A 173 37.53 10.03 -12.28
N TYR A 174 36.88 9.41 -13.26
CA TYR A 174 37.38 9.42 -14.63
C TYR A 174 36.46 10.06 -15.66
N GLN A 175 35.24 10.40 -15.24
CA GLN A 175 34.25 10.96 -16.15
C GLN A 175 34.17 10.15 -17.45
N ASN A 176 34.27 10.82 -18.59
CA ASN A 176 34.18 10.13 -19.88
C ASN A 176 35.39 9.27 -20.25
N ARG A 177 36.46 9.33 -19.45
CA ARG A 177 37.69 8.60 -19.76
C ARG A 177 37.72 7.12 -19.40
N ARG A 178 36.77 6.35 -19.94
CA ARG A 178 36.72 4.92 -19.64
C ARG A 178 38.06 4.19 -19.84
N PRO A 179 38.80 4.51 -20.92
CA PRO A 179 40.08 3.81 -21.12
C PRO A 179 41.06 3.98 -19.95
N ASP A 180 41.02 5.11 -19.28
CA ASP A 180 41.91 5.37 -18.15
C ASP A 180 41.48 4.55 -16.94
N TYR A 181 40.17 4.29 -16.84
CA TYR A 181 39.62 3.49 -15.76
C TYR A 181 40.06 2.05 -15.97
N ILE A 182 39.91 1.57 -17.20
CA ILE A 182 40.29 0.22 -17.56
C ILE A 182 41.78 0.00 -17.26
N SER A 183 42.61 0.99 -17.56
CA SER A 183 44.03 0.86 -17.30
C SER A 183 44.32 0.76 -15.80
N ALA A 184 43.60 1.56 -15.02
CA ALA A 184 43.79 1.57 -13.58
C ALA A 184 43.37 0.25 -12.95
N PHE A 185 42.39 -0.41 -13.57
CA PHE A 185 41.88 -1.69 -13.11
C PHE A 185 42.99 -2.72 -12.88
N TRP A 186 43.93 -2.77 -13.81
CA TRP A 186 45.01 -3.73 -13.71
C TRP A 186 45.82 -3.60 -12.43
N ASN A 187 45.82 -2.43 -11.82
CA ASN A 187 46.57 -2.22 -10.60
C ASN A 187 45.94 -2.80 -9.34
N VAL A 188 44.66 -3.17 -9.43
CA VAL A 188 43.96 -3.71 -8.26
C VAL A 188 43.40 -5.10 -8.44
N VAL A 189 43.68 -5.74 -9.58
CA VAL A 189 43.18 -7.09 -9.81
C VAL A 189 43.87 -8.08 -8.88
N ASN A 190 43.09 -8.94 -8.24
CA ASN A 190 43.62 -9.95 -7.33
C ASN A 190 43.77 -11.23 -8.15
N TRP A 191 44.93 -11.41 -8.78
CA TRP A 191 45.14 -12.59 -9.62
C TRP A 191 45.13 -13.91 -8.88
N ASP A 192 45.32 -13.87 -7.56
CA ASP A 192 45.28 -15.11 -6.78
C ASP A 192 43.83 -15.58 -6.72
N GLU A 193 42.90 -14.65 -6.60
CA GLU A 193 41.49 -15.00 -6.55
C GLU A 193 41.07 -15.50 -7.95
N VAL A 194 41.54 -14.84 -8.99
CA VAL A 194 41.19 -15.26 -10.35
C VAL A 194 41.70 -16.68 -10.58
N ALA A 195 42.90 -16.97 -10.08
CA ALA A 195 43.51 -18.29 -10.23
C ALA A 195 42.68 -19.36 -9.50
N ARG A 196 42.14 -18.99 -8.35
CA ARG A 196 41.31 -19.94 -7.59
C ARG A 196 40.02 -20.23 -8.33
N LEU A 197 39.41 -19.19 -8.90
CA LEU A 197 38.16 -19.37 -9.63
C LEU A 197 38.42 -20.17 -10.90
N TYR A 198 39.63 -20.02 -11.43
CA TYR A 198 40.03 -20.74 -12.64
C TYR A 198 40.03 -22.24 -12.37
N SER A 199 40.69 -22.64 -11.28
CA SER A 199 40.76 -24.04 -10.91
C SER A 199 39.36 -24.62 -10.69
N GLU A 200 38.50 -23.84 -10.05
CA GLU A 200 37.14 -24.28 -9.78
C GLU A 200 36.29 -24.37 -11.06
N ARG A 201 36.68 -23.64 -12.09
CA ARG A 201 35.94 -23.65 -13.36
C ARG A 201 36.46 -24.76 -14.27
N ALA B 2 31.73 16.10 -42.21
CA ALA B 2 30.41 16.52 -42.68
C ALA B 2 29.56 17.04 -41.53
N TYR B 3 29.26 16.18 -40.57
CA TYR B 3 28.45 16.59 -39.43
C TYR B 3 29.30 17.38 -38.45
N GLU B 4 28.68 18.37 -37.80
CA GLU B 4 29.40 19.20 -36.85
C GLU B 4 28.65 19.29 -35.53
N LEU B 5 29.39 19.59 -34.47
CA LEU B 5 28.80 19.74 -33.14
C LEU B 5 28.09 21.07 -33.05
N PRO B 6 26.79 21.07 -32.72
CA PRO B 6 26.02 22.32 -32.61
C PRO B 6 26.39 23.07 -31.34
N GLU B 7 26.24 24.39 -31.35
CA GLU B 7 26.55 25.18 -30.16
C GLU B 7 25.30 25.18 -29.28
N LEU B 8 25.50 25.32 -27.96
CA LEU B 8 24.36 25.36 -27.05
C LEU B 8 23.68 26.71 -27.13
N PRO B 9 22.33 26.74 -27.01
CA PRO B 9 21.57 27.99 -27.08
C PRO B 9 21.72 28.83 -25.80
N TYR B 10 22.55 28.34 -24.88
CA TYR B 10 22.78 29.02 -23.61
C TYR B 10 24.16 28.66 -23.04
N ALA B 11 24.54 29.36 -21.97
CA ALA B 11 25.82 29.15 -21.30
C ALA B 11 25.86 27.79 -20.60
N TYR B 12 27.07 27.26 -20.35
CA TYR B 12 27.19 25.96 -19.70
C TYR B 12 26.63 25.92 -18.28
N ASP B 13 26.57 27.08 -17.63
CA ASP B 13 26.06 27.14 -16.26
C ASP B 13 24.65 27.72 -16.20
N ALA B 14 24.00 27.87 -17.35
CA ALA B 14 22.67 28.44 -17.40
C ALA B 14 21.57 27.59 -16.77
N LEU B 15 21.81 26.28 -16.67
CA LEU B 15 20.79 25.39 -16.12
C LEU B 15 20.97 25.05 -14.63
N GLU B 16 21.93 25.69 -13.98
CA GLU B 16 22.15 25.45 -12.56
C GLU B 16 20.99 26.02 -11.75
N PRO B 17 20.66 25.41 -10.60
CA PRO B 17 21.30 24.24 -10.00
C PRO B 17 20.78 22.88 -10.47
N HIS B 18 19.83 22.91 -11.39
CA HIS B 18 19.19 21.69 -11.91
C HIS B 18 20.21 20.76 -12.57
N ILE B 19 21.07 21.33 -13.41
CA ILE B 19 22.12 20.55 -14.07
C ILE B 19 23.39 21.37 -13.88
N ASP B 20 24.41 20.75 -13.30
CA ASP B 20 25.68 21.43 -13.03
C ASP B 20 26.46 21.80 -14.28
N LYS B 21 27.21 22.89 -14.20
CA LYS B 21 27.99 23.36 -15.34
C LYS B 21 29.07 22.36 -15.76
N GLU B 22 29.63 21.63 -14.79
CA GLU B 22 30.67 20.64 -15.12
C GLU B 22 30.09 19.57 -16.05
N THR B 23 28.90 19.08 -15.71
CA THR B 23 28.23 18.07 -16.51
C THR B 23 27.90 18.59 -17.91
N MET B 24 27.30 19.78 -17.98
CA MET B 24 26.95 20.34 -19.27
C MET B 24 28.17 20.45 -20.16
N THR B 25 29.28 20.91 -19.59
CA THR B 25 30.53 21.06 -20.33
C THR B 25 31.07 19.74 -20.88
N ILE B 26 31.17 18.74 -20.01
CA ILE B 26 31.67 17.43 -20.42
C ILE B 26 30.68 16.73 -21.34
N HIS B 27 29.41 16.81 -21.00
CA HIS B 27 28.36 16.17 -21.79
C HIS B 27 28.40 16.65 -23.24
N HIS B 28 28.56 17.96 -23.43
CA HIS B 28 28.59 18.55 -24.75
C HIS B 28 29.95 18.42 -25.48
N THR B 29 31.01 18.91 -24.85
CA THR B 29 32.33 18.88 -25.47
C THR B 29 33.05 17.54 -25.56
N LYS B 30 32.64 16.56 -24.77
CA LYS B 30 33.28 15.24 -24.81
C LYS B 30 32.34 14.18 -25.36
N HIS B 31 31.27 13.90 -24.64
CA HIS B 31 30.32 12.87 -25.08
C HIS B 31 29.69 13.15 -26.44
N HIS B 32 29.01 14.28 -26.58
CA HIS B 32 28.39 14.61 -27.87
C HIS B 32 29.43 14.75 -28.97
N ASN B 33 30.53 15.48 -28.70
CA ASN B 33 31.56 15.67 -29.71
C ASN B 33 32.10 14.35 -30.23
N THR B 34 32.25 13.39 -29.32
CA THR B 34 32.74 12.06 -29.67
C THR B 34 31.77 11.38 -30.64
N TYR B 35 30.47 11.51 -30.40
CA TYR B 35 29.50 10.89 -31.30
C TYR B 35 29.66 11.49 -32.69
N VAL B 36 29.86 12.81 -32.77
CA VAL B 36 30.02 13.48 -34.06
C VAL B 36 31.29 12.99 -34.77
N THR B 37 32.40 12.96 -34.04
CA THR B 37 33.68 12.51 -34.62
C THR B 37 33.58 11.09 -35.15
N ASN B 38 33.01 10.20 -34.35
CA ASN B 38 32.87 8.80 -34.76
C ASN B 38 31.87 8.61 -35.91
N LEU B 39 30.81 9.42 -35.92
CA LEU B 39 29.81 9.33 -36.97
C LEU B 39 30.46 9.69 -38.31
N ASN B 40 31.24 10.76 -38.33
CA ASN B 40 31.92 11.19 -39.54
C ASN B 40 32.90 10.14 -40.05
N LYS B 41 33.52 9.42 -39.13
CA LYS B 41 34.47 8.37 -39.53
C LYS B 41 33.74 7.24 -40.23
N ALA B 42 32.60 6.83 -39.67
CA ALA B 42 31.81 5.75 -40.25
C ALA B 42 31.34 6.10 -41.65
N VAL B 43 30.72 7.27 -41.79
CA VAL B 43 30.21 7.72 -43.08
C VAL B 43 31.33 8.27 -43.95
N THR B 47 29.32 8.10 -48.36
CA THR B 47 29.32 8.81 -49.63
C THR B 47 28.04 9.61 -49.83
N ALA B 48 26.93 8.89 -50.02
CA ALA B 48 25.62 9.52 -50.21
C ALA B 48 24.97 9.79 -48.86
N LEU B 49 25.33 8.96 -47.89
CA LEU B 49 24.79 9.09 -46.53
C LEU B 49 25.18 10.43 -45.93
N ALA B 50 26.30 10.98 -46.38
CA ALA B 50 26.80 12.26 -45.88
C ALA B 50 25.87 13.43 -46.18
N ASN B 51 25.21 13.38 -47.32
CA ASN B 51 24.28 14.45 -47.71
C ASN B 51 22.94 14.37 -46.99
N LYS B 52 22.72 13.28 -46.27
CA LYS B 52 21.48 13.10 -45.53
C LYS B 52 21.63 13.63 -44.11
N SER B 53 20.61 14.34 -43.63
CA SER B 53 20.65 14.87 -42.27
C SER B 53 20.77 13.71 -41.30
N VAL B 54 21.36 13.93 -40.13
CA VAL B 54 21.52 12.87 -39.16
C VAL B 54 20.16 12.22 -38.83
N GLU B 55 19.09 13.01 -38.84
CA GLU B 55 17.75 12.50 -38.56
C GLU B 55 17.30 11.49 -39.61
N GLU B 56 17.53 11.80 -40.88
CA GLU B 56 17.14 10.91 -41.95
C GLU B 56 18.04 9.68 -41.97
N LEU B 57 19.29 9.89 -41.59
CA LEU B 57 20.26 8.80 -41.55
C LEU B 57 19.78 7.73 -40.56
N VAL B 58 19.44 8.16 -39.35
CA VAL B 58 18.97 7.24 -38.32
C VAL B 58 17.54 6.76 -38.58
N ALA B 59 16.81 7.51 -39.40
CA ALA B 59 15.44 7.16 -39.73
C ALA B 59 15.37 5.82 -40.44
N ASP B 60 16.45 5.44 -41.12
CA ASP B 60 16.49 4.18 -41.84
C ASP B 60 17.89 3.58 -41.89
N LEU B 61 18.28 2.86 -40.84
CA LEU B 61 19.60 2.24 -40.81
C LEU B 61 19.62 1.04 -41.77
N ASP B 62 18.43 0.56 -42.11
CA ASP B 62 18.28 -0.57 -43.01
C ASP B 62 18.94 -0.27 -44.35
N SER B 63 18.94 1.01 -44.73
CA SER B 63 19.54 1.44 -45.99
C SER B 63 21.01 1.79 -45.83
N VAL B 64 21.59 1.41 -44.69
CA VAL B 64 22.99 1.68 -44.41
C VAL B 64 23.80 0.39 -44.48
N PRO B 65 24.99 0.44 -45.13
CA PRO B 65 25.84 -0.74 -45.27
C PRO B 65 26.03 -1.46 -43.95
N GLU B 66 25.67 -2.74 -43.91
CA GLU B 66 25.78 -3.54 -42.70
C GLU B 66 27.15 -3.50 -42.04
N ASN B 67 28.18 -3.14 -42.79
CA ASN B 67 29.54 -3.09 -42.25
C ASN B 67 29.80 -1.85 -41.38
N ILE B 68 28.86 -0.91 -41.38
CA ILE B 68 29.00 0.32 -40.60
C ILE B 68 27.69 0.69 -39.94
N ARG B 69 26.70 -0.17 -40.04
CA ARG B 69 25.37 0.08 -39.47
C ARG B 69 25.42 0.33 -37.98
N THR B 70 26.16 -0.52 -37.25
CA THR B 70 26.27 -0.37 -35.80
C THR B 70 26.88 0.98 -35.45
N ALA B 71 27.92 1.37 -36.17
CA ALA B 71 28.59 2.65 -35.93
C ALA B 71 27.61 3.81 -36.14
N VAL B 72 26.88 3.76 -37.25
CA VAL B 72 25.90 4.81 -37.55
C VAL B 72 24.76 4.79 -36.55
N ARG B 73 24.34 3.60 -36.14
CA ARG B 73 23.25 3.46 -35.19
C ARG B 73 23.61 4.10 -33.85
N ASN B 74 24.76 3.73 -33.30
CA ASN B 74 25.19 4.27 -32.02
C ASN B 74 25.63 5.74 -32.07
N ASN B 75 26.46 6.10 -33.04
CA ASN B 75 26.94 7.49 -33.14
C ASN B 75 25.95 8.44 -33.80
N GLY B 76 25.23 7.93 -34.79
CA GLY B 76 24.23 8.75 -35.45
C GLY B 76 23.12 9.01 -34.44
N GLY B 77 22.77 7.97 -33.68
CA GLY B 77 21.73 8.11 -32.68
C GLY B 77 22.19 9.06 -31.60
N GLY B 78 23.47 8.95 -31.26
CA GLY B 78 24.04 9.81 -30.23
C GLY B 78 23.96 11.26 -30.67
N HIS B 79 24.32 11.52 -31.92
CA HIS B 79 24.29 12.88 -32.43
C HIS B 79 22.85 13.40 -32.52
N ALA B 80 21.96 12.63 -33.14
CA ALA B 80 20.56 13.05 -33.27
C ALA B 80 19.88 13.31 -31.93
N ASN B 81 20.07 12.39 -30.99
CA ASN B 81 19.45 12.51 -29.68
C ASN B 81 19.94 13.72 -28.89
N HIS B 82 21.25 13.92 -28.86
CA HIS B 82 21.81 15.05 -28.12
C HIS B 82 21.49 16.37 -28.80
N LYS B 83 21.50 16.38 -30.13
CA LYS B 83 21.17 17.58 -30.89
C LYS B 83 19.79 18.08 -30.44
N LEU B 84 18.83 17.16 -30.36
CA LEU B 84 17.47 17.52 -29.93
C LEU B 84 17.42 17.92 -28.46
N PHE B 85 18.07 17.12 -27.61
CA PHE B 85 18.10 17.36 -26.17
C PHE B 85 18.48 18.78 -25.80
N TRP B 86 19.57 19.29 -26.37
CA TRP B 86 20.02 20.65 -26.04
C TRP B 86 18.93 21.70 -26.31
N THR B 87 18.17 21.52 -27.39
CA THR B 87 17.13 22.49 -27.73
C THR B 87 15.87 22.43 -26.86
N LEU B 88 15.74 21.38 -26.06
CA LEU B 88 14.59 21.20 -25.19
C LEU B 88 14.79 21.74 -23.78
N LEU B 89 15.97 22.28 -23.51
CA LEU B 89 16.28 22.83 -22.20
C LEU B 89 16.42 24.35 -22.32
N SER B 90 16.18 25.06 -21.22
CA SER B 90 16.28 26.52 -21.23
C SER B 90 16.31 27.08 -19.82
N PRO B 91 17.11 28.13 -19.58
CA PRO B 91 17.17 28.73 -18.25
C PRO B 91 15.87 29.47 -17.96
N ASN B 92 15.05 29.64 -18.98
CA ASN B 92 13.76 30.31 -18.83
C ASN B 92 12.67 29.28 -19.07
N GLY B 93 13.03 28.01 -18.95
CA GLY B 93 12.07 26.94 -19.15
C GLY B 93 11.31 26.60 -17.89
N GLY B 94 10.75 25.40 -17.87
CA GLY B 94 10.00 24.96 -16.71
C GLY B 94 8.55 25.37 -16.81
N GLY B 95 7.87 25.41 -15.66
CA GLY B 95 6.48 25.78 -15.66
C GLY B 95 5.60 24.62 -16.09
N GLU B 96 4.64 24.90 -16.96
CA GLU B 96 3.72 23.87 -17.44
C GLU B 96 3.35 24.10 -18.90
N PRO B 97 3.03 23.02 -19.63
CA PRO B 97 2.65 23.11 -21.04
C PRO B 97 1.42 24.00 -21.19
N THR B 98 1.24 24.58 -22.38
CA THR B 98 0.10 25.46 -22.64
C THR B 98 -0.46 25.25 -24.05
N GLY B 99 -1.50 26.01 -24.38
CA GLY B 99 -2.10 25.92 -25.69
C GLY B 99 -2.60 24.56 -26.11
N ALA B 100 -2.47 24.27 -27.40
CA ALA B 100 -2.92 22.99 -27.95
C ALA B 100 -2.16 21.80 -27.37
N LEU B 101 -0.87 21.99 -27.12
CA LEU B 101 -0.06 20.92 -26.55
C LEU B 101 -0.64 20.51 -25.20
N ALA B 102 -0.94 21.48 -24.36
CA ALA B 102 -1.49 21.22 -23.04
C ALA B 102 -2.83 20.49 -23.15
N GLU B 103 -3.63 20.87 -24.14
CA GLU B 103 -4.93 20.22 -24.31
C GLU B 103 -4.78 18.74 -24.66
N GLU B 104 -3.88 18.45 -25.58
CA GLU B 104 -3.64 17.08 -26.02
C GLU B 104 -3.07 16.24 -24.87
N ILE B 105 -2.15 16.82 -24.09
CA ILE B 105 -1.58 16.09 -22.97
C ILE B 105 -2.65 15.75 -21.94
N ASN B 106 -3.52 16.71 -21.64
CA ASN B 106 -4.58 16.48 -20.67
C ASN B 106 -5.58 15.44 -21.16
N SER B 107 -5.80 15.40 -22.47
CA SER B 107 -6.74 14.46 -23.06
C SER B 107 -6.18 13.03 -23.04
N VAL B 108 -4.93 12.89 -23.45
CA VAL B 108 -4.29 11.58 -23.52
C VAL B 108 -3.88 11.00 -22.16
N PHE B 109 -3.31 11.85 -21.30
CA PHE B 109 -2.84 11.38 -20.00
C PHE B 109 -3.71 11.74 -18.81
N GLY B 110 -4.71 12.60 -19.02
CA GLY B 110 -5.59 12.98 -17.93
C GLY B 110 -5.25 14.33 -17.29
N SER B 111 -3.96 14.64 -17.19
CA SER B 111 -3.50 15.89 -16.61
C SER B 111 -1.99 15.98 -16.78
N PHE B 112 -1.43 17.17 -16.57
CA PHE B 112 0.01 17.34 -16.70
C PHE B 112 0.70 16.54 -15.59
N ASP B 113 0.10 16.54 -14.40
CA ASP B 113 0.67 15.80 -13.28
C ASP B 113 0.76 14.31 -13.60
N LYS B 114 -0.31 13.77 -14.19
CA LYS B 114 -0.32 12.35 -14.55
C LYS B 114 0.72 12.10 -15.64
N PHE B 115 0.86 13.06 -16.54
CA PHE B 115 1.85 12.91 -17.60
C PHE B 115 3.24 12.82 -16.97
N LYS B 116 3.51 13.71 -16.01
CA LYS B 116 4.82 13.70 -15.36
C LYS B 116 5.10 12.39 -14.63
N GLU B 117 4.06 11.82 -14.01
CA GLU B 117 4.23 10.57 -13.28
C GLU B 117 4.59 9.45 -14.25
N GLN B 118 3.88 9.39 -15.37
CA GLN B 118 4.15 8.37 -16.36
C GLN B 118 5.51 8.54 -17.01
N PHE B 119 5.87 9.77 -17.32
CA PHE B 119 7.17 10.04 -17.95
C PHE B 119 8.28 9.66 -17.00
N ALA B 120 8.16 10.08 -15.73
CA ALA B 120 9.17 9.78 -14.73
C ALA B 120 9.30 8.29 -14.51
N ALA B 121 8.18 7.57 -14.61
CA ALA B 121 8.19 6.12 -14.43
C ALA B 121 8.96 5.45 -15.56
N ALA B 122 8.77 5.95 -16.78
CA ALA B 122 9.46 5.40 -17.95
C ALA B 122 10.95 5.69 -17.83
N ALA B 123 11.27 6.91 -17.41
CA ALA B 123 12.67 7.31 -17.27
C ALA B 123 13.38 6.56 -16.15
N ALA B 124 12.69 6.36 -15.03
CA ALA B 124 13.29 5.65 -13.90
C ALA B 124 13.32 4.15 -14.16
N GLY B 125 12.43 3.69 -15.05
CA GLY B 125 12.35 2.27 -15.36
C GLY B 125 13.29 1.76 -16.42
N ARG B 126 13.94 2.66 -17.15
CA ARG B 126 14.89 2.28 -18.18
C ARG B 126 16.13 1.70 -17.49
N PHE B 127 16.29 0.38 -17.59
CA PHE B 127 17.43 -0.31 -16.96
C PHE B 127 18.66 -0.22 -17.85
N GLY B 128 19.74 0.34 -17.32
CA GLY B 128 20.94 0.49 -18.11
C GLY B 128 20.93 1.88 -18.71
N SER B 129 21.62 2.06 -19.83
CA SER B 129 21.69 3.36 -20.50
C SER B 129 20.52 3.53 -21.45
N GLY B 130 20.07 4.77 -21.63
CA GLY B 130 18.96 4.99 -22.54
C GLY B 130 18.31 6.36 -22.43
N TRP B 131 17.14 6.48 -23.04
CA TRP B 131 16.37 7.72 -23.06
C TRP B 131 14.89 7.49 -22.81
N ALA B 132 14.23 8.49 -22.23
CA ALA B 132 12.78 8.45 -22.00
C ALA B 132 12.22 9.46 -23.01
N TRP B 133 11.10 9.14 -23.66
CA TRP B 133 10.55 10.03 -24.68
C TRP B 133 9.04 10.25 -24.65
N LEU B 134 8.65 11.34 -25.32
CA LEU B 134 7.25 11.66 -25.53
C LEU B 134 7.32 11.79 -27.04
N VAL B 135 6.56 10.97 -27.75
CA VAL B 135 6.58 10.98 -29.21
C VAL B 135 5.18 11.05 -29.81
N VAL B 136 5.15 11.32 -31.11
CA VAL B 136 3.91 11.41 -31.87
C VAL B 136 3.93 10.24 -32.84
N ASN B 137 3.12 9.22 -32.58
CA ASN B 137 3.05 8.04 -33.44
C ASN B 137 1.69 8.03 -34.15
N ASN B 138 1.73 8.16 -35.47
CA ASN B 138 0.51 8.19 -36.28
C ASN B 138 -0.38 9.35 -35.85
N GLY B 139 0.24 10.37 -35.26
CA GLY B 139 -0.52 11.53 -34.81
C GLY B 139 -1.03 11.39 -33.40
N LYS B 140 -0.56 10.38 -32.67
CA LYS B 140 -0.99 10.17 -31.30
C LYS B 140 0.18 10.29 -30.31
N LEU B 141 -0.08 10.91 -29.17
CA LEU B 141 0.95 11.09 -28.14
C LEU B 141 1.16 9.80 -27.36
N GLU B 142 2.42 9.43 -27.17
CA GLU B 142 2.77 8.21 -26.43
C GLU B 142 4.11 8.39 -25.72
N ILE B 143 4.26 7.72 -24.59
CA ILE B 143 5.50 7.78 -23.82
C ILE B 143 6.23 6.46 -24.04
N THR B 144 7.52 6.54 -24.37
CA THR B 144 8.32 5.33 -24.59
C THR B 144 9.73 5.55 -24.06
N SER B 145 10.57 4.53 -24.15
CA SER B 145 11.95 4.65 -23.71
C SER B 145 12.74 3.74 -24.62
N THR B 146 13.97 4.13 -24.93
CA THR B 146 14.83 3.36 -25.81
C THR B 146 16.16 3.07 -25.12
N PRO B 147 16.85 2.00 -25.54
CA PRO B 147 18.14 1.67 -24.93
C PRO B 147 19.29 2.38 -25.63
N ASN B 148 20.37 2.64 -24.89
CA ASN B 148 21.56 3.27 -25.44
C ASN B 148 21.27 4.54 -26.26
N GLN B 149 21.64 4.57 -27.54
CA GLN B 149 21.35 5.76 -28.34
C GLN B 149 20.29 5.48 -29.39
N ASP B 150 19.49 4.43 -29.17
CA ASP B 150 18.44 4.11 -30.12
C ASP B 150 17.43 5.25 -30.12
N SER B 151 16.89 5.53 -31.31
CA SER B 151 15.93 6.63 -31.47
C SER B 151 14.58 6.18 -32.00
N PRO B 152 13.50 6.82 -31.54
CA PRO B 152 12.14 6.49 -31.99
C PRO B 152 12.00 6.75 -33.48
N LEU B 153 12.89 7.59 -34.01
CA LEU B 153 12.86 7.92 -35.43
C LEU B 153 13.04 6.68 -36.29
N SER B 154 13.81 5.72 -35.78
CA SER B 154 14.06 4.48 -36.50
C SER B 154 12.83 3.58 -36.53
N GLU B 155 11.81 3.95 -35.76
CA GLU B 155 10.56 3.20 -35.66
C GLU B 155 9.38 3.97 -36.24
N GLY B 156 9.68 5.03 -36.98
CA GLY B 156 8.63 5.83 -37.58
C GLY B 156 7.92 6.77 -36.61
N LYS B 157 8.51 6.97 -35.44
CA LYS B 157 7.92 7.85 -34.43
C LYS B 157 8.70 9.16 -34.40
N THR B 158 8.03 10.24 -34.02
CA THR B 158 8.67 11.55 -33.96
C THR B 158 8.77 12.07 -32.53
N PRO B 159 9.99 12.15 -31.98
CA PRO B 159 10.18 12.65 -30.62
C PRO B 159 9.96 14.15 -30.48
N ILE B 160 9.23 14.57 -29.46
CA ILE B 160 9.00 15.99 -29.22
C ILE B 160 9.58 16.38 -27.85
N LEU B 161 9.88 15.38 -27.03
CA LEU B 161 10.48 15.62 -25.72
C LEU B 161 11.28 14.38 -25.36
N GLY B 162 12.50 14.60 -24.86
CA GLY B 162 13.34 13.49 -24.48
C GLY B 162 14.21 13.79 -23.28
N LEU B 163 14.48 12.77 -22.48
CA LEU B 163 15.33 12.91 -21.30
C LEU B 163 16.41 11.84 -21.35
N ASP B 164 17.66 12.30 -21.32
CA ASP B 164 18.83 11.45 -21.35
C ASP B 164 19.00 10.79 -19.96
N VAL B 165 18.91 9.47 -19.89
CA VAL B 165 19.08 8.81 -18.61
C VAL B 165 20.37 7.99 -18.47
N TRP B 166 21.31 8.25 -19.38
CA TRP B 166 22.64 7.63 -19.31
C TRP B 166 23.20 8.22 -18.02
N GLU B 167 23.93 7.44 -17.25
CA GLU B 167 24.46 7.93 -15.98
C GLU B 167 25.33 9.17 -16.12
N HIS B 168 26.02 9.31 -17.25
CA HIS B 168 26.87 10.50 -17.43
C HIS B 168 26.05 11.80 -17.42
N ALA B 169 24.75 11.70 -17.67
CA ALA B 169 23.90 12.89 -17.70
C ALA B 169 23.58 13.43 -16.30
N TYR B 170 23.74 12.58 -15.28
CA TYR B 170 23.38 13.00 -13.92
C TYR B 170 24.27 12.54 -12.77
N TYR B 171 25.29 11.74 -13.04
CA TYR B 171 26.09 11.23 -11.94
C TYR B 171 26.91 12.22 -11.13
N LEU B 172 27.46 13.25 -11.75
CA LEU B 172 28.30 14.18 -10.99
C LEU B 172 27.52 14.95 -9.93
N ASN B 173 26.27 15.27 -10.22
CA ASN B 173 25.46 16.04 -9.28
C ASN B 173 24.42 15.23 -8.49
N TYR B 174 24.00 14.10 -9.03
CA TYR B 174 22.97 13.28 -8.39
C TYR B 174 23.39 11.86 -8.01
N GLN B 175 24.54 11.43 -8.52
CA GLN B 175 25.02 10.08 -8.30
C GLN B 175 23.91 9.07 -8.58
N ASN B 176 23.65 8.14 -7.66
CA ASN B 176 22.61 7.12 -7.89
C ASN B 176 21.17 7.62 -7.91
N ARG B 177 20.96 8.86 -7.46
CA ARG B 177 19.61 9.42 -7.37
C ARG B 177 18.93 9.86 -8.66
N ARG B 178 18.76 8.92 -9.58
CA ARG B 178 18.12 9.26 -10.86
C ARG B 178 16.75 9.94 -10.68
N PRO B 179 15.91 9.46 -9.73
CA PRO B 179 14.60 10.12 -9.57
C PRO B 179 14.69 11.62 -9.22
N ASP B 180 15.72 12.02 -8.47
CA ASP B 180 15.87 13.43 -8.12
C ASP B 180 16.31 14.24 -9.36
N TYR B 181 17.03 13.59 -10.27
CA TYR B 181 17.45 14.22 -11.52
C TYR B 181 16.23 14.43 -12.40
N ILE B 182 15.40 13.40 -12.50
CA ILE B 182 14.19 13.47 -13.31
C ILE B 182 13.30 14.60 -12.80
N SER B 183 13.20 14.73 -11.47
CA SER B 183 12.38 15.76 -10.86
C SER B 183 12.92 17.16 -11.20
N ALA B 184 14.23 17.32 -11.15
CA ALA B 184 14.86 18.61 -11.44
C ALA B 184 14.71 18.99 -12.92
N PHE B 185 14.62 17.98 -13.77
CA PHE B 185 14.47 18.16 -15.22
C PHE B 185 13.25 19.01 -15.60
N TRP B 186 12.16 18.86 -14.84
CA TRP B 186 10.95 19.61 -15.13
C TRP B 186 11.14 21.11 -15.02
N ASN B 187 12.14 21.54 -14.25
CA ASN B 187 12.40 22.96 -14.08
C ASN B 187 13.09 23.63 -15.27
N VAL B 188 13.64 22.83 -16.17
CA VAL B 188 14.34 23.40 -17.32
C VAL B 188 13.75 23.07 -18.70
N VAL B 189 12.67 22.30 -18.73
CA VAL B 189 12.06 21.95 -20.01
C VAL B 189 11.52 23.18 -20.72
N ASN B 190 11.83 23.30 -22.01
CA ASN B 190 11.36 24.42 -22.82
C ASN B 190 10.05 23.97 -23.47
N TRP B 191 8.93 24.26 -22.82
CA TRP B 191 7.64 23.84 -23.36
C TRP B 191 7.22 24.50 -24.68
N ASP B 192 7.76 25.68 -24.97
CA ASP B 192 7.41 26.32 -26.24
C ASP B 192 8.02 25.50 -27.38
N GLU B 193 9.23 24.99 -27.17
CA GLU B 193 9.89 24.19 -28.21
C GLU B 193 9.16 22.86 -28.36
N VAL B 194 8.76 22.24 -27.25
CA VAL B 194 8.04 20.98 -27.34
C VAL B 194 6.76 21.23 -28.14
N ALA B 195 6.08 22.33 -27.82
CA ALA B 195 4.84 22.68 -28.51
C ALA B 195 5.08 22.89 -30.00
N ARG B 196 6.19 23.52 -30.35
CA ARG B 196 6.51 23.77 -31.76
C ARG B 196 6.73 22.46 -32.49
N LEU B 197 7.46 21.55 -31.86
CA LEU B 197 7.73 20.26 -32.48
C LEU B 197 6.43 19.47 -32.63
N TYR B 198 5.54 19.60 -31.65
CA TYR B 198 4.26 18.90 -31.71
C TYR B 198 3.42 19.42 -32.87
N SER B 199 3.37 20.74 -33.04
CA SER B 199 2.55 21.32 -34.13
C SER B 199 3.00 20.85 -35.51
N GLU B 200 4.30 20.68 -35.70
CA GLU B 200 4.81 20.24 -37.00
C GLU B 200 4.69 18.74 -37.20
N ARG B 201 4.61 17.98 -36.11
CA ARG B 201 4.50 16.52 -36.22
C ARG B 201 3.04 16.09 -36.20
N ALA C 2 -6.76 20.05 -2.01
CA ALA C 2 -7.27 21.15 -2.88
C ALA C 2 -6.29 22.32 -2.92
N TYR C 3 -5.45 22.43 -1.90
CA TYR C 3 -4.48 23.53 -1.87
C TYR C 3 -3.38 23.32 -2.91
N GLU C 4 -2.87 24.41 -3.46
CA GLU C 4 -1.82 24.31 -4.47
C GLU C 4 -0.62 25.19 -4.16
N LEU C 5 0.51 24.84 -4.76
CA LEU C 5 1.75 25.59 -4.58
C LEU C 5 1.66 26.83 -5.47
N PRO C 6 1.75 28.02 -4.86
CA PRO C 6 1.68 29.26 -5.65
C PRO C 6 2.96 29.46 -6.45
N GLU C 7 2.87 30.25 -7.51
CA GLU C 7 4.05 30.53 -8.31
C GLU C 7 4.68 31.79 -7.75
N LEU C 8 6.00 31.91 -7.91
CA LEU C 8 6.72 33.08 -7.42
C LEU C 8 6.42 34.28 -8.31
N PRO C 9 6.25 35.47 -7.69
CA PRO C 9 5.97 36.71 -8.41
C PRO C 9 7.21 37.24 -9.12
N TYR C 10 8.26 36.43 -9.14
CA TYR C 10 9.51 36.81 -9.78
C TYR C 10 10.37 35.58 -10.06
N ALA C 11 11.47 35.78 -10.77
CA ALA C 11 12.39 34.70 -11.12
C ALA C 11 13.11 34.19 -9.89
N TYR C 12 13.59 32.95 -9.95
CA TYR C 12 14.28 32.36 -8.82
C TYR C 12 15.57 33.09 -8.44
N ASP C 13 16.19 33.77 -9.39
CA ASP C 13 17.43 34.49 -9.11
C ASP C 13 17.22 36.00 -9.00
N ALA C 14 15.96 36.43 -8.89
CA ALA C 14 15.64 37.84 -8.82
C ALA C 14 16.03 38.55 -7.52
N LEU C 15 16.26 37.76 -6.47
CA LEU C 15 16.61 38.33 -5.18
C LEU C 15 18.10 38.27 -4.85
N GLU C 16 18.92 37.94 -5.85
CA GLU C 16 20.36 37.87 -5.63
C GLU C 16 20.93 39.28 -5.55
N PRO C 17 22.03 39.47 -4.79
CA PRO C 17 22.75 38.44 -4.05
C PRO C 17 22.20 38.21 -2.63
N HIS C 18 21.12 38.90 -2.29
CA HIS C 18 20.53 38.79 -0.97
C HIS C 18 20.11 37.35 -0.66
N ILE C 19 19.41 36.73 -1.61
CA ILE C 19 18.98 35.34 -1.46
C ILE C 19 19.38 34.63 -2.75
N ASP C 20 20.18 33.58 -2.61
CA ASP C 20 20.67 32.84 -3.77
C ASP C 20 19.60 32.07 -4.52
N LYS C 21 19.84 31.89 -5.82
CA LYS C 21 18.92 31.18 -6.70
C LYS C 21 18.69 29.74 -6.24
N GLU C 22 19.76 29.05 -5.87
CA GLU C 22 19.65 27.67 -5.43
C GLU C 22 18.69 27.57 -4.23
N THR C 23 18.87 28.44 -3.24
CA THR C 23 17.99 28.41 -2.07
C THR C 23 16.54 28.66 -2.46
N MET C 24 16.31 29.68 -3.29
CA MET C 24 14.95 29.98 -3.71
C MET C 24 14.33 28.76 -4.37
N THR C 25 15.11 28.10 -5.22
CA THR C 25 14.63 26.91 -5.93
C THR C 25 14.24 25.77 -4.98
N ILE C 26 15.12 25.44 -4.04
CA ILE C 26 14.85 24.36 -3.09
C ILE C 26 13.75 24.74 -2.10
N HIS C 27 13.83 25.97 -1.59
CA HIS C 27 12.86 26.46 -0.62
C HIS C 27 11.44 26.35 -1.17
N HIS C 28 11.26 26.78 -2.41
CA HIS C 28 9.96 26.76 -3.05
C HIS C 28 9.52 25.39 -3.59
N THR C 29 10.34 24.79 -4.46
CA THR C 29 9.98 23.52 -5.08
C THR C 29 10.09 22.26 -4.21
N LYS C 30 10.83 22.35 -3.11
CA LYS C 30 10.98 21.21 -2.22
C LYS C 30 10.30 21.45 -0.87
N HIS C 31 10.79 22.43 -0.11
CA HIS C 31 10.20 22.70 1.21
C HIS C 31 8.73 23.11 1.17
N HIS C 32 8.39 24.18 0.47
CA HIS C 32 7.01 24.62 0.40
C HIS C 32 6.13 23.56 -0.26
N ASN C 33 6.59 22.98 -1.36
CA ASN C 33 5.81 21.95 -2.05
C ASN C 33 5.45 20.79 -1.13
N THR C 34 6.40 20.39 -0.29
CA THR C 34 6.19 19.31 0.66
C THR C 34 5.06 19.66 1.64
N TYR C 35 5.05 20.90 2.12
CA TYR C 35 3.99 21.31 3.05
C TYR C 35 2.63 21.21 2.38
N VAL C 36 2.55 21.61 1.12
CA VAL C 36 1.29 21.56 0.40
C VAL C 36 0.83 20.12 0.20
N THR C 37 1.76 19.24 -0.17
CA THR C 37 1.45 17.83 -0.37
C THR C 37 0.93 17.18 0.92
N ASN C 38 1.60 17.46 2.03
CA ASN C 38 1.19 16.86 3.30
C ASN C 38 -0.12 17.46 3.83
N LEU C 39 -0.32 18.75 3.60
CA LEU C 39 -1.54 19.40 4.05
C LEU C 39 -2.73 18.77 3.33
N ASN C 40 -2.60 18.58 2.02
CA ASN C 40 -3.69 17.99 1.25
C ASN C 40 -4.00 16.57 1.72
N LYS C 41 -2.97 15.82 2.06
CA LYS C 41 -3.19 14.46 2.54
C LYS C 41 -3.89 14.46 3.89
N ALA C 42 -3.58 15.44 4.74
CA ALA C 42 -4.18 15.53 6.06
C ALA C 42 -5.65 15.91 6.04
N VAL C 43 -6.02 16.83 5.16
CA VAL C 43 -7.41 17.29 5.08
C VAL C 43 -8.25 16.47 4.11
N GLU C 44 -7.65 15.43 3.54
CA GLU C 44 -8.36 14.57 2.59
C GLU C 44 -9.59 13.93 3.24
N GLY C 45 -10.74 14.10 2.60
CA GLY C 45 -11.97 13.51 3.13
C GLY C 45 -12.73 14.43 4.06
N ASN C 46 -12.15 15.59 4.35
CA ASN C 46 -12.79 16.56 5.23
C ASN C 46 -13.20 17.76 4.38
N THR C 47 -14.46 17.80 3.99
CA THR C 47 -14.99 18.88 3.16
C THR C 47 -15.01 20.22 3.89
N ALA C 48 -15.35 20.19 5.17
CA ALA C 48 -15.42 21.39 5.99
C ALA C 48 -14.10 22.17 5.99
N LEU C 49 -13.00 21.47 6.21
CA LEU C 49 -11.70 22.10 6.24
C LEU C 49 -11.14 22.38 4.85
N ALA C 50 -11.49 21.53 3.90
CA ALA C 50 -11.03 21.68 2.53
C ALA C 50 -11.47 22.99 1.88
N ASN C 51 -12.71 23.39 2.13
CA ASN C 51 -13.24 24.62 1.56
C ASN C 51 -12.72 25.89 2.22
N LYS C 52 -12.00 25.75 3.31
CA LYS C 52 -11.45 26.91 4.02
C LYS C 52 -10.10 27.30 3.40
N SER C 53 -9.81 28.60 3.40
CA SER C 53 -8.52 29.06 2.87
C SER C 53 -7.51 28.56 3.89
N VAL C 54 -6.25 28.42 3.51
CA VAL C 54 -5.26 27.93 4.47
C VAL C 54 -5.19 28.85 5.69
N GLU C 55 -5.41 30.14 5.50
CA GLU C 55 -5.37 31.10 6.61
C GLU C 55 -6.52 30.87 7.60
N GLU C 56 -7.71 30.58 7.10
CA GLU C 56 -8.85 30.33 7.97
C GLU C 56 -8.66 29.01 8.69
N LEU C 57 -8.03 28.07 7.99
CA LEU C 57 -7.76 26.75 8.54
C LEU C 57 -6.84 26.85 9.75
N VAL C 58 -5.71 27.53 9.59
CA VAL C 58 -4.75 27.68 10.68
C VAL C 58 -5.25 28.62 11.77
N ALA C 59 -6.21 29.47 11.42
CA ALA C 59 -6.77 30.42 12.36
C ALA C 59 -7.51 29.74 13.50
N ASP C 60 -8.12 28.59 13.22
CA ASP C 60 -8.85 27.85 14.25
C ASP C 60 -8.49 26.37 14.23
N LEU C 61 -7.36 26.03 14.83
CA LEU C 61 -6.88 24.66 14.89
C LEU C 61 -7.72 23.79 15.82
N ASP C 62 -8.66 24.41 16.52
CA ASP C 62 -9.53 23.69 17.45
C ASP C 62 -10.60 22.89 16.71
N SER C 63 -11.08 23.43 15.59
CA SER C 63 -12.11 22.75 14.81
C SER C 63 -11.55 21.57 14.03
N VAL C 64 -10.23 21.46 14.00
CA VAL C 64 -9.58 20.38 13.27
C VAL C 64 -9.54 19.10 14.11
N PRO C 65 -9.98 17.97 13.54
CA PRO C 65 -9.99 16.69 14.26
C PRO C 65 -8.62 16.42 14.90
N GLU C 66 -8.64 16.03 16.17
CA GLU C 66 -7.42 15.76 16.92
C GLU C 66 -6.47 14.75 16.25
N ASN C 67 -7.01 13.93 15.35
CA ASN C 67 -6.20 12.93 14.67
C ASN C 67 -5.32 13.49 13.55
N ILE C 68 -5.63 14.71 13.10
CA ILE C 68 -4.84 15.33 12.04
C ILE C 68 -4.45 16.76 12.41
N ARG C 69 -4.73 17.15 13.64
CA ARG C 69 -4.43 18.51 14.10
C ARG C 69 -2.96 18.88 13.98
N THR C 70 -2.09 17.96 14.41
CA THR C 70 -0.66 18.21 14.33
C THR C 70 -0.20 18.41 12.89
N ALA C 71 -0.71 17.56 12.00
CA ALA C 71 -0.34 17.64 10.59
C ALA C 71 -0.82 18.93 9.94
N VAL C 72 -2.00 19.40 10.36
CA VAL C 72 -2.54 20.62 9.80
C VAL C 72 -1.78 21.82 10.38
N ARG C 73 -1.48 21.75 11.67
CA ARG C 73 -0.73 22.81 12.32
C ARG C 73 0.63 22.99 11.65
N ASN C 74 1.37 21.90 11.48
CA ASN C 74 2.70 21.97 10.86
C ASN C 74 2.68 22.29 9.38
N ASN C 75 1.87 21.57 8.62
CA ASN C 75 1.80 21.76 7.17
C ASN C 75 0.90 22.90 6.75
N GLY C 76 -0.15 23.12 7.53
CA GLY C 76 -1.06 24.22 7.25
C GLY C 76 -0.25 25.47 7.50
N GLY C 77 0.45 25.48 8.64
CA GLY C 77 1.27 26.63 8.98
C GLY C 77 2.34 26.85 7.93
N GLY C 78 2.99 25.76 7.51
CA GLY C 78 4.04 25.88 6.51
C GLY C 78 3.52 26.51 5.23
N HIS C 79 2.37 26.05 4.77
CA HIS C 79 1.81 26.59 3.55
C HIS C 79 1.41 28.06 3.71
N ALA C 80 0.69 28.38 4.78
CA ALA C 80 0.25 29.75 5.03
C ALA C 80 1.42 30.71 5.19
N ASN C 81 2.42 30.30 5.97
CA ASN C 81 3.58 31.15 6.20
C ASN C 81 4.40 31.39 4.93
N HIS C 82 4.70 30.35 4.17
CA HIS C 82 5.48 30.54 2.95
C HIS C 82 4.73 31.30 1.85
N LYS C 83 3.44 31.01 1.71
CA LYS C 83 2.61 31.69 0.71
C LYS C 83 2.70 33.21 0.95
N LEU C 84 2.65 33.61 2.22
CA LEU C 84 2.76 35.02 2.58
C LEU C 84 4.17 35.51 2.30
N PHE C 85 5.16 34.73 2.75
CA PHE C 85 6.57 35.08 2.57
C PHE C 85 6.95 35.45 1.15
N TRP C 86 6.56 34.65 0.15
CA TRP C 86 6.93 34.96 -1.24
C TRP C 86 6.42 36.32 -1.70
N THR C 87 5.24 36.72 -1.22
CA THR C 87 4.66 38.01 -1.63
C THR C 87 5.29 39.22 -0.95
N LEU C 88 6.01 39.00 0.14
CA LEU C 88 6.65 40.08 0.87
C LEU C 88 8.04 40.42 0.33
N LEU C 89 8.50 39.67 -0.67
CA LEU C 89 9.82 39.90 -1.24
C LEU C 89 9.71 40.45 -2.66
N SER C 90 10.74 41.19 -3.09
CA SER C 90 10.72 41.76 -4.42
C SER C 90 12.08 42.22 -4.90
N PRO C 91 12.36 42.05 -6.20
CA PRO C 91 13.65 42.49 -6.76
C PRO C 91 13.71 44.00 -6.78
N ASN C 92 12.55 44.63 -6.61
CA ASN C 92 12.46 46.08 -6.59
C ASN C 92 12.03 46.53 -5.20
N GLY C 93 12.31 45.71 -4.20
CA GLY C 93 11.95 46.04 -2.84
C GLY C 93 12.99 46.89 -2.14
N GLY C 94 13.00 46.84 -0.82
CA GLY C 94 13.95 47.63 -0.05
C GLY C 94 13.38 49.00 0.25
N GLY C 95 14.24 49.91 0.70
CA GLY C 95 13.77 51.25 1.02
C GLY C 95 13.09 51.31 2.37
N GLU C 96 12.13 52.23 2.50
CA GLU C 96 11.42 52.40 3.76
C GLU C 96 9.91 52.43 3.56
N PRO C 97 9.14 52.12 4.62
CA PRO C 97 7.68 52.11 4.55
C PRO C 97 7.18 53.54 4.31
N THR C 98 5.94 53.66 3.84
CA THR C 98 5.35 54.97 3.60
C THR C 98 3.87 54.96 3.96
N GLY C 99 3.22 56.12 3.85
CA GLY C 99 1.81 56.23 4.17
C GLY C 99 1.43 55.97 5.61
N ALA C 100 0.22 55.44 5.80
CA ALA C 100 -0.29 55.14 7.13
C ALA C 100 0.59 54.13 7.86
N LEU C 101 1.14 53.18 7.11
CA LEU C 101 2.00 52.16 7.69
C LEU C 101 3.21 52.82 8.36
N ALA C 102 3.90 53.68 7.62
CA ALA C 102 5.07 54.38 8.14
C ALA C 102 4.72 55.19 9.37
N GLU C 103 3.58 55.88 9.33
CA GLU C 103 3.14 56.70 10.45
C GLU C 103 2.90 55.86 11.69
N GLU C 104 2.31 54.68 11.51
CA GLU C 104 2.03 53.79 12.63
C GLU C 104 3.33 53.22 13.20
N ILE C 105 4.24 52.82 12.33
CA ILE C 105 5.51 52.27 12.78
C ILE C 105 6.32 53.29 13.57
N ASN C 106 6.37 54.53 13.10
CA ASN C 106 7.13 55.56 13.81
C ASN C 106 6.52 55.90 15.16
N SER C 107 5.20 55.82 15.26
CA SER C 107 4.50 56.14 16.51
C SER C 107 4.57 55.00 17.52
N VAL C 108 4.82 53.79 17.05
CA VAL C 108 4.88 52.63 17.93
C VAL C 108 6.32 52.27 18.33
N PHE C 109 7.24 52.35 17.37
CA PHE C 109 8.63 52.00 17.64
C PHE C 109 9.57 53.21 17.66
N GLY C 110 9.03 54.39 17.44
CA GLY C 110 9.85 55.60 17.45
C GLY C 110 10.38 56.00 16.09
N SER C 111 10.79 55.01 15.31
CA SER C 111 11.31 55.26 13.97
C SER C 111 11.48 53.95 13.22
N PHE C 112 11.71 54.03 11.92
CA PHE C 112 11.89 52.83 11.11
C PHE C 112 13.17 52.11 11.51
N ASP C 113 14.20 52.87 11.83
CA ASP C 113 15.47 52.27 12.23
C ASP C 113 15.34 51.52 13.56
N LYS C 114 14.55 52.08 14.48
CA LYS C 114 14.34 51.43 15.78
C LYS C 114 13.50 50.17 15.58
N PHE C 115 12.59 50.22 14.61
CA PHE C 115 11.76 49.07 14.33
C PHE C 115 12.63 47.92 13.83
N LYS C 116 13.53 48.22 12.89
CA LYS C 116 14.40 47.19 12.34
C LYS C 116 15.28 46.52 13.39
N GLU C 117 15.82 47.30 14.33
CA GLU C 117 16.67 46.70 15.35
C GLU C 117 15.84 45.78 16.25
N GLN C 118 14.60 46.15 16.51
CA GLN C 118 13.72 45.34 17.34
C GLN C 118 13.28 44.07 16.61
N PHE C 119 13.01 44.20 15.32
CA PHE C 119 12.60 43.04 14.53
C PHE C 119 13.78 42.09 14.38
N ALA C 120 14.95 42.66 14.10
CA ALA C 120 16.17 41.87 13.93
C ALA C 120 16.50 41.10 15.21
N ALA C 121 16.25 41.72 16.35
CA ALA C 121 16.52 41.08 17.64
C ALA C 121 15.59 39.90 17.84
N ALA C 122 14.36 40.02 17.37
CA ALA C 122 13.38 38.94 17.52
C ALA C 122 13.77 37.76 16.62
N ALA C 123 14.16 38.08 15.39
CA ALA C 123 14.55 37.06 14.43
C ALA C 123 15.81 36.32 14.88
N ALA C 124 16.76 37.07 15.43
CA ALA C 124 18.01 36.46 15.90
C ALA C 124 17.80 35.70 17.21
N GLY C 125 16.86 36.16 18.02
CA GLY C 125 16.58 35.53 19.29
C GLY C 125 15.81 34.22 19.25
N ARG C 126 15.18 33.94 18.12
CA ARG C 126 14.40 32.70 17.98
C ARG C 126 15.33 31.48 18.00
N PHE C 127 15.27 30.71 19.09
CA PHE C 127 16.11 29.52 19.22
C PHE C 127 15.50 28.36 18.47
N GLY C 128 16.27 27.74 17.58
CA GLY C 128 15.75 26.64 16.81
C GLY C 128 15.05 27.18 15.58
N SER C 129 14.06 26.44 15.09
CA SER C 129 13.32 26.83 13.90
C SER C 129 12.14 27.74 14.22
N GLY C 130 11.88 28.70 13.35
CA GLY C 130 10.77 29.59 13.58
C GLY C 130 10.71 30.77 12.62
N TRP C 131 9.89 31.75 13.00
CA TRP C 131 9.66 32.95 12.21
C TRP C 131 9.62 34.21 13.07
N ALA C 132 10.02 35.33 12.49
CA ALA C 132 9.97 36.63 13.17
C ALA C 132 8.79 37.34 12.50
N TRP C 133 7.93 37.97 13.29
CA TRP C 133 6.74 38.62 12.75
C TRP C 133 6.48 40.05 13.15
N LEU C 134 5.69 40.70 12.31
CA LEU C 134 5.19 42.06 12.52
C LEU C 134 3.72 41.79 12.32
N VAL C 135 2.92 41.95 13.37
CA VAL C 135 1.49 41.68 13.28
C VAL C 135 0.63 42.81 13.81
N VAL C 136 -0.67 42.72 13.53
CA VAL C 136 -1.65 43.68 14.01
C VAL C 136 -2.48 42.94 15.05
N ASN C 137 -2.29 43.26 16.32
CA ASN C 137 -3.03 42.62 17.40
C ASN C 137 -4.04 43.59 17.98
N ASN C 138 -5.32 43.30 17.80
CA ASN C 138 -6.39 44.15 18.32
C ASN C 138 -6.28 45.57 17.76
N GLY C 139 -5.76 45.69 16.54
CA GLY C 139 -5.62 46.99 15.91
C GLY C 139 -4.33 47.72 16.23
N LYS C 140 -3.35 47.00 16.79
CA LYS C 140 -2.07 47.60 17.13
C LYS C 140 -0.90 46.77 16.61
N LEU C 141 0.16 47.45 16.18
CA LEU C 141 1.34 46.76 15.67
C LEU C 141 2.23 46.27 16.80
N GLU C 142 2.80 45.09 16.62
CA GLU C 142 3.68 44.51 17.62
C GLU C 142 4.57 43.46 16.95
N ILE C 143 5.78 43.29 17.50
CA ILE C 143 6.72 42.31 16.96
C ILE C 143 6.65 41.05 17.80
N THR C 144 6.64 39.89 17.14
CA THR C 144 6.60 38.62 17.86
C THR C 144 7.40 37.58 17.11
N SER C 145 7.58 36.43 17.74
CA SER C 145 8.31 35.32 17.13
C SER C 145 7.55 34.04 17.46
N THR C 146 7.55 33.09 16.52
CA THR C 146 6.85 31.82 16.71
C THR C 146 7.78 30.65 16.36
N PRO C 147 7.57 29.47 16.99
CA PRO C 147 8.39 28.29 16.73
C PRO C 147 7.90 27.49 15.52
N ASN C 148 8.83 26.80 14.87
CA ASN C 148 8.53 25.94 13.73
C ASN C 148 7.61 26.60 12.70
N GLN C 149 6.43 26.04 12.45
CA GLN C 149 5.54 26.67 11.46
C GLN C 149 4.28 27.25 12.12
N ASP C 150 4.36 27.50 13.42
CA ASP C 150 3.22 28.08 14.11
C ASP C 150 2.96 29.48 13.54
N SER C 151 1.69 29.84 13.44
CA SER C 151 1.29 31.13 12.88
C SER C 151 0.57 32.00 13.90
N PRO C 152 0.81 33.32 13.86
CA PRO C 152 0.13 34.23 14.79
C PRO C 152 -1.37 34.21 14.55
N LEU C 153 -1.78 33.77 13.36
CA LEU C 153 -3.19 33.69 13.01
C LEU C 153 -3.94 32.78 13.97
N SER C 154 -3.23 31.80 14.51
CA SER C 154 -3.84 30.85 15.44
C SER C 154 -4.11 31.51 16.80
N GLU C 155 -3.45 32.64 17.06
CA GLU C 155 -3.60 33.36 18.32
C GLU C 155 -4.45 34.62 18.14
N GLY C 156 -5.09 34.74 16.99
CA GLY C 156 -5.93 35.91 16.74
C GLY C 156 -5.16 37.15 16.30
N LYS C 157 -3.96 36.95 15.78
CA LYS C 157 -3.13 38.05 15.32
C LYS C 157 -2.95 37.93 13.81
N THR C 158 -2.86 39.06 13.13
CA THR C 158 -2.71 39.06 11.68
C THR C 158 -1.31 39.53 11.26
N PRO C 159 -0.52 38.63 10.67
CA PRO C 159 0.83 39.02 10.25
C PRO C 159 0.83 39.85 8.96
N ILE C 160 1.61 40.92 8.95
CA ILE C 160 1.72 41.77 7.77
C ILE C 160 3.15 41.72 7.23
N LEU C 161 4.07 41.17 8.02
CA LEU C 161 5.47 41.02 7.63
C LEU C 161 6.05 39.85 8.38
N GLY C 162 6.80 39.01 7.69
CA GLY C 162 7.40 37.86 8.35
C GLY C 162 8.72 37.50 7.75
N LEU C 163 9.60 36.96 8.57
CA LEU C 163 10.92 36.53 8.11
C LEU C 163 11.16 35.10 8.56
N ASP C 164 11.42 34.24 7.58
CA ASP C 164 11.67 32.81 7.83
C ASP C 164 13.04 32.64 8.47
N VAL C 165 13.04 32.09 9.67
CA VAL C 165 14.24 31.88 10.48
C VAL C 165 14.76 30.42 10.49
N TRP C 166 14.09 29.53 9.76
CA TRP C 166 14.56 28.14 9.67
C TRP C 166 15.91 28.19 8.99
N GLU C 167 16.83 27.29 9.36
CA GLU C 167 18.15 27.31 8.76
C GLU C 167 18.13 27.05 7.26
N HIS C 168 17.14 26.31 6.77
CA HIS C 168 17.11 26.04 5.33
C HIS C 168 16.89 27.34 4.53
N ALA C 169 16.39 28.38 5.17
CA ALA C 169 16.15 29.64 4.47
C ALA C 169 17.40 30.48 4.25
N TYR C 170 18.49 30.15 4.94
CA TYR C 170 19.70 30.96 4.81
C TYR C 170 21.04 30.24 4.91
N TYR C 171 21.04 28.95 5.21
CA TYR C 171 22.30 28.25 5.40
C TYR C 171 23.22 28.16 4.20
N LEU C 172 22.67 27.95 3.01
CA LEU C 172 23.52 27.83 1.82
C LEU C 172 24.34 29.08 1.52
N ASN C 173 23.81 30.25 1.82
CA ASN C 173 24.54 31.49 1.52
C ASN C 173 25.16 32.18 2.74
N TYR C 174 24.61 31.93 3.92
CA TYR C 174 25.11 32.58 5.13
C TYR C 174 25.57 31.64 6.24
N GLN C 175 25.35 30.34 6.04
CA GLN C 175 25.69 29.34 7.04
C GLN C 175 25.18 29.78 8.41
N ASN C 176 26.04 29.77 9.42
CA ASN C 176 25.64 30.15 10.78
C ASN C 176 25.37 31.64 10.99
N ARG C 177 25.76 32.47 10.01
CA ARG C 177 25.60 33.92 10.12
C ARG C 177 24.17 34.44 9.90
N ARG C 178 23.25 34.04 10.77
CA ARG C 178 21.87 34.49 10.65
C ARG C 178 21.73 36.02 10.65
N PRO C 179 22.51 36.72 11.48
CA PRO C 179 22.41 38.19 11.50
C PRO C 179 22.66 38.85 10.14
N ASP C 180 23.55 38.26 9.34
CA ASP C 180 23.85 38.80 8.01
C ASP C 180 22.67 38.56 7.09
N TYR C 181 21.97 37.44 7.32
CA TYR C 181 20.80 37.09 6.53
C TYR C 181 19.68 38.09 6.84
N ILE C 182 19.47 38.35 8.12
CA ILE C 182 18.44 39.29 8.56
C ILE C 182 18.73 40.68 7.99
N SER C 183 20.01 41.05 7.96
CA SER C 183 20.41 42.35 7.42
C SER C 183 20.09 42.44 5.93
N ALA C 184 20.41 41.38 5.19
CA ALA C 184 20.16 41.35 3.75
C ALA C 184 18.66 41.39 3.43
N PHE C 185 17.86 40.87 4.35
CA PHE C 185 16.41 40.83 4.18
C PHE C 185 15.81 42.19 3.89
N TRP C 186 16.22 43.20 4.65
CA TRP C 186 15.69 44.55 4.47
C TRP C 186 15.80 45.05 3.03
N ASN C 187 16.73 44.50 2.26
CA ASN C 187 16.92 44.92 0.87
C ASN C 187 15.88 44.40 -0.10
N VAL C 188 15.16 43.34 0.27
CA VAL C 188 14.16 42.78 -0.63
C VAL C 188 12.71 42.87 -0.16
N VAL C 189 12.48 43.52 0.97
CA VAL C 189 11.12 43.67 1.50
C VAL C 189 10.27 44.58 0.63
N ASN C 190 9.10 44.08 0.25
CA ASN C 190 8.17 44.83 -0.58
C ASN C 190 7.23 45.57 0.37
N TRP C 191 7.62 46.78 0.75
CA TRP C 191 6.81 47.55 1.68
C TRP C 191 5.45 47.94 1.15
N ASP C 192 5.27 47.92 -0.17
CA ASP C 192 3.97 48.26 -0.73
C ASP C 192 3.01 47.12 -0.39
N GLU C 193 3.50 45.88 -0.45
CA GLU C 193 2.66 44.73 -0.13
C GLU C 193 2.38 44.78 1.36
N VAL C 194 3.39 45.08 2.17
CA VAL C 194 3.18 45.15 3.60
C VAL C 194 2.10 46.18 3.94
N ALA C 195 2.15 47.33 3.26
CA ALA C 195 1.17 48.40 3.49
C ALA C 195 -0.23 47.96 3.10
N ARG C 196 -0.32 47.16 2.05
CA ARG C 196 -1.61 46.66 1.60
C ARG C 196 -2.20 45.73 2.66
N LEU C 197 -1.36 44.85 3.21
CA LEU C 197 -1.82 43.92 4.24
C LEU C 197 -2.20 44.67 5.51
N TYR C 198 -1.50 45.75 5.78
CA TYR C 198 -1.77 46.58 6.95
C TYR C 198 -3.19 47.11 6.85
N SER C 199 -3.55 47.64 5.68
CA SER C 199 -4.88 48.19 5.46
C SER C 199 -5.96 47.13 5.65
N GLU C 200 -5.72 45.93 5.14
CA GLU C 200 -6.69 44.84 5.25
C GLU C 200 -6.81 44.35 6.70
N ARG C 201 -5.77 44.59 7.49
CA ARG C 201 -5.77 44.16 8.89
C ARG C 201 -6.40 45.21 9.81
N ALA D 2 33.73 26.40 34.29
CA ALA D 2 34.51 26.79 33.12
C ALA D 2 34.49 25.66 32.09
N TYR D 3 33.44 25.60 31.29
CA TYR D 3 33.30 24.57 30.27
C TYR D 3 34.14 24.92 29.05
N GLU D 4 34.66 23.90 28.37
CA GLU D 4 35.50 24.12 27.20
C GLU D 4 35.03 23.33 25.99
N LEU D 5 35.38 23.81 24.80
CA LEU D 5 35.03 23.14 23.57
C LEU D 5 35.96 21.94 23.40
N PRO D 6 35.41 20.72 23.33
CA PRO D 6 36.24 19.52 23.17
C PRO D 6 36.87 19.41 21.78
N GLU D 7 38.04 18.77 21.72
CA GLU D 7 38.73 18.57 20.45
C GLU D 7 38.12 17.33 19.79
N LEU D 8 38.10 17.31 18.46
CA LEU D 8 37.55 16.17 17.74
C LEU D 8 38.58 15.03 17.70
N PRO D 9 38.11 13.77 17.87
CA PRO D 9 39.00 12.60 17.86
C PRO D 9 39.50 12.27 16.45
N TYR D 10 39.18 13.13 15.48
CA TYR D 10 39.57 12.91 14.10
C TYR D 10 39.64 14.23 13.32
N ALA D 11 40.16 14.17 12.10
CA ALA D 11 40.29 15.34 11.24
C ALA D 11 38.91 15.80 10.75
N TYR D 12 38.80 17.07 10.38
CA TYR D 12 37.53 17.62 9.92
C TYR D 12 37.01 16.94 8.65
N ASP D 13 37.90 16.34 7.86
CA ASP D 13 37.48 15.69 6.63
C ASP D 13 37.51 14.16 6.73
N ALA D 14 37.66 13.65 7.96
CA ALA D 14 37.72 12.21 8.18
C ALA D 14 36.40 11.47 7.97
N LEU D 15 35.30 12.21 7.92
CA LEU D 15 33.99 11.57 7.75
C LEU D 15 33.41 11.66 6.34
N GLU D 16 34.18 12.19 5.40
CA GLU D 16 33.69 12.28 4.03
C GLU D 16 33.68 10.86 3.46
N PRO D 17 32.80 10.59 2.49
CA PRO D 17 31.82 11.54 1.91
C PRO D 17 30.49 11.67 2.67
N HIS D 18 30.36 10.93 3.76
CA HIS D 18 29.14 10.93 4.56
C HIS D 18 28.80 12.31 5.13
N ILE D 19 29.80 12.97 5.70
CA ILE D 19 29.62 14.32 6.25
C ILE D 19 30.80 15.15 5.72
N ASP D 20 30.49 16.23 5.01
CA ASP D 20 31.50 17.10 4.41
C ASP D 20 32.37 17.85 5.41
N LYS D 21 33.61 18.13 5.04
CA LYS D 21 34.53 18.83 5.94
C LYS D 21 34.06 20.25 6.27
N GLU D 22 33.43 20.92 5.32
CA GLU D 22 32.93 22.27 5.55
C GLU D 22 31.93 22.26 6.72
N THR D 23 31.03 21.28 6.68
CA THR D 23 30.02 21.15 7.73
C THR D 23 30.67 20.85 9.08
N MET D 24 31.56 19.87 9.11
CA MET D 24 32.24 19.51 10.35
C MET D 24 32.96 20.72 10.96
N THR D 25 33.62 21.49 10.10
CA THR D 25 34.36 22.67 10.56
C THR D 25 33.44 23.73 11.19
N ILE D 26 32.40 24.12 10.47
CA ILE D 26 31.45 25.12 10.97
C ILE D 26 30.67 24.60 12.16
N HIS D 27 30.23 23.35 12.07
CA HIS D 27 29.46 22.73 13.12
C HIS D 27 30.19 22.74 14.46
N HIS D 28 31.48 22.42 14.44
CA HIS D 28 32.28 22.39 15.65
C HIS D 28 32.77 23.76 16.09
N THR D 29 33.44 24.49 15.21
CA THR D 29 34.01 25.79 15.55
C THR D 29 33.04 26.97 15.66
N LYS D 30 31.83 26.85 15.12
CA LYS D 30 30.88 27.96 15.19
C LYS D 30 29.68 27.62 16.07
N HIS D 31 28.91 26.62 15.65
CA HIS D 31 27.72 26.23 16.40
C HIS D 31 28.04 25.71 17.80
N HIS D 32 28.85 24.66 17.90
CA HIS D 32 29.16 24.12 19.21
C HIS D 32 29.90 25.14 20.07
N ASN D 33 30.87 25.81 19.47
CA ASN D 33 31.66 26.82 20.17
C ASN D 33 30.75 27.89 20.78
N THR D 34 29.72 28.27 20.04
CA THR D 34 28.77 29.27 20.51
C THR D 34 27.98 28.80 21.74
N TYR D 35 27.61 27.52 21.76
CA TYR D 35 26.88 26.99 22.91
C TYR D 35 27.73 27.07 24.17
N VAL D 36 29.01 26.71 24.05
CA VAL D 36 29.93 26.75 25.18
C VAL D 36 30.08 28.17 25.71
N THR D 37 30.33 29.10 24.80
CA THR D 37 30.48 30.51 25.16
C THR D 37 29.27 31.03 25.92
N ASN D 38 28.08 30.75 25.40
CA ASN D 38 26.86 31.22 26.05
C ASN D 38 26.57 30.48 27.36
N LEU D 39 27.02 29.23 27.46
CA LEU D 39 26.81 28.46 28.68
C LEU D 39 27.66 29.04 29.81
N ASN D 40 28.89 29.44 29.49
CA ASN D 40 29.78 30.01 30.49
C ASN D 40 29.27 31.35 30.99
N LYS D 41 28.69 32.14 30.09
CA LYS D 41 28.15 33.45 30.48
C LYS D 41 26.98 33.30 31.43
N ALA D 42 26.11 32.33 31.15
CA ALA D 42 24.94 32.09 31.97
C ALA D 42 25.27 31.67 33.40
N VAL D 43 26.28 30.82 33.55
CA VAL D 43 26.66 30.31 34.86
C VAL D 43 27.81 31.06 35.53
N GLU D 44 28.31 32.10 34.87
CA GLU D 44 29.41 32.87 35.43
C GLU D 44 29.08 33.45 36.80
N GLY D 45 29.78 32.99 37.83
CA GLY D 45 29.55 33.49 39.17
C GLY D 45 28.57 32.71 40.03
N ASN D 46 28.26 31.48 39.65
CA ASN D 46 27.33 30.67 40.45
C ASN D 46 28.00 29.40 40.96
N ALA D 50 29.93 26.79 39.52
CA ALA D 50 29.36 25.45 39.44
C ALA D 50 30.41 24.42 39.04
N ASN D 51 30.71 23.52 39.97
CA ASN D 51 31.69 22.48 39.73
C ASN D 51 31.02 21.21 39.21
N LYS D 52 29.86 21.38 38.58
CA LYS D 52 29.12 20.25 38.04
C LYS D 52 29.36 20.11 36.55
N SER D 53 29.41 18.87 36.07
CA SER D 53 29.62 18.60 34.66
C SER D 53 28.38 19.10 33.91
N VAL D 54 28.51 19.30 32.61
CA VAL D 54 27.36 19.77 31.83
C VAL D 54 26.22 18.77 31.89
N GLU D 55 26.54 17.48 32.01
CA GLU D 55 25.51 16.44 32.09
C GLU D 55 24.67 16.64 33.34
N GLU D 56 25.33 16.82 34.47
CA GLU D 56 24.64 17.02 35.74
C GLU D 56 23.72 18.23 35.67
N LEU D 57 24.24 19.32 35.13
CA LEU D 57 23.49 20.56 35.01
C LEU D 57 22.22 20.36 34.19
N VAL D 58 22.34 19.70 33.05
CA VAL D 58 21.21 19.45 32.17
C VAL D 58 20.18 18.51 32.81
N ALA D 59 20.66 17.53 33.58
CA ALA D 59 19.78 16.57 34.23
C ALA D 59 18.86 17.23 35.26
N ASP D 60 19.33 18.32 35.86
CA ASP D 60 18.56 19.03 36.86
C ASP D 60 18.42 20.52 36.55
N LEU D 61 17.70 20.83 35.48
CA LEU D 61 17.50 22.22 35.08
C LEU D 61 16.67 22.97 36.14
N ASP D 62 15.91 22.22 36.92
CA ASP D 62 15.07 22.80 37.96
C ASP D 62 15.89 23.37 39.11
N SER D 63 17.10 22.85 39.30
CA SER D 63 17.96 23.33 40.38
C SER D 63 18.64 24.62 39.95
N VAL D 64 18.51 24.97 38.67
CA VAL D 64 19.12 26.19 38.14
C VAL D 64 18.16 27.37 38.29
N PRO D 65 18.67 28.52 38.76
CA PRO D 65 17.85 29.72 38.94
C PRO D 65 16.96 30.00 37.73
N GLU D 66 15.72 30.35 37.99
CA GLU D 66 14.76 30.64 36.93
C GLU D 66 15.21 31.75 35.98
N ASN D 67 16.03 32.68 36.47
CA ASN D 67 16.51 33.78 35.63
C ASN D 67 17.55 33.34 34.62
N ILE D 68 17.96 32.07 34.67
CA ILE D 68 18.96 31.55 33.73
C ILE D 68 18.62 30.14 33.28
N ARG D 69 17.47 29.63 33.71
CA ARG D 69 17.04 28.29 33.35
C ARG D 69 16.98 28.10 31.84
N THR D 70 16.39 29.06 31.13
CA THR D 70 16.28 28.96 29.67
C THR D 70 17.66 28.93 29.02
N ALA D 71 18.56 29.80 29.47
CA ALA D 71 19.91 29.87 28.94
C ALA D 71 20.67 28.55 29.11
N VAL D 72 20.57 27.97 30.30
CA VAL D 72 21.25 26.71 30.60
C VAL D 72 20.61 25.58 29.80
N ARG D 73 19.29 25.62 29.68
CA ARG D 73 18.57 24.61 28.94
C ARG D 73 19.03 24.56 27.47
N ASN D 74 19.06 25.71 26.82
CA ASN D 74 19.46 25.77 25.41
C ASN D 74 20.94 25.58 25.14
N ASN D 75 21.78 26.25 25.92
CA ASN D 75 23.22 26.16 25.71
C ASN D 75 23.88 24.99 26.42
N GLY D 76 23.36 24.63 27.58
CA GLY D 76 23.89 23.49 28.30
C GLY D 76 23.52 22.26 27.49
N GLY D 77 22.29 22.27 26.97
CA GLY D 77 21.85 21.16 26.15
C GLY D 77 22.70 21.07 24.91
N GLY D 78 22.94 22.22 24.28
CA GLY D 78 23.75 22.26 23.08
C GLY D 78 25.14 21.70 23.30
N HIS D 79 25.75 22.07 24.42
CA HIS D 79 27.09 21.60 24.73
C HIS D 79 27.10 20.10 25.01
N ALA D 80 26.21 19.65 25.88
CA ALA D 80 26.14 18.24 26.23
C ALA D 80 25.83 17.36 25.01
N ASN D 81 24.87 17.79 24.21
CA ASN D 81 24.47 17.04 23.02
C ASN D 81 25.59 16.92 21.99
N HIS D 82 26.23 18.03 21.66
CA HIS D 82 27.29 17.98 20.67
C HIS D 82 28.54 17.26 21.19
N LYS D 83 28.85 17.43 22.48
CA LYS D 83 30.00 16.75 23.07
C LYS D 83 29.84 15.24 22.84
N LEU D 84 28.66 14.71 23.14
CA LEU D 84 28.40 13.29 22.94
C LEU D 84 28.47 12.91 21.46
N PHE D 85 27.77 13.69 20.63
CA PHE D 85 27.72 13.45 19.19
C PHE D 85 29.09 13.21 18.57
N TRP D 86 30.03 14.12 18.81
CA TRP D 86 31.38 14.00 18.26
C TRP D 86 32.02 12.63 18.53
N THR D 87 31.84 12.12 19.75
CA THR D 87 32.42 10.83 20.13
C THR D 87 31.75 9.59 19.54
N LEU D 88 30.56 9.79 18.96
CA LEU D 88 29.82 8.68 18.38
C LEU D 88 30.11 8.46 16.90
N LEU D 89 30.92 9.34 16.32
CA LEU D 89 31.28 9.24 14.91
C LEU D 89 32.72 8.79 14.79
N SER D 90 33.06 8.17 13.67
CA SER D 90 34.42 7.69 13.47
C SER D 90 34.67 7.31 12.03
N PRO D 91 35.89 7.57 11.51
CA PRO D 91 36.22 7.22 10.13
C PRO D 91 36.37 5.70 10.01
N ASN D 92 36.44 5.03 11.15
CA ASN D 92 36.57 3.57 11.18
C ASN D 92 35.27 2.99 11.72
N GLY D 93 34.21 3.79 11.68
CA GLY D 93 32.90 3.36 12.17
C GLY D 93 32.10 2.63 11.13
N GLY D 94 30.78 2.58 11.31
CA GLY D 94 29.92 1.89 10.38
C GLY D 94 29.75 0.43 10.77
N GLY D 95 29.20 -0.38 9.87
CA GLY D 95 29.01 -1.78 10.19
C GLY D 95 27.78 -2.01 11.03
N GLU D 96 27.82 -3.03 11.89
CA GLU D 96 26.70 -3.37 12.75
C GLU D 96 27.13 -3.55 14.20
N PRO D 97 26.22 -3.30 15.15
CA PRO D 97 26.55 -3.45 16.57
C PRO D 97 27.02 -4.88 16.84
N THR D 98 27.70 -5.08 17.97
CA THR D 98 28.22 -6.38 18.34
C THR D 98 28.03 -6.68 19.84
N GLY D 99 28.47 -7.86 20.25
CA GLY D 99 28.38 -8.26 21.65
C GLY D 99 27.03 -8.09 22.32
N ALA D 100 27.07 -7.64 23.57
CA ALA D 100 25.87 -7.43 24.37
C ALA D 100 24.91 -6.41 23.77
N LEU D 101 25.47 -5.34 23.20
CA LEU D 101 24.66 -4.29 22.61
C LEU D 101 23.81 -4.87 21.49
N ALA D 102 24.46 -5.65 20.62
CA ALA D 102 23.78 -6.27 19.49
C ALA D 102 22.65 -7.20 19.96
N GLU D 103 22.90 -7.96 21.02
CA GLU D 103 21.89 -8.87 21.54
C GLU D 103 20.67 -8.11 22.05
N GLU D 104 20.91 -7.02 22.77
CA GLU D 104 19.82 -6.23 23.32
C GLU D 104 18.99 -5.59 22.20
N ILE D 105 19.67 -5.04 21.19
CA ILE D 105 18.98 -4.41 20.08
C ILE D 105 18.09 -5.41 19.34
N ASN D 106 18.62 -6.59 19.05
CA ASN D 106 17.84 -7.61 18.35
C ASN D 106 16.65 -8.05 19.21
N SER D 107 16.85 -8.06 20.52
CA SER D 107 15.79 -8.46 21.45
C SER D 107 14.68 -7.41 21.58
N VAL D 108 15.08 -6.15 21.70
CA VAL D 108 14.12 -5.06 21.84
C VAL D 108 13.46 -4.63 20.54
N PHE D 109 14.24 -4.55 19.46
CA PHE D 109 13.71 -4.10 18.18
C PHE D 109 13.44 -5.20 17.15
N GLY D 110 14.00 -6.37 17.36
CA GLY D 110 13.78 -7.47 16.42
C GLY D 110 15.00 -7.78 15.59
N SER D 111 15.72 -6.74 15.17
CA SER D 111 16.94 -6.88 14.38
C SER D 111 17.55 -5.50 14.22
N PHE D 112 18.81 -5.47 13.77
CA PHE D 112 19.47 -4.20 13.57
C PHE D 112 18.74 -3.42 12.47
N ASP D 113 18.34 -4.11 11.40
CA ASP D 113 17.62 -3.43 10.32
C ASP D 113 16.33 -2.78 10.82
N LYS D 114 15.59 -3.49 11.68
CA LYS D 114 14.35 -2.96 12.23
C LYS D 114 14.66 -1.77 13.13
N PHE D 115 15.78 -1.85 13.86
CA PHE D 115 16.18 -0.76 14.73
C PHE D 115 16.48 0.48 13.89
N LYS D 116 17.22 0.30 12.80
CA LYS D 116 17.55 1.43 11.94
C LYS D 116 16.30 2.06 11.34
N GLU D 117 15.31 1.25 11.03
CA GLU D 117 14.07 1.75 10.45
C GLU D 117 13.33 2.62 11.46
N GLN D 118 13.25 2.15 12.69
CA GLN D 118 12.57 2.90 13.75
C GLN D 118 13.32 4.19 14.09
N PHE D 119 14.65 4.11 14.12
CA PHE D 119 15.47 5.28 14.43
C PHE D 119 15.35 6.33 13.32
N ALA D 120 15.38 5.87 12.08
CA ALA D 120 15.26 6.78 10.94
C ALA D 120 13.89 7.45 10.92
N ALA D 121 12.86 6.71 11.34
CA ALA D 121 11.52 7.29 11.37
C ALA D 121 11.44 8.39 12.42
N ALA D 122 12.06 8.17 13.57
CA ALA D 122 12.06 9.17 14.63
C ALA D 122 12.81 10.41 14.20
N ALA D 123 13.94 10.20 13.55
CA ALA D 123 14.79 11.29 13.06
C ALA D 123 14.12 12.07 11.94
N ALA D 124 13.47 11.36 11.03
CA ALA D 124 12.81 12.01 9.91
C ALA D 124 11.50 12.68 10.35
N GLY D 125 10.89 12.13 11.40
CA GLY D 125 9.64 12.67 11.91
C GLY D 125 9.75 13.85 12.86
N ARG D 126 10.97 14.23 13.23
CA ARG D 126 11.14 15.37 14.13
C ARG D 126 10.97 16.64 13.32
N PHE D 127 9.83 17.31 13.53
CA PHE D 127 9.50 18.54 12.82
C PHE D 127 10.22 19.71 13.46
N GLY D 128 10.94 20.47 12.64
CA GLY D 128 11.71 21.59 13.16
C GLY D 128 13.10 21.11 13.54
N SER D 129 13.72 21.79 14.49
CA SER D 129 15.06 21.45 14.94
C SER D 129 15.01 20.45 16.09
N GLY D 130 15.99 19.56 16.15
CA GLY D 130 16.01 18.61 17.24
C GLY D 130 16.99 17.46 17.05
N TRP D 131 16.83 16.43 17.88
CA TRP D 131 17.69 15.25 17.86
C TRP D 131 16.88 13.95 17.93
N ALA D 132 17.48 12.88 17.40
CA ALA D 132 16.88 11.55 17.47
C ALA D 132 17.79 10.77 18.43
N TRP D 133 17.20 9.98 19.32
CA TRP D 133 17.98 9.25 20.32
C TRP D 133 17.65 7.79 20.57
N LEU D 134 18.67 7.08 21.05
CA LEU D 134 18.53 5.71 21.50
C LEU D 134 18.96 5.92 22.95
N VAL D 135 18.07 5.64 23.89
CA VAL D 135 18.40 5.83 25.31
C VAL D 135 18.11 4.61 26.16
N VAL D 136 18.64 4.62 27.37
CA VAL D 136 18.42 3.55 28.33
C VAL D 136 17.57 4.15 29.45
N ASN D 137 16.30 3.77 29.48
CA ASN D 137 15.37 4.28 30.49
C ASN D 137 14.98 3.14 31.45
N ASN D 138 15.44 3.24 32.68
CA ASN D 138 15.17 2.22 33.69
C ASN D 138 15.77 0.89 33.28
N GLY D 139 16.90 0.96 32.58
CA GLY D 139 17.58 -0.25 32.13
C GLY D 139 17.07 -0.80 30.81
N LYS D 140 16.12 -0.10 30.19
CA LYS D 140 15.56 -0.56 28.92
C LYS D 140 15.85 0.39 27.77
N LEU D 141 16.08 -0.18 26.59
CA LEU D 141 16.37 0.62 25.40
C LEU D 141 15.10 1.18 24.79
N GLU D 142 15.13 2.47 24.47
CA GLU D 142 13.97 3.13 23.87
C GLU D 142 14.43 4.20 22.89
N ILE D 143 13.70 4.37 21.80
CA ILE D 143 14.04 5.38 20.81
C ILE D 143 13.12 6.58 21.01
N THR D 144 13.67 7.78 20.97
CA THR D 144 12.87 8.99 21.14
C THR D 144 13.49 10.14 20.35
N SER D 145 12.88 11.31 20.47
CA SER D 145 13.40 12.49 19.81
C SER D 145 13.05 13.67 20.70
N THR D 146 13.88 14.70 20.65
CA THR D 146 13.67 15.89 21.46
C THR D 146 13.78 17.12 20.59
N PRO D 147 13.09 18.19 20.96
CA PRO D 147 13.14 19.43 20.18
C PRO D 147 14.34 20.29 20.55
N ASN D 148 14.78 21.10 19.60
CA ASN D 148 15.89 22.04 19.84
C ASN D 148 17.13 21.40 20.47
N GLN D 149 17.55 21.85 21.66
CA GLN D 149 18.71 21.24 22.29
C GLN D 149 18.30 20.54 23.58
N ASP D 150 17.03 20.17 23.66
CA ASP D 150 16.54 19.47 24.83
C ASP D 150 17.20 18.08 24.85
N SER D 151 17.51 17.61 26.04
CA SER D 151 18.18 16.32 26.22
C SER D 151 17.38 15.32 27.04
N PRO D 152 17.53 14.02 26.73
CA PRO D 152 16.82 12.97 27.47
C PRO D 152 17.30 12.93 28.92
N LEU D 153 18.50 13.43 29.17
CA LEU D 153 19.07 13.45 30.51
C LEU D 153 18.18 14.21 31.48
N SER D 154 17.51 15.24 30.96
CA SER D 154 16.62 16.05 31.78
C SER D 154 15.39 15.28 32.22
N GLU D 155 15.18 14.11 31.61
CA GLU D 155 14.03 13.27 31.94
C GLU D 155 14.45 12.01 32.70
N GLY D 156 15.73 11.93 33.05
CA GLY D 156 16.22 10.78 33.78
C GLY D 156 16.64 9.63 32.88
N LYS D 157 16.73 9.88 31.58
CA LYS D 157 17.14 8.86 30.62
C LYS D 157 18.58 9.10 30.21
N THR D 158 19.29 8.03 29.84
CA THR D 158 20.68 8.14 29.43
C THR D 158 20.86 7.82 27.95
N PRO D 159 21.25 8.81 27.15
CA PRO D 159 21.45 8.58 25.71
C PRO D 159 22.75 7.85 25.41
N ILE D 160 22.70 6.88 24.50
CA ILE D 160 23.89 6.12 24.11
C ILE D 160 24.16 6.29 22.62
N LEU D 161 23.20 6.90 21.93
CA LEU D 161 23.32 7.17 20.50
C LEU D 161 22.42 8.34 20.19
N GLY D 162 22.93 9.28 19.41
CA GLY D 162 22.12 10.44 19.05
C GLY D 162 22.48 10.94 17.67
N LEU D 163 21.48 11.48 16.98
CA LEU D 163 21.67 12.04 15.65
C LEU D 163 21.09 13.44 15.63
N ASP D 164 21.93 14.40 15.28
CA ASP D 164 21.57 15.81 15.19
C ASP D 164 20.75 16.01 13.91
N VAL D 165 19.51 16.50 14.03
CA VAL D 165 18.72 16.75 12.82
C VAL D 165 18.38 18.22 12.62
N TRP D 166 19.19 19.08 13.23
CA TRP D 166 19.05 20.51 13.01
C TRP D 166 19.52 20.61 11.58
N GLU D 167 18.91 21.50 10.80
CA GLU D 167 19.31 21.63 9.41
C GLU D 167 20.80 21.96 9.21
N HIS D 168 21.43 22.67 10.14
CA HIS D 168 22.85 22.98 9.96
C HIS D 168 23.73 21.74 9.89
N ALA D 169 23.24 20.63 10.44
CA ALA D 169 24.02 19.40 10.44
C ALA D 169 24.09 18.70 9.10
N TYR D 170 23.19 19.04 8.18
CA TYR D 170 23.16 18.35 6.89
C TYR D 170 22.82 19.18 5.66
N TYR D 171 22.48 20.45 5.83
CA TYR D 171 22.07 21.23 4.66
C TYR D 171 23.11 21.46 3.58
N LEU D 172 24.35 21.69 3.98
CA LEU D 172 25.40 21.95 2.99
C LEU D 172 25.58 20.80 2.01
N ASN D 173 25.49 19.57 2.48
CA ASN D 173 25.68 18.42 1.59
C ASN D 173 24.41 17.72 1.13
N TYR D 174 23.33 17.83 1.90
CA TYR D 174 22.08 17.14 1.56
C TYR D 174 20.87 18.04 1.32
N GLN D 175 21.02 19.33 1.64
CA GLN D 175 19.91 20.28 1.52
C GLN D 175 18.65 19.68 2.18
N ASN D 176 17.52 19.67 1.48
CA ASN D 176 16.26 19.16 2.03
C ASN D 176 16.19 17.65 2.23
N ARG D 177 17.16 16.92 1.70
CA ARG D 177 17.15 15.45 1.78
C ARG D 177 17.60 14.86 3.11
N ARG D 178 16.86 15.16 4.18
CA ARG D 178 17.22 14.64 5.49
C ARG D 178 17.30 13.11 5.53
N PRO D 179 16.39 12.39 4.83
CA PRO D 179 16.46 10.93 4.87
C PRO D 179 17.79 10.37 4.31
N ASP D 180 18.35 11.04 3.32
CA ASP D 180 19.62 10.60 2.73
C ASP D 180 20.76 10.84 3.73
N TYR D 181 20.64 11.89 4.52
CA TYR D 181 21.63 12.19 5.54
C TYR D 181 21.54 11.11 6.62
N ILE D 182 20.32 10.77 7.01
CA ILE D 182 20.13 9.74 8.04
C ILE D 182 20.72 8.43 7.56
N SER D 183 20.49 8.10 6.28
CA SER D 183 21.04 6.87 5.71
C SER D 183 22.58 6.89 5.75
N ALA D 184 23.18 8.02 5.44
CA ALA D 184 24.64 8.14 5.43
C ALA D 184 25.26 8.04 6.83
N PHE D 185 24.51 8.46 7.84
CA PHE D 185 24.93 8.44 9.24
C PHE D 185 25.37 7.04 9.70
N TRP D 186 24.66 6.01 9.24
CA TRP D 186 24.98 4.65 9.64
C TRP D 186 26.41 4.24 9.28
N ASN D 187 26.98 4.89 8.26
CA ASN D 187 28.33 4.59 7.81
C ASN D 187 29.45 5.13 8.72
N VAL D 188 29.09 6.02 9.63
CA VAL D 188 30.09 6.61 10.52
C VAL D 188 29.87 6.37 12.00
N VAL D 189 28.82 5.65 12.38
CA VAL D 189 28.58 5.39 13.80
C VAL D 189 29.67 4.52 14.40
N ASN D 190 30.16 4.92 15.57
CA ASN D 190 31.20 4.18 16.30
C ASN D 190 30.45 3.29 17.27
N TRP D 191 30.13 2.07 16.83
CA TRP D 191 29.40 1.15 17.67
C TRP D 191 30.14 0.68 18.92
N ASP D 192 31.47 0.77 18.91
CA ASP D 192 32.23 0.38 20.10
C ASP D 192 31.93 1.41 21.18
N GLU D 193 31.83 2.68 20.79
CA GLU D 193 31.53 3.73 21.76
C GLU D 193 30.09 3.59 22.26
N VAL D 194 29.16 3.29 21.38
CA VAL D 194 27.77 3.11 21.79
C VAL D 194 27.71 1.95 22.78
N ALA D 195 28.48 0.89 22.51
CA ALA D 195 28.51 -0.28 23.38
C ALA D 195 29.08 0.07 24.75
N ARG D 196 30.11 0.90 24.77
CA ARG D 196 30.73 1.29 26.02
C ARG D 196 29.74 2.07 26.88
N LEU D 197 29.01 2.98 26.25
CA LEU D 197 28.03 3.80 26.97
C LEU D 197 26.89 2.93 27.48
N TYR D 198 26.48 1.95 26.69
CA TYR D 198 25.41 1.04 27.09
C TYR D 198 25.81 0.24 28.33
N SER D 199 27.03 -0.29 28.34
CA SER D 199 27.51 -1.08 29.47
C SER D 199 27.52 -0.28 30.77
N GLU D 200 27.81 1.02 30.67
CA GLU D 200 27.85 1.88 31.84
C GLU D 200 26.46 2.31 32.30
N ARG D 201 25.52 2.40 31.36
CA ARG D 201 24.16 2.80 31.70
C ARG D 201 23.28 1.59 31.98
N ALA E 2 -15.82 11.84 -6.38
CA ALA E 2 -16.71 12.98 -6.73
C ALA E 2 -18.18 12.54 -6.77
N TYR E 3 -18.46 11.47 -7.49
CA TYR E 3 -19.84 10.96 -7.60
C TYR E 3 -20.27 10.30 -6.29
N GLU E 4 -21.57 10.27 -6.04
CA GLU E 4 -22.08 9.67 -4.81
C GLU E 4 -23.25 8.73 -5.07
N LEU E 5 -23.43 7.79 -4.14
CA LEU E 5 -24.53 6.85 -4.23
C LEU E 5 -25.81 7.57 -3.86
N PRO E 6 -26.80 7.57 -4.76
CA PRO E 6 -28.06 8.26 -4.49
C PRO E 6 -28.91 7.49 -3.49
N GLU E 7 -29.74 8.21 -2.75
CA GLU E 7 -30.62 7.58 -1.77
C GLU E 7 -31.85 7.10 -2.55
N LEU E 8 -32.46 6.01 -2.11
CA LEU E 8 -33.64 5.51 -2.77
C LEU E 8 -34.83 6.40 -2.44
N PRO E 9 -35.77 6.58 -3.38
CA PRO E 9 -36.95 7.41 -3.20
C PRO E 9 -38.03 6.69 -2.37
N TYR E 10 -37.74 5.46 -1.98
CA TYR E 10 -38.68 4.64 -1.22
C TYR E 10 -37.91 3.65 -0.33
N ALA E 11 -38.64 2.99 0.57
CA ALA E 11 -38.08 2.01 1.49
C ALA E 11 -37.57 0.78 0.74
N TYR E 12 -36.63 0.06 1.36
CA TYR E 12 -36.05 -1.12 0.74
C TYR E 12 -37.07 -2.23 0.46
N ASP E 13 -38.13 -2.27 1.26
CA ASP E 13 -39.17 -3.29 1.07
C ASP E 13 -40.43 -2.75 0.42
N ALA E 14 -40.34 -1.52 -0.10
CA ALA E 14 -41.50 -0.88 -0.72
C ALA E 14 -41.97 -1.53 -2.02
N LEU E 15 -41.13 -2.34 -2.65
CA LEU E 15 -41.50 -2.97 -3.91
C LEU E 15 -41.93 -4.44 -3.80
N GLU E 16 -42.13 -4.89 -2.56
CA GLU E 16 -42.56 -6.25 -2.29
C GLU E 16 -43.99 -6.40 -2.78
N PRO E 17 -44.37 -7.60 -3.27
CA PRO E 17 -43.52 -8.79 -3.37
C PRO E 17 -42.85 -8.92 -4.74
N HIS E 18 -42.97 -7.89 -5.57
CA HIS E 18 -42.41 -7.91 -6.92
C HIS E 18 -40.87 -7.95 -6.91
N ILE E 19 -40.27 -7.19 -6.00
CA ILE E 19 -38.81 -7.19 -5.82
C ILE E 19 -38.63 -7.27 -4.32
N ASP E 20 -37.88 -8.27 -3.88
CA ASP E 20 -37.65 -8.50 -2.46
C ASP E 20 -36.76 -7.48 -1.80
N LYS E 21 -36.97 -7.31 -0.49
CA LYS E 21 -36.21 -6.36 0.31
C LYS E 21 -34.71 -6.68 0.31
N GLU E 22 -34.38 -7.96 0.45
CA GLU E 22 -32.97 -8.37 0.47
C GLU E 22 -32.28 -7.98 -0.82
N THR E 23 -32.93 -8.23 -1.95
CA THR E 23 -32.33 -7.85 -3.22
C THR E 23 -32.14 -6.34 -3.32
N MET E 24 -33.16 -5.56 -2.97
CA MET E 24 -33.01 -4.11 -3.03
C MET E 24 -31.81 -3.67 -2.17
N THR E 25 -31.69 -4.20 -0.96
CA THR E 25 -30.59 -3.83 -0.06
C THR E 25 -29.21 -4.12 -0.66
N ILE E 26 -29.00 -5.35 -1.14
CA ILE E 26 -27.71 -5.72 -1.72
C ILE E 26 -27.43 -4.99 -3.02
N HIS E 27 -28.46 -4.93 -3.86
CA HIS E 27 -28.34 -4.28 -5.17
C HIS E 27 -27.89 -2.83 -5.05
N HIS E 28 -28.47 -2.13 -4.07
CA HIS E 28 -28.13 -0.73 -3.86
C HIS E 28 -26.87 -0.52 -3.02
N THR E 29 -26.82 -1.11 -1.82
CA THR E 29 -25.67 -0.90 -0.94
C THR E 29 -24.38 -1.62 -1.29
N LYS E 30 -24.45 -2.63 -2.14
CA LYS E 30 -23.25 -3.36 -2.53
C LYS E 30 -22.95 -3.15 -4.01
N HIS E 31 -23.80 -3.67 -4.89
CA HIS E 31 -23.53 -3.54 -6.33
C HIS E 31 -23.40 -2.11 -6.83
N HIS E 32 -24.43 -1.29 -6.63
CA HIS E 32 -24.34 0.09 -7.11
C HIS E 32 -23.20 0.83 -6.42
N ASN E 33 -23.10 0.68 -5.09
CA ASN E 33 -22.05 1.36 -4.34
C ASN E 33 -20.65 1.02 -4.87
N THR E 34 -20.45 -0.23 -5.28
CA THR E 34 -19.16 -0.64 -5.82
C THR E 34 -18.86 0.10 -7.14
N TYR E 35 -19.88 0.30 -7.97
CA TYR E 35 -19.65 1.02 -9.22
C TYR E 35 -19.25 2.46 -8.88
N VAL E 36 -19.93 3.08 -7.92
CA VAL E 36 -19.58 4.45 -7.54
C VAL E 36 -18.13 4.53 -7.06
N THR E 37 -17.76 3.60 -6.17
CA THR E 37 -16.40 3.56 -5.63
C THR E 37 -15.33 3.43 -6.71
N ASN E 38 -15.52 2.49 -7.61
CA ASN E 38 -14.57 2.24 -8.69
C ASN E 38 -14.57 3.36 -9.72
N LEU E 39 -15.72 3.98 -9.93
CA LEU E 39 -15.81 5.08 -10.89
C LEU E 39 -14.99 6.25 -10.36
N ASN E 40 -15.14 6.54 -9.07
CA ASN E 40 -14.39 7.64 -8.48
C ASN E 40 -12.89 7.39 -8.53
N LYS E 41 -12.48 6.14 -8.32
CA LYS E 41 -11.06 5.82 -8.36
C LYS E 41 -10.50 5.97 -9.77
N ALA E 42 -11.33 5.73 -10.76
CA ALA E 42 -10.91 5.84 -12.15
C ALA E 42 -10.72 7.29 -12.62
N VAL E 43 -11.68 8.16 -12.29
CA VAL E 43 -11.61 9.55 -12.72
C VAL E 43 -10.78 10.44 -11.81
N GLU E 44 -10.26 9.87 -10.73
CA GLU E 44 -9.46 10.62 -9.77
C GLU E 44 -8.27 11.30 -10.45
N GLY E 45 -8.11 12.59 -10.20
CA GLY E 45 -7.00 13.33 -10.79
C GLY E 45 -7.34 13.96 -12.13
N ASN E 46 -8.48 13.59 -12.69
CA ASN E 46 -8.93 14.14 -13.97
C ASN E 46 -10.08 15.11 -13.73
N THR E 47 -9.82 16.39 -13.95
CA THR E 47 -10.83 17.42 -13.72
C THR E 47 -11.90 17.45 -14.82
N ALA E 48 -11.46 17.41 -16.07
CA ALA E 48 -12.38 17.44 -17.21
C ALA E 48 -13.45 16.35 -17.14
N LEU E 49 -13.09 15.20 -16.57
CA LEU E 49 -14.04 14.09 -16.45
C LEU E 49 -14.87 14.15 -15.18
N ALA E 50 -14.23 14.53 -14.07
CA ALA E 50 -14.90 14.60 -12.79
C ALA E 50 -16.03 15.62 -12.76
N ASN E 51 -15.83 16.76 -13.42
CA ASN E 51 -16.84 17.81 -13.46
C ASN E 51 -18.08 17.40 -14.25
N LYS E 52 -17.91 16.49 -15.20
CA LYS E 52 -19.02 16.03 -16.02
C LYS E 52 -19.99 15.15 -15.23
N SER E 53 -21.27 15.21 -15.58
CA SER E 53 -22.26 14.37 -14.92
C SER E 53 -21.95 12.96 -15.41
N VAL E 54 -22.41 11.94 -14.69
CA VAL E 54 -22.12 10.58 -15.10
C VAL E 54 -22.71 10.28 -16.48
N GLU E 55 -23.88 10.85 -16.76
CA GLU E 55 -24.50 10.65 -18.06
C GLU E 55 -23.65 11.26 -19.17
N GLU E 56 -23.11 12.46 -18.94
CA GLU E 56 -22.27 13.10 -19.93
C GLU E 56 -20.95 12.35 -20.08
N LEU E 57 -20.49 11.77 -18.98
CA LEU E 57 -19.26 11.02 -18.98
C LEU E 57 -19.36 9.78 -19.87
N VAL E 58 -20.41 9.00 -19.70
CA VAL E 58 -20.58 7.80 -20.51
C VAL E 58 -21.03 8.09 -21.93
N ALA E 59 -21.58 9.27 -22.16
CA ALA E 59 -22.05 9.66 -23.49
C ALA E 59 -20.88 9.79 -24.47
N ASP E 60 -19.69 10.08 -23.95
CA ASP E 60 -18.51 10.22 -24.80
C ASP E 60 -17.30 9.49 -24.20
N LEU E 61 -17.31 8.17 -24.27
CA LEU E 61 -16.21 7.38 -23.73
C LEU E 61 -14.93 7.60 -24.52
N ASP E 62 -15.06 8.15 -25.72
CA ASP E 62 -13.93 8.42 -26.58
C ASP E 62 -13.02 9.49 -25.99
N SER E 63 -13.59 10.39 -25.22
CA SER E 63 -12.83 11.47 -24.60
C SER E 63 -12.13 11.03 -23.32
N VAL E 64 -12.30 9.77 -22.95
CA VAL E 64 -11.69 9.23 -21.74
C VAL E 64 -10.35 8.56 -22.07
N PRO E 65 -9.30 8.87 -21.30
CA PRO E 65 -7.97 8.28 -21.52
C PRO E 65 -8.04 6.76 -21.66
N GLU E 66 -7.22 6.22 -22.55
CA GLU E 66 -7.18 4.78 -22.82
C GLU E 66 -6.97 3.92 -21.57
N ASN E 67 -6.04 4.33 -20.71
CA ASN E 67 -5.71 3.59 -19.50
C ASN E 67 -6.86 3.41 -18.51
N ILE E 68 -7.90 4.23 -18.62
CA ILE E 68 -9.04 4.14 -17.71
C ILE E 68 -10.38 4.01 -18.43
N ARG E 69 -10.33 3.90 -19.75
CA ARG E 69 -11.54 3.80 -20.56
C ARG E 69 -12.45 2.63 -20.15
N THR E 70 -11.87 1.45 -19.95
CA THR E 70 -12.67 0.29 -19.57
C THR E 70 -13.35 0.51 -18.22
N ALA E 71 -12.59 1.02 -17.25
CA ALA E 71 -13.11 1.27 -15.92
C ALA E 71 -14.26 2.27 -15.93
N VAL E 72 -14.16 3.28 -16.79
CA VAL E 72 -15.22 4.28 -16.88
C VAL E 72 -16.43 3.65 -17.56
N ARG E 73 -16.18 2.88 -18.61
CA ARG E 73 -17.27 2.22 -19.33
C ARG E 73 -18.10 1.33 -18.40
N ASN E 74 -17.41 0.44 -17.70
CA ASN E 74 -18.07 -0.49 -16.79
C ASN E 74 -18.66 0.15 -15.54
N ASN E 75 -17.88 0.98 -14.85
CA ASN E 75 -18.37 1.60 -13.62
C ASN E 75 -19.19 2.87 -13.85
N GLY E 76 -18.87 3.59 -14.91
CA GLY E 76 -19.63 4.79 -15.24
C GLY E 76 -20.99 4.29 -15.71
N GLY E 77 -20.97 3.24 -16.52
CA GLY E 77 -22.21 2.67 -17.00
C GLY E 77 -23.01 2.13 -15.83
N GLY E 78 -22.34 1.43 -14.92
CA GLY E 78 -23.01 0.90 -13.75
C GLY E 78 -23.72 1.99 -12.96
N HIS E 79 -23.01 3.06 -12.68
CA HIS E 79 -23.58 4.16 -11.92
C HIS E 79 -24.74 4.81 -12.68
N ALA E 80 -24.51 5.15 -13.94
CA ALA E 80 -25.56 5.80 -14.74
C ALA E 80 -26.82 4.95 -14.83
N ASN E 81 -26.64 3.68 -15.15
CA ASN E 81 -27.76 2.77 -15.31
C ASN E 81 -28.58 2.56 -14.05
N HIS E 82 -27.91 2.33 -12.91
CA HIS E 82 -28.64 2.11 -11.66
C HIS E 82 -29.28 3.38 -11.11
N LYS E 83 -28.59 4.50 -11.28
CA LYS E 83 -29.13 5.78 -10.82
C LYS E 83 -30.47 5.99 -11.50
N LEU E 84 -30.54 5.68 -12.80
CA LEU E 84 -31.80 5.83 -13.54
C LEU E 84 -32.82 4.80 -13.08
N PHE E 85 -32.38 3.55 -12.99
CA PHE E 85 -33.25 2.44 -12.58
C PHE E 85 -34.04 2.71 -11.30
N TRP E 86 -33.37 3.20 -10.25
CA TRP E 86 -34.08 3.46 -9.00
C TRP E 86 -35.23 4.43 -9.15
N THR E 87 -35.05 5.45 -9.98
CA THR E 87 -36.08 6.46 -10.17
C THR E 87 -37.25 6.00 -11.03
N LEU E 88 -37.08 4.86 -11.70
CA LEU E 88 -38.13 4.32 -12.56
C LEU E 88 -39.05 3.34 -11.85
N LEU E 89 -38.79 3.07 -10.58
CA LEU E 89 -39.59 2.15 -9.80
C LEU E 89 -40.37 2.91 -8.73
N SER E 90 -41.49 2.36 -8.28
CA SER E 90 -42.29 3.03 -7.24
C SER E 90 -43.33 2.11 -6.63
N PRO E 91 -43.58 2.24 -5.31
CA PRO E 91 -44.57 1.41 -4.63
C PRO E 91 -45.96 1.83 -5.10
N ASN E 92 -46.02 2.98 -5.76
CA ASN E 92 -47.28 3.52 -6.27
C ASN E 92 -47.24 3.52 -7.79
N GLY E 93 -46.43 2.62 -8.35
CA GLY E 93 -46.30 2.54 -9.79
C GLY E 93 -47.30 1.57 -10.41
N GLY E 94 -46.96 1.07 -11.59
CA GLY E 94 -47.84 0.15 -12.28
C GLY E 94 -48.77 0.91 -13.19
N GLY E 95 -49.83 0.25 -13.65
CA GLY E 95 -50.76 0.91 -14.52
C GLY E 95 -50.21 1.11 -15.92
N GLU E 96 -50.77 2.07 -16.64
CA GLU E 96 -50.34 2.35 -18.01
C GLU E 96 -49.91 3.81 -18.19
N PRO E 97 -49.06 4.08 -19.18
CA PRO E 97 -48.60 5.44 -19.42
C PRO E 97 -49.74 6.29 -19.99
N THR E 98 -49.57 7.60 -19.97
CA THR E 98 -50.58 8.52 -20.49
C THR E 98 -49.92 9.66 -21.26
N GLY E 99 -50.70 10.67 -21.59
CA GLY E 99 -50.17 11.82 -22.30
C GLY E 99 -49.53 11.53 -23.65
N ALA E 100 -48.56 12.35 -24.02
CA ALA E 100 -47.84 12.20 -25.29
C ALA E 100 -47.07 10.89 -25.35
N LEU E 101 -46.59 10.41 -24.20
CA LEU E 101 -45.85 9.17 -24.17
C LEU E 101 -46.72 8.00 -24.62
N ALA E 102 -47.93 7.92 -24.07
CA ALA E 102 -48.85 6.85 -24.43
C ALA E 102 -49.18 6.92 -25.91
N GLU E 103 -49.37 8.13 -26.42
CA GLU E 103 -49.68 8.31 -27.83
C GLU E 103 -48.58 7.79 -28.73
N GLU E 104 -47.33 8.08 -28.37
CA GLU E 104 -46.18 7.65 -29.15
C GLU E 104 -46.02 6.13 -29.10
N ILE E 105 -46.20 5.56 -27.92
CA ILE E 105 -46.08 4.11 -27.75
C ILE E 105 -47.09 3.38 -28.61
N ASN E 106 -48.33 3.90 -28.65
CA ASN E 106 -49.37 3.27 -29.44
C ASN E 106 -49.12 3.39 -30.94
N SER E 107 -48.51 4.50 -31.36
CA SER E 107 -48.24 4.73 -32.77
C SER E 107 -47.01 3.97 -33.25
N VAL E 108 -46.09 3.67 -32.34
CA VAL E 108 -44.87 2.95 -32.70
C VAL E 108 -44.99 1.45 -32.51
N PHE E 109 -45.63 1.03 -31.43
CA PHE E 109 -45.78 -0.40 -31.14
C PHE E 109 -47.20 -0.93 -31.31
N GLY E 110 -48.11 -0.05 -31.71
CA GLY E 110 -49.50 -0.48 -31.90
C GLY E 110 -50.35 -0.26 -30.66
N SER E 111 -49.83 -0.67 -29.51
CA SER E 111 -50.54 -0.53 -28.25
C SER E 111 -49.58 -0.75 -27.09
N PHE E 112 -50.05 -0.50 -25.87
CA PHE E 112 -49.24 -0.69 -24.69
C PHE E 112 -48.98 -2.18 -24.45
N ASP E 113 -50.02 -2.99 -24.60
CA ASP E 113 -49.87 -4.42 -24.42
C ASP E 113 -48.82 -4.98 -25.39
N LYS E 114 -48.84 -4.48 -26.63
CA LYS E 114 -47.88 -4.93 -27.63
C LYS E 114 -46.48 -4.46 -27.28
N PHE E 115 -46.38 -3.26 -26.70
CA PHE E 115 -45.09 -2.73 -26.28
C PHE E 115 -44.48 -3.64 -25.24
N LYS E 116 -45.28 -4.01 -24.25
CA LYS E 116 -44.78 -4.88 -23.18
C LYS E 116 -44.27 -6.22 -23.72
N GLU E 117 -44.95 -6.76 -24.74
CA GLU E 117 -44.53 -8.03 -25.32
C GLU E 117 -43.16 -7.90 -25.99
N GLN E 118 -42.97 -6.81 -26.73
CA GLN E 118 -41.71 -6.56 -27.41
C GLN E 118 -40.59 -6.27 -26.41
N PHE E 119 -40.91 -5.50 -25.38
CA PHE E 119 -39.90 -5.17 -24.37
C PHE E 119 -39.52 -6.44 -23.62
N ALA E 120 -40.52 -7.24 -23.24
CA ALA E 120 -40.28 -8.47 -22.50
C ALA E 120 -39.42 -9.43 -23.32
N ALA E 121 -39.67 -9.47 -24.63
CA ALA E 121 -38.91 -10.35 -25.52
C ALA E 121 -37.45 -9.92 -25.57
N ALA E 122 -37.23 -8.61 -25.63
CA ALA E 122 -35.86 -8.08 -25.68
C ALA E 122 -35.16 -8.40 -24.37
N ALA E 123 -35.87 -8.24 -23.26
CA ALA E 123 -35.29 -8.50 -21.94
C ALA E 123 -34.98 -9.97 -21.74
N ALA E 124 -35.84 -10.84 -22.25
CA ALA E 124 -35.62 -12.27 -22.09
C ALA E 124 -34.58 -12.80 -23.07
N GLY E 125 -34.41 -12.10 -24.18
CA GLY E 125 -33.44 -12.53 -25.19
C GLY E 125 -32.00 -12.14 -24.94
N ARG E 126 -31.77 -11.30 -23.94
CA ARG E 126 -30.41 -10.86 -23.60
C ARG E 126 -29.65 -12.02 -22.97
N PHE E 127 -28.65 -12.54 -23.69
CA PHE E 127 -27.83 -13.65 -23.20
C PHE E 127 -26.70 -13.09 -22.36
N GLY E 128 -26.55 -13.59 -21.15
CA GLY E 128 -25.52 -13.10 -20.26
C GLY E 128 -26.07 -11.90 -19.50
N SER E 129 -25.19 -11.03 -19.01
CA SER E 129 -25.61 -9.86 -18.26
C SER E 129 -25.93 -8.70 -19.18
N GLY E 130 -26.88 -7.87 -18.79
CA GLY E 130 -27.22 -6.71 -19.60
C GLY E 130 -28.47 -6.00 -19.15
N TRP E 131 -28.99 -5.14 -20.03
CA TRP E 131 -30.20 -4.33 -19.74
C TRP E 131 -31.14 -4.31 -20.94
N ALA E 132 -32.42 -4.10 -20.69
CA ALA E 132 -33.42 -3.97 -21.76
C ALA E 132 -33.80 -2.50 -21.67
N TRP E 133 -33.94 -1.83 -22.82
CA TRP E 133 -34.26 -0.41 -22.81
C TRP E 133 -35.35 0.06 -23.76
N LEU E 134 -35.92 1.20 -23.38
CA LEU E 134 -36.89 1.91 -24.20
C LEU E 134 -36.10 3.21 -24.36
N VAL E 135 -35.76 3.57 -25.59
CA VAL E 135 -34.99 4.79 -25.81
C VAL E 135 -35.59 5.69 -26.87
N VAL E 136 -35.01 6.88 -27.00
CA VAL E 136 -35.44 7.86 -28.00
C VAL E 136 -34.26 8.01 -28.96
N ASN E 137 -34.35 7.39 -30.12
CA ASN E 137 -33.28 7.47 -31.10
C ASN E 137 -33.74 8.35 -32.27
N ASN E 138 -33.06 9.47 -32.46
CA ASN E 138 -33.38 10.41 -33.53
C ASN E 138 -34.82 10.92 -33.38
N GLY E 139 -35.25 11.12 -32.15
CA GLY E 139 -36.59 11.62 -31.90
C GLY E 139 -37.68 10.56 -32.03
N LYS E 140 -37.30 9.29 -32.02
CA LYS E 140 -38.27 8.21 -32.15
C LYS E 140 -38.04 7.11 -31.12
N LEU E 141 -39.13 6.57 -30.59
CA LEU E 141 -39.05 5.50 -29.60
C LEU E 141 -38.57 4.20 -30.22
N GLU E 142 -37.80 3.43 -29.45
CA GLU E 142 -37.29 2.16 -29.93
C GLU E 142 -36.87 1.28 -28.76
N ILE E 143 -36.97 -0.03 -28.92
CA ILE E 143 -36.59 -0.97 -27.88
C ILE E 143 -35.25 -1.60 -28.24
N THR E 144 -34.32 -1.64 -27.29
CA THR E 144 -33.00 -2.23 -27.53
C THR E 144 -32.47 -2.92 -26.28
N SER E 145 -31.33 -3.59 -26.40
CA SER E 145 -30.71 -4.23 -25.26
C SER E 145 -29.21 -4.01 -25.35
N THR E 146 -28.56 -3.92 -24.20
CA THR E 146 -27.12 -3.71 -24.16
C THR E 146 -26.48 -4.72 -23.23
N PRO E 147 -25.20 -5.08 -23.49
CA PRO E 147 -24.50 -6.04 -22.65
C PRO E 147 -23.86 -5.39 -21.43
N ASN E 148 -23.70 -6.17 -20.36
CA ASN E 148 -23.06 -5.70 -19.13
C ASN E 148 -23.58 -4.34 -18.66
N GLN E 149 -22.72 -3.33 -18.53
CA GLN E 149 -23.20 -2.03 -18.10
C GLN E 149 -23.15 -1.00 -19.23
N ASP E 150 -23.07 -1.46 -20.47
CA ASP E 150 -23.05 -0.53 -21.59
C ASP E 150 -24.35 0.26 -21.61
N SER E 151 -24.25 1.53 -22.00
CA SER E 151 -25.41 2.40 -22.04
C SER E 151 -25.74 2.90 -23.43
N PRO E 152 -27.05 3.06 -23.74
CA PRO E 152 -27.45 3.54 -25.05
C PRO E 152 -26.91 4.96 -25.25
N LEU E 153 -26.62 5.64 -24.14
CA LEU E 153 -26.09 7.00 -24.19
C LEU E 153 -24.79 7.10 -24.98
N SER E 154 -24.00 6.03 -24.94
CA SER E 154 -22.72 6.00 -25.62
C SER E 154 -22.89 5.93 -27.13
N GLU E 155 -24.11 5.66 -27.58
CA GLU E 155 -24.38 5.56 -29.01
C GLU E 155 -25.34 6.64 -29.48
N GLY E 156 -25.50 7.68 -28.67
CA GLY E 156 -26.37 8.79 -29.03
C GLY E 156 -27.86 8.52 -28.84
N LYS E 157 -28.18 7.57 -27.97
CA LYS E 157 -29.58 7.24 -27.68
C LYS E 157 -29.87 7.60 -26.23
N THR E 158 -31.09 8.09 -25.99
CA THR E 158 -31.48 8.48 -24.65
C THR E 158 -32.48 7.50 -24.03
N PRO E 159 -32.05 6.77 -23.00
CA PRO E 159 -32.96 5.80 -22.37
C PRO E 159 -34.00 6.50 -21.50
N ILE E 160 -35.24 6.03 -21.54
CA ILE E 160 -36.29 6.62 -20.72
C ILE E 160 -36.94 5.54 -19.86
N LEU E 161 -36.57 4.29 -20.13
CA LEU E 161 -37.05 3.14 -19.37
C LEU E 161 -36.01 2.04 -19.51
N GLY E 162 -35.65 1.42 -18.39
CA GLY E 162 -34.68 0.35 -18.44
C GLY E 162 -35.01 -0.74 -17.43
N LEU E 163 -34.61 -1.97 -17.75
CA LEU E 163 -34.82 -3.10 -16.88
C LEU E 163 -33.49 -3.84 -16.77
N ASP E 164 -33.00 -3.98 -15.54
CA ASP E 164 -31.75 -4.65 -15.27
C ASP E 164 -31.95 -6.18 -15.39
N VAL E 165 -31.22 -6.78 -16.33
CA VAL E 165 -31.30 -8.20 -16.61
C VAL E 165 -30.14 -9.01 -16.02
N TRP E 166 -29.27 -8.36 -15.24
CA TRP E 166 -28.17 -9.09 -14.59
C TRP E 166 -28.83 -10.04 -13.61
N GLU E 167 -28.29 -11.24 -13.46
CA GLU E 167 -28.90 -12.19 -12.55
C GLU E 167 -29.00 -11.65 -11.12
N HIS E 168 -28.08 -10.81 -10.69
CA HIS E 168 -28.19 -10.31 -9.32
C HIS E 168 -29.49 -9.51 -9.08
N ALA E 169 -30.10 -9.01 -10.15
CA ALA E 169 -31.33 -8.23 -10.01
C ALA E 169 -32.56 -9.08 -9.70
N TYR E 170 -32.48 -10.38 -9.93
CA TYR E 170 -33.66 -11.24 -9.72
C TYR E 170 -33.42 -12.65 -9.20
N TYR E 171 -32.17 -13.07 -9.07
CA TYR E 171 -31.92 -14.45 -8.66
C TYR E 171 -32.46 -14.89 -7.29
N LEU E 172 -32.36 -14.02 -6.29
CA LEU E 172 -32.85 -14.41 -4.97
C LEU E 172 -34.34 -14.75 -4.92
N ASN E 173 -35.16 -14.02 -5.66
CA ASN E 173 -36.59 -14.29 -5.62
C ASN E 173 -37.14 -15.10 -6.81
N TYR E 174 -36.45 -15.05 -7.94
CA TYR E 174 -36.92 -15.75 -9.14
C TYR E 174 -35.98 -16.82 -9.69
N GLN E 175 -34.77 -16.89 -9.15
CA GLN E 175 -33.77 -17.85 -9.65
C GLN E 175 -33.71 -17.73 -11.17
N ASN E 176 -33.72 -18.86 -11.87
CA ASN E 176 -33.64 -18.88 -13.34
C ASN E 176 -34.88 -18.36 -14.08
N ARG E 177 -35.97 -18.10 -13.35
CA ARG E 177 -37.23 -17.66 -13.97
C ARG E 177 -37.30 -16.18 -14.34
N ARG E 178 -36.36 -15.74 -15.18
CA ARG E 178 -36.32 -14.34 -15.59
C ARG E 178 -37.64 -13.83 -16.17
N PRO E 179 -38.37 -14.65 -16.94
CA PRO E 179 -39.64 -14.14 -17.47
C PRO E 179 -40.62 -13.71 -16.38
N ASP E 180 -40.60 -14.40 -15.24
CA ASP E 180 -41.50 -14.07 -14.14
C ASP E 180 -41.10 -12.73 -13.53
N TYR E 181 -39.80 -12.44 -13.55
CA TYR E 181 -39.27 -11.19 -13.03
C TYR E 181 -39.70 -10.05 -13.95
N ILE E 182 -39.52 -10.27 -15.25
CA ILE E 182 -39.89 -9.27 -16.25
C ILE E 182 -41.39 -8.96 -16.14
N SER E 183 -42.20 -9.99 -15.88
CA SER E 183 -43.64 -9.79 -15.75
C SER E 183 -43.97 -8.98 -14.50
N ALA E 184 -43.29 -9.25 -13.38
CA ALA E 184 -43.54 -8.54 -12.14
C ALA E 184 -43.12 -7.07 -12.25
N PHE E 185 -42.13 -6.81 -13.09
CA PHE E 185 -41.62 -5.46 -13.30
C PHE E 185 -42.71 -4.44 -13.60
N TRP E 186 -43.64 -4.81 -14.46
CA TRP E 186 -44.71 -3.90 -14.85
C TRP E 186 -45.53 -3.37 -13.68
N ASN E 187 -45.54 -4.08 -12.56
CA ASN E 187 -46.30 -3.65 -11.39
C ASN E 187 -45.67 -2.49 -10.62
N VAL E 188 -44.39 -2.23 -10.86
CA VAL E 188 -43.71 -1.16 -10.14
C VAL E 188 -43.12 -0.03 -10.99
N VAL E 189 -43.36 -0.06 -12.30
CA VAL E 189 -42.85 0.99 -13.18
C VAL E 189 -43.53 2.32 -12.88
N ASN E 190 -42.74 3.39 -12.77
CA ASN E 190 -43.26 4.72 -12.51
C ASN E 190 -43.45 5.42 -13.85
N TRP E 191 -44.62 5.24 -14.47
CA TRP E 191 -44.85 5.84 -15.77
C TRP E 191 -44.82 7.38 -15.78
N ASP E 192 -45.09 8.00 -14.64
CA ASP E 192 -45.04 9.46 -14.58
C ASP E 192 -43.59 9.91 -14.79
N GLU E 193 -42.63 9.15 -14.23
CA GLU E 193 -41.21 9.48 -14.38
C GLU E 193 -40.76 9.22 -15.81
N VAL E 194 -41.22 8.11 -16.39
CA VAL E 194 -40.87 7.80 -17.76
C VAL E 194 -41.35 8.93 -18.67
N ALA E 195 -42.56 9.41 -18.41
CA ALA E 195 -43.13 10.50 -19.21
C ALA E 195 -42.30 11.78 -19.10
N ARG E 196 -41.78 12.06 -17.91
CA ARG E 196 -40.95 13.25 -17.74
C ARG E 196 -39.67 13.11 -18.53
N LEU E 197 -39.07 11.92 -18.50
CA LEU E 197 -37.83 11.68 -19.24
C LEU E 197 -38.09 11.76 -20.73
N TYR E 198 -39.26 11.29 -21.16
CA TYR E 198 -39.64 11.34 -22.57
C TYR E 198 -39.62 12.81 -23.03
N SER E 199 -40.26 13.68 -22.25
CA SER E 199 -40.32 15.10 -22.58
C SER E 199 -38.91 15.70 -22.69
N GLU E 200 -38.04 15.34 -21.75
CA GLU E 200 -36.68 15.87 -21.78
C GLU E 200 -35.81 15.33 -22.91
N ARG E 201 -36.19 14.19 -23.47
CA ARG E 201 -35.43 13.58 -24.56
C ARG E 201 -35.98 13.96 -25.93
N ALA F 2 -29.02 -34.19 -30.78
CA ALA F 2 -29.03 -35.47 -30.09
C ALA F 2 -28.25 -35.40 -28.78
N TYR F 3 -27.97 -34.18 -28.31
CA TYR F 3 -27.22 -34.02 -27.07
C TYR F 3 -28.12 -34.21 -25.86
N GLU F 4 -27.56 -34.72 -24.76
CA GLU F 4 -28.36 -34.92 -23.56
C GLU F 4 -27.62 -34.41 -22.32
N LEU F 5 -28.40 -34.14 -21.28
CA LEU F 5 -27.86 -33.64 -20.03
C LEU F 5 -27.16 -34.78 -19.31
N PRO F 6 -25.87 -34.60 -18.97
CA PRO F 6 -25.14 -35.66 -18.27
C PRO F 6 -25.55 -35.73 -16.81
N GLU F 7 -25.36 -36.89 -16.19
CA GLU F 7 -25.69 -37.03 -14.78
C GLU F 7 -24.46 -36.58 -14.00
N LEU F 8 -24.66 -36.06 -12.80
CA LEU F 8 -23.53 -35.61 -11.98
C LEU F 8 -22.83 -36.82 -11.37
N PRO F 9 -21.52 -36.74 -11.15
CA PRO F 9 -20.75 -37.85 -10.55
C PRO F 9 -20.98 -37.96 -9.04
N TYR F 10 -21.87 -37.11 -8.51
CA TYR F 10 -22.16 -37.06 -7.08
C TYR F 10 -23.54 -36.47 -6.82
N ALA F 11 -23.97 -36.50 -5.55
CA ALA F 11 -25.28 -35.97 -5.16
C ALA F 11 -25.28 -34.45 -5.20
N TYR F 12 -26.46 -33.86 -5.31
CA TYR F 12 -26.59 -32.41 -5.36
C TYR F 12 -26.10 -31.70 -4.11
N ASP F 13 -26.04 -32.40 -2.98
CA ASP F 13 -25.61 -31.79 -1.73
C ASP F 13 -24.22 -32.27 -1.30
N ALA F 14 -23.52 -32.96 -2.21
CA ALA F 14 -22.20 -33.49 -1.90
C ALA F 14 -21.11 -32.43 -1.78
N LEU F 15 -21.37 -31.24 -2.32
CA LEU F 15 -20.37 -30.17 -2.29
C LEU F 15 -20.59 -29.13 -1.19
N GLU F 16 -21.59 -29.37 -0.33
CA GLU F 16 -21.84 -28.42 0.76
C GLU F 16 -20.69 -28.52 1.76
N PRO F 17 -20.39 -27.42 2.47
CA PRO F 17 -21.05 -26.12 2.41
C PRO F 17 -20.49 -25.17 1.34
N HIS F 18 -19.54 -25.64 0.55
CA HIS F 18 -18.88 -24.83 -0.47
C HIS F 18 -19.84 -24.34 -1.55
N ILE F 19 -20.69 -25.24 -2.03
CA ILE F 19 -21.68 -24.91 -3.05
C ILE F 19 -22.95 -25.54 -2.50
N ASP F 20 -23.98 -24.72 -2.29
CA ASP F 20 -25.23 -25.19 -1.73
C ASP F 20 -26.00 -26.14 -2.65
N LYS F 21 -26.73 -27.07 -2.03
CA LYS F 21 -27.49 -28.05 -2.79
C LYS F 21 -28.57 -27.42 -3.67
N GLU F 22 -29.14 -26.30 -3.22
CA GLU F 22 -30.17 -25.61 -4.00
C GLU F 22 -29.59 -25.16 -5.34
N THR F 23 -28.42 -24.53 -5.27
CA THR F 23 -27.73 -24.07 -6.46
C THR F 23 -27.35 -25.22 -7.38
N MET F 24 -26.75 -26.27 -6.83
CA MET F 24 -26.38 -27.41 -7.66
C MET F 24 -27.61 -27.93 -8.41
N THR F 25 -28.72 -28.03 -7.71
CA THR F 25 -29.95 -28.54 -8.32
C THR F 25 -30.44 -27.64 -9.47
N ILE F 26 -30.59 -26.36 -9.20
CA ILE F 26 -31.06 -25.43 -10.23
C ILE F 26 -30.05 -25.28 -11.36
N HIS F 27 -28.78 -25.18 -11.01
CA HIS F 27 -27.70 -25.02 -11.99
C HIS F 27 -27.69 -26.16 -13.02
N HIS F 28 -27.88 -27.38 -12.54
CA HIS F 28 -27.88 -28.55 -13.40
C HIS F 28 -29.22 -28.80 -14.12
N THR F 29 -30.31 -28.87 -13.37
CA THR F 29 -31.62 -29.16 -13.96
C THR F 29 -32.33 -28.04 -14.73
N LYS F 30 -31.90 -26.79 -14.53
CA LYS F 30 -32.52 -25.68 -15.21
C LYS F 30 -31.54 -25.04 -16.20
N HIS F 31 -30.47 -24.44 -15.67
CA HIS F 31 -29.50 -23.76 -16.53
C HIS F 31 -28.83 -24.68 -17.54
N HIS F 32 -28.16 -25.73 -17.09
CA HIS F 32 -27.49 -26.62 -18.03
C HIS F 32 -28.51 -27.30 -18.96
N ASN F 33 -29.63 -27.74 -18.39
CA ASN F 33 -30.65 -28.41 -19.20
C ASN F 33 -31.14 -27.49 -20.33
N THR F 34 -31.29 -26.21 -20.02
CA THR F 34 -31.74 -25.24 -21.01
C THR F 34 -30.73 -25.10 -22.15
N TYR F 35 -29.43 -25.14 -21.83
CA TYR F 35 -28.43 -25.03 -22.87
C TYR F 35 -28.54 -26.23 -23.82
N VAL F 36 -28.74 -27.43 -23.27
CA VAL F 36 -28.87 -28.62 -24.10
C VAL F 36 -30.11 -28.50 -24.99
N THR F 37 -31.22 -28.08 -24.40
CA THR F 37 -32.48 -27.92 -25.15
C THR F 37 -32.30 -26.96 -26.32
N ASN F 38 -31.72 -25.79 -26.05
CA ASN F 38 -31.51 -24.80 -27.09
C ASN F 38 -30.45 -25.20 -28.10
N LEU F 39 -29.49 -25.99 -27.68
CA LEU F 39 -28.45 -26.45 -28.60
C LEU F 39 -29.09 -27.43 -29.59
N ASN F 40 -29.89 -28.36 -29.07
CA ASN F 40 -30.54 -29.33 -29.94
C ASN F 40 -31.43 -28.69 -31.00
N LYS F 41 -32.04 -27.56 -30.66
CA LYS F 41 -32.91 -26.87 -31.61
C LYS F 41 -32.11 -26.14 -32.68
N ALA F 42 -30.95 -25.62 -32.29
CA ALA F 42 -30.09 -24.89 -33.20
C ALA F 42 -29.47 -25.79 -34.27
N VAL F 43 -29.15 -27.04 -33.90
CA VAL F 43 -28.52 -27.96 -34.85
C VAL F 43 -29.50 -28.95 -35.46
N GLU F 44 -30.76 -28.83 -35.08
CA GLU F 44 -31.80 -29.73 -35.59
C GLU F 44 -31.84 -29.80 -37.12
N GLY F 45 -31.88 -31.02 -37.64
CA GLY F 45 -31.94 -31.22 -39.08
C GLY F 45 -30.64 -31.00 -39.82
N ASN F 46 -29.62 -30.48 -39.14
CA ASN F 46 -28.34 -30.25 -39.80
C ASN F 46 -27.51 -31.52 -39.84
N THR F 47 -27.40 -32.10 -41.03
CA THR F 47 -26.65 -33.34 -41.21
C THR F 47 -25.14 -33.19 -41.04
N ALA F 48 -24.61 -32.06 -41.48
CA ALA F 48 -23.18 -31.80 -41.38
C ALA F 48 -22.67 -31.74 -39.95
N LEU F 49 -23.55 -31.37 -39.03
CA LEU F 49 -23.18 -31.25 -37.62
C LEU F 49 -23.70 -32.41 -36.78
N ALA F 50 -24.49 -33.29 -37.40
CA ALA F 50 -25.06 -34.44 -36.71
C ALA F 50 -24.03 -35.37 -36.08
N ASN F 51 -22.93 -35.60 -36.79
CA ASN F 51 -21.89 -36.49 -36.27
C ASN F 51 -20.72 -35.75 -35.64
N LYS F 52 -21.01 -34.84 -34.71
CA LYS F 52 -19.97 -34.08 -34.02
C LYS F 52 -20.25 -33.97 -32.52
N SER F 53 -19.18 -34.06 -31.73
CA SER F 53 -19.30 -33.95 -30.28
C SER F 53 -19.44 -32.46 -29.98
N VAL F 54 -20.03 -32.11 -28.84
CA VAL F 54 -20.19 -30.70 -28.51
C VAL F 54 -18.83 -30.01 -28.48
N GLU F 55 -17.82 -30.72 -27.98
CA GLU F 55 -16.46 -30.18 -27.92
C GLU F 55 -15.93 -29.83 -29.32
N GLU F 56 -16.10 -30.75 -30.27
CA GLU F 56 -15.62 -30.51 -31.62
C GLU F 56 -16.43 -29.40 -32.30
N LEU F 57 -17.69 -29.28 -31.92
CA LEU F 57 -18.56 -28.27 -32.49
C LEU F 57 -18.05 -26.88 -32.06
N VAL F 58 -17.76 -26.73 -30.77
CA VAL F 58 -17.28 -25.46 -30.25
C VAL F 58 -15.85 -25.16 -30.70
N ALA F 59 -15.06 -26.21 -30.90
CA ALA F 59 -13.68 -26.07 -31.33
C ALA F 59 -13.56 -25.32 -32.66
N ASP F 60 -14.58 -25.45 -33.50
CA ASP F 60 -14.56 -24.77 -34.79
C ASP F 60 -15.92 -24.19 -35.16
N LEU F 61 -16.28 -23.07 -34.55
CA LEU F 61 -17.56 -22.43 -34.84
C LEU F 61 -17.62 -21.91 -36.27
N ASP F 62 -16.47 -21.88 -36.94
CA ASP F 62 -16.40 -21.39 -38.31
C ASP F 62 -17.12 -22.33 -39.27
N SER F 63 -17.05 -23.64 -38.98
CA SER F 63 -17.69 -24.64 -39.82
C SER F 63 -19.20 -24.64 -39.59
N VAL F 64 -19.65 -23.88 -38.59
CA VAL F 64 -21.07 -23.79 -38.29
C VAL F 64 -21.71 -22.67 -39.10
N PRO F 65 -22.85 -22.96 -39.76
CA PRO F 65 -23.55 -21.94 -40.56
C PRO F 65 -23.75 -20.65 -39.77
N GLU F 66 -23.33 -19.54 -40.36
CA GLU F 66 -23.44 -18.23 -39.72
C GLU F 66 -24.83 -17.92 -39.16
N ASN F 67 -25.87 -18.53 -39.74
CA ASN F 67 -27.23 -18.29 -39.31
C ASN F 67 -27.54 -18.89 -37.93
N ILE F 68 -26.76 -19.89 -37.52
CA ILE F 68 -26.98 -20.52 -36.23
C ILE F 68 -25.72 -20.53 -35.40
N ARG F 69 -24.68 -19.88 -35.90
CA ARG F 69 -23.38 -19.83 -35.23
C ARG F 69 -23.47 -19.29 -33.81
N THR F 70 -24.15 -18.18 -33.63
CA THR F 70 -24.27 -17.60 -32.29
C THR F 70 -25.04 -18.53 -31.35
N ALA F 71 -26.09 -19.15 -31.87
CA ALA F 71 -26.89 -20.07 -31.07
C ALA F 71 -26.02 -21.24 -30.60
N VAL F 72 -25.15 -21.71 -31.49
CA VAL F 72 -24.25 -22.82 -31.15
C VAL F 72 -23.16 -22.33 -30.20
N ARG F 73 -22.66 -21.12 -30.43
CA ARG F 73 -21.63 -20.55 -29.58
C ARG F 73 -22.15 -20.45 -28.14
N ASN F 74 -23.35 -19.90 -27.99
CA ASN F 74 -23.93 -19.73 -26.65
C ASN F 74 -24.39 -21.01 -25.98
N ASN F 75 -25.15 -21.84 -26.69
CA ASN F 75 -25.66 -23.05 -26.09
C ASN F 75 -24.70 -24.24 -26.16
N GLY F 76 -23.92 -24.28 -27.23
CA GLY F 76 -22.92 -25.32 -27.38
C GLY F 76 -21.88 -25.05 -26.32
N GLY F 77 -21.51 -23.78 -26.18
CA GLY F 77 -20.53 -23.42 -25.18
C GLY F 77 -21.08 -23.76 -23.80
N GLY F 78 -22.33 -23.35 -23.56
CA GLY F 78 -22.97 -23.63 -22.28
C GLY F 78 -22.93 -25.11 -21.93
N HIS F 79 -23.27 -25.96 -22.89
CA HIS F 79 -23.25 -27.40 -22.65
C HIS F 79 -21.82 -27.90 -22.43
N ALA F 80 -20.90 -27.54 -23.32
CA ALA F 80 -19.50 -27.98 -23.19
C ALA F 80 -18.90 -27.54 -21.86
N ASN F 81 -19.05 -26.27 -21.53
CA ASN F 81 -18.48 -25.74 -20.30
C ASN F 81 -19.01 -26.37 -19.01
N HIS F 82 -20.33 -26.50 -18.92
CA HIS F 82 -20.90 -27.12 -17.72
C HIS F 82 -20.57 -28.60 -17.66
N LYS F 83 -20.59 -29.28 -18.81
CA LYS F 83 -20.26 -30.70 -18.83
C LYS F 83 -18.88 -30.89 -18.21
N LEU F 84 -17.93 -30.04 -18.59
CA LEU F 84 -16.58 -30.15 -18.04
C LEU F 84 -16.59 -29.78 -16.55
N PHE F 85 -17.23 -28.66 -16.23
CA PHE F 85 -17.31 -28.17 -14.85
C PHE F 85 -17.74 -29.23 -13.83
N TRP F 86 -18.82 -29.96 -14.09
CA TRP F 86 -19.27 -30.96 -13.14
C TRP F 86 -18.19 -32.00 -12.82
N THR F 87 -17.40 -32.39 -13.82
CA THR F 87 -16.35 -33.39 -13.63
C THR F 87 -15.11 -32.88 -12.87
N LEU F 88 -15.00 -31.57 -12.71
CA LEU F 88 -13.85 -30.97 -12.03
C LEU F 88 -14.10 -30.73 -10.55
N LEU F 89 -15.29 -31.09 -10.08
CA LEU F 89 -15.65 -30.90 -8.68
C LEU F 89 -15.80 -32.28 -8.03
N SER F 90 -15.58 -32.35 -6.72
CA SER F 90 -15.72 -33.63 -6.03
C SER F 90 -15.86 -33.45 -4.53
N PRO F 91 -16.66 -34.30 -3.89
CA PRO F 91 -16.84 -34.21 -2.44
C PRO F 91 -15.56 -34.66 -1.74
N ASN F 92 -14.66 -35.25 -2.50
CA ASN F 92 -13.38 -35.72 -1.98
C ASN F 92 -12.26 -34.90 -2.60
N GLY F 93 -12.63 -33.74 -3.14
CA GLY F 93 -11.67 -32.86 -3.76
C GLY F 93 -10.96 -31.95 -2.79
N GLY F 94 -10.37 -30.88 -3.32
CA GLY F 94 -9.66 -29.96 -2.46
C GLY F 94 -8.19 -30.34 -2.39
N GLY F 95 -7.50 -29.81 -1.38
CA GLY F 95 -6.10 -30.12 -1.25
C GLY F 95 -5.31 -29.36 -2.30
N GLU F 96 -4.19 -29.93 -2.72
CA GLU F 96 -3.33 -29.28 -3.72
C GLU F 96 -2.98 -30.25 -4.85
N PRO F 97 -2.53 -29.72 -6.00
CA PRO F 97 -2.16 -30.57 -7.13
C PRO F 97 -0.98 -31.44 -6.73
N THR F 98 -0.76 -32.52 -7.48
CA THR F 98 0.34 -33.42 -7.19
C THR F 98 0.97 -33.90 -8.48
N GLY F 99 2.01 -34.74 -8.34
CA GLY F 99 2.68 -35.28 -9.49
C GLY F 99 3.20 -34.28 -10.51
N ALA F 100 3.10 -34.66 -11.79
CA ALA F 100 3.57 -33.81 -12.87
C ALA F 100 2.82 -32.49 -12.93
N LEU F 101 1.52 -32.54 -12.67
CA LEU F 101 0.71 -31.33 -12.70
C LEU F 101 1.28 -30.32 -11.72
N ALA F 102 1.53 -30.78 -10.50
CA ALA F 102 2.08 -29.91 -9.46
C ALA F 102 3.42 -29.32 -9.87
N GLU F 103 4.28 -30.13 -10.49
CA GLU F 103 5.60 -29.63 -10.90
C GLU F 103 5.47 -28.53 -11.94
N GLU F 104 4.55 -28.72 -12.89
CA GLU F 104 4.34 -27.75 -13.95
C GLU F 104 3.75 -26.45 -13.39
N ILE F 105 2.77 -26.57 -12.51
CA ILE F 105 2.16 -25.37 -11.93
C ILE F 105 3.21 -24.58 -11.14
N ASN F 106 4.07 -25.27 -10.40
CA ASN F 106 5.09 -24.59 -9.62
C ASN F 106 6.12 -23.91 -10.51
N SER F 107 6.42 -24.55 -11.64
CA SER F 107 7.41 -24.02 -12.58
C SER F 107 6.88 -22.79 -13.31
N VAL F 108 5.63 -22.84 -13.75
CA VAL F 108 5.02 -21.74 -14.49
C VAL F 108 4.58 -20.56 -13.64
N PHE F 109 3.92 -20.84 -12.51
CA PHE F 109 3.42 -19.78 -11.64
C PHE F 109 4.26 -19.48 -10.41
N GLY F 110 5.17 -20.37 -10.07
CA GLY F 110 6.00 -20.15 -8.89
C GLY F 110 5.66 -21.03 -7.71
N SER F 111 4.37 -21.20 -7.46
CA SER F 111 3.87 -22.03 -6.36
C SER F 111 2.37 -22.18 -6.55
N PHE F 112 1.77 -23.12 -5.82
CA PHE F 112 0.34 -23.33 -5.92
C PHE F 112 -0.38 -22.09 -5.42
N ASP F 113 0.14 -21.49 -4.35
CA ASP F 113 -0.48 -20.29 -3.80
C ASP F 113 -0.49 -19.14 -4.81
N LYS F 114 0.59 -18.98 -5.58
CA LYS F 114 0.65 -17.92 -6.56
C LYS F 114 -0.31 -18.23 -7.71
N PHE F 115 -0.45 -19.51 -8.03
CA PHE F 115 -1.37 -19.91 -9.08
C PHE F 115 -2.79 -19.52 -8.66
N LYS F 116 -3.14 -19.83 -7.42
CA LYS F 116 -4.48 -19.51 -6.92
C LYS F 116 -4.71 -18.01 -6.95
N GLU F 117 -3.71 -17.23 -6.57
CA GLU F 117 -3.86 -15.78 -6.59
C GLU F 117 -4.13 -15.26 -7.99
N GLN F 118 -3.41 -15.79 -8.97
CA GLN F 118 -3.59 -15.38 -10.36
C GLN F 118 -4.93 -15.83 -10.90
N PHE F 119 -5.33 -17.05 -10.56
CA PHE F 119 -6.61 -17.58 -11.03
C PHE F 119 -7.76 -16.78 -10.42
N ALA F 120 -7.66 -16.51 -9.12
CA ALA F 120 -8.70 -15.77 -8.44
C ALA F 120 -8.82 -14.36 -9.01
N ALA F 121 -7.68 -13.78 -9.39
CA ALA F 121 -7.69 -12.44 -9.95
C ALA F 121 -8.43 -12.45 -11.28
N ALA F 122 -8.18 -13.48 -12.10
CA ALA F 122 -8.84 -13.59 -13.39
C ALA F 122 -10.35 -13.80 -13.19
N ALA F 123 -10.69 -14.65 -12.24
CA ALA F 123 -12.09 -14.95 -11.97
C ALA F 123 -12.81 -13.72 -11.42
N ALA F 124 -12.18 -12.99 -10.52
CA ALA F 124 -12.81 -11.81 -9.94
C ALA F 124 -12.82 -10.65 -10.93
N GLY F 125 -11.85 -10.64 -11.83
CA GLY F 125 -11.73 -9.59 -12.81
C GLY F 125 -12.69 -9.65 -13.99
N ARG F 126 -13.32 -10.80 -14.20
CA ARG F 126 -14.26 -10.95 -15.31
C ARG F 126 -15.53 -10.14 -15.02
N PHE F 127 -15.71 -9.05 -15.76
CA PHE F 127 -16.87 -8.18 -15.59
C PHE F 127 -18.06 -8.77 -16.34
N GLY F 128 -19.19 -8.90 -15.67
CA GLY F 128 -20.35 -9.49 -16.31
C GLY F 128 -20.32 -10.99 -16.12
N SER F 129 -20.93 -11.73 -17.04
CA SER F 129 -20.98 -13.18 -16.97
C SER F 129 -19.77 -13.79 -17.66
N GLY F 130 -19.31 -14.93 -17.14
CA GLY F 130 -18.17 -15.58 -17.78
C GLY F 130 -17.53 -16.72 -17.00
N TRP F 131 -16.35 -17.13 -17.46
CA TRP F 131 -15.58 -18.22 -16.86
C TRP F 131 -14.11 -17.87 -16.71
N ALA F 132 -13.47 -18.45 -15.68
CA ALA F 132 -12.03 -18.27 -15.47
C ALA F 132 -11.47 -19.64 -15.84
N TRP F 133 -10.31 -19.66 -16.52
CA TRP F 133 -9.74 -20.92 -17.01
C TRP F 133 -8.24 -21.14 -16.81
N LEU F 134 -7.88 -22.41 -16.70
CA LEU F 134 -6.48 -22.82 -16.68
C LEU F 134 -6.49 -23.67 -17.96
N VAL F 135 -5.67 -23.32 -18.94
CA VAL F 135 -5.64 -24.07 -20.19
C VAL F 135 -4.23 -24.48 -20.59
N VAL F 136 -4.15 -25.32 -21.62
CA VAL F 136 -2.88 -25.78 -22.16
C VAL F 136 -2.82 -25.25 -23.60
N ASN F 137 -2.01 -24.22 -23.81
CA ASN F 137 -1.86 -23.62 -25.13
C ASN F 137 -0.49 -23.98 -25.71
N ASN F 138 -0.49 -24.82 -26.73
CA ASN F 138 0.75 -25.26 -27.36
C ASN F 138 1.65 -25.96 -26.34
N GLY F 139 1.03 -26.72 -25.45
CA GLY F 139 1.78 -27.43 -24.44
C GLY F 139 2.22 -26.58 -23.27
N LYS F 140 1.68 -25.36 -23.17
CA LYS F 140 2.03 -24.45 -22.09
C LYS F 140 0.81 -24.06 -21.26
N LEU F 141 0.99 -23.96 -19.94
CA LEU F 141 -0.11 -23.60 -19.06
C LEU F 141 -0.31 -22.08 -19.04
N GLU F 142 -1.57 -21.68 -19.14
CA GLU F 142 -1.91 -20.27 -19.13
C GLU F 142 -3.27 -20.08 -18.45
N ILE F 143 -3.46 -18.92 -17.84
CA ILE F 143 -4.71 -18.59 -17.18
C ILE F 143 -5.41 -17.53 -18.02
N THR F 144 -6.70 -17.75 -18.29
CA THR F 144 -7.47 -16.79 -19.07
C THR F 144 -8.88 -16.72 -18.52
N SER F 145 -9.69 -15.87 -19.14
CA SER F 145 -11.09 -15.74 -18.74
C SER F 145 -11.83 -15.45 -20.03
N THR F 146 -13.06 -15.96 -20.12
CA THR F 146 -13.90 -15.76 -21.31
C THR F 146 -15.25 -15.19 -20.91
N PRO F 147 -15.89 -14.46 -21.83
CA PRO F 147 -17.21 -13.87 -21.55
C PRO F 147 -18.36 -14.84 -21.86
N ASN F 148 -19.45 -14.70 -21.12
CA ASN F 148 -20.64 -15.53 -21.34
C ASN F 148 -20.33 -17.04 -21.38
N GLN F 149 -20.63 -17.71 -22.49
CA GLN F 149 -20.31 -19.13 -22.59
C GLN F 149 -19.21 -19.43 -23.60
N ASP F 150 -18.39 -18.42 -23.91
CA ASP F 150 -17.30 -18.65 -24.84
C ASP F 150 -16.34 -19.66 -24.20
N SER F 151 -15.72 -20.48 -25.05
CA SER F 151 -14.80 -21.52 -24.59
C SER F 151 -13.42 -21.35 -25.21
N PRO F 152 -12.36 -21.67 -24.45
CA PRO F 152 -10.98 -21.57 -24.95
C PRO F 152 -10.78 -22.52 -26.13
N LEU F 153 -11.62 -23.54 -26.22
CA LEU F 153 -11.53 -24.52 -27.31
C LEU F 153 -11.67 -23.85 -28.67
N SER F 154 -12.42 -22.77 -28.72
CA SER F 154 -12.64 -22.04 -29.97
C SER F 154 -11.39 -21.28 -30.43
N GLU F 155 -10.40 -21.20 -29.54
CA GLU F 155 -9.16 -20.50 -29.84
C GLU F 155 -8.00 -21.48 -30.00
N GLY F 156 -8.31 -22.77 -29.97
CA GLY F 156 -7.28 -23.79 -30.10
C GLY F 156 -6.59 -24.12 -28.80
N LYS F 157 -7.25 -23.82 -27.69
CA LYS F 157 -6.71 -24.08 -26.36
C LYS F 157 -7.52 -25.20 -25.72
N THR F 158 -6.90 -25.91 -24.76
CA THR F 158 -7.58 -27.00 -24.09
C THR F 158 -7.74 -26.72 -22.60
N PRO F 159 -8.98 -26.49 -22.13
CA PRO F 159 -9.20 -26.21 -20.71
C PRO F 159 -9.01 -27.46 -19.85
N ILE F 160 -8.33 -27.29 -18.72
CA ILE F 160 -8.13 -28.40 -17.79
C ILE F 160 -8.75 -28.05 -16.43
N LEU F 161 -9.09 -26.79 -16.26
CA LEU F 161 -9.74 -26.32 -15.04
C LEU F 161 -10.54 -25.08 -15.38
N GLY F 162 -11.79 -25.04 -14.92
CA GLY F 162 -12.60 -23.88 -15.18
C GLY F 162 -13.50 -23.58 -14.00
N LEU F 163 -13.83 -22.30 -13.83
CA LEU F 163 -14.70 -21.86 -12.74
C LEU F 163 -15.77 -20.94 -13.32
N ASP F 164 -17.02 -21.32 -13.11
CA ASP F 164 -18.18 -20.59 -13.60
C ASP F 164 -18.38 -19.35 -12.73
N VAL F 165 -18.32 -18.16 -13.33
CA VAL F 165 -18.54 -16.96 -12.51
C VAL F 165 -19.76 -16.17 -12.92
N TRP F 166 -20.70 -16.87 -13.55
CA TRP F 166 -21.97 -16.25 -13.89
C TRP F 166 -22.59 -16.13 -12.51
N GLU F 167 -23.40 -15.10 -12.28
CA GLU F 167 -23.98 -14.95 -10.95
C GLU F 167 -24.85 -16.13 -10.49
N HIS F 168 -25.52 -16.84 -11.40
CA HIS F 168 -26.34 -17.97 -10.97
C HIS F 168 -25.53 -19.06 -10.29
N ALA F 169 -24.23 -19.08 -10.50
CA ALA F 169 -23.38 -20.11 -9.90
C ALA F 169 -23.08 -19.88 -8.43
N TYR F 170 -23.31 -18.65 -7.95
CA TYR F 170 -22.96 -18.35 -6.56
C TYR F 170 -23.88 -17.39 -5.82
N TYR F 171 -24.86 -16.80 -6.51
CA TYR F 171 -25.70 -15.82 -5.83
C TYR F 171 -26.56 -16.28 -4.67
N LEU F 172 -27.07 -17.50 -4.73
CA LEU F 172 -27.92 -17.96 -3.63
C LEU F 172 -27.17 -18.08 -2.31
N ASN F 173 -25.90 -18.49 -2.37
CA ASN F 173 -25.13 -18.66 -1.13
C ASN F 173 -24.12 -17.57 -0.82
N TYR F 174 -23.69 -16.82 -1.83
CA TYR F 174 -22.67 -15.78 -1.63
C TYR F 174 -23.11 -14.37 -2.03
N GLN F 175 -24.24 -14.28 -2.73
CA GLN F 175 -24.74 -13.01 -3.21
C GLN F 175 -23.62 -12.27 -3.96
N ASN F 176 -23.35 -11.01 -3.60
CA ASN F 176 -22.32 -10.21 -4.26
C ASN F 176 -20.87 -10.63 -3.99
N ARG F 177 -20.68 -11.48 -3.00
CA ARG F 177 -19.35 -11.91 -2.59
C ARG F 177 -18.63 -12.93 -3.48
N ARG F 178 -18.44 -12.59 -4.76
CA ARG F 178 -17.77 -13.51 -5.67
C ARG F 178 -16.41 -13.97 -5.13
N PRO F 179 -15.64 -13.06 -4.49
CA PRO F 179 -14.33 -13.52 -3.99
C PRO F 179 -14.43 -14.66 -2.98
N ASP F 180 -15.46 -14.65 -2.13
CA ASP F 180 -15.63 -15.71 -1.14
C ASP F 180 -16.02 -17.04 -1.80
N TYR F 181 -16.69 -16.93 -2.96
CA TYR F 181 -17.10 -18.10 -3.72
C TYR F 181 -15.86 -18.71 -4.35
N ILE F 182 -15.02 -17.85 -4.92
CA ILE F 182 -13.79 -18.30 -5.53
C ILE F 182 -12.91 -19.00 -4.48
N SER F 183 -12.86 -18.45 -3.27
CA SER F 183 -12.07 -19.05 -2.20
C SER F 183 -12.60 -20.45 -1.86
N ALA F 184 -13.92 -20.58 -1.77
CA ALA F 184 -14.57 -21.85 -1.44
C ALA F 184 -14.35 -22.92 -2.51
N PHE F 185 -14.25 -22.49 -3.76
CA PHE F 185 -14.05 -23.37 -4.90
C PHE F 185 -12.83 -24.30 -4.74
N TRP F 186 -11.74 -23.79 -4.20
CA TRP F 186 -10.53 -24.60 -4.01
C TRP F 186 -10.79 -25.85 -3.19
N ASN F 187 -11.80 -25.82 -2.33
CA ASN F 187 -12.13 -26.97 -1.49
C ASN F 187 -12.82 -28.12 -2.18
N VAL F 188 -13.30 -27.89 -3.41
CA VAL F 188 -14.01 -28.94 -4.13
C VAL F 188 -13.35 -29.33 -5.45
N VAL F 189 -12.21 -28.72 -5.77
CA VAL F 189 -11.54 -29.06 -7.02
C VAL F 189 -10.98 -30.47 -7.00
N ASN F 190 -11.26 -31.22 -8.07
CA ASN F 190 -10.80 -32.60 -8.23
C ASN F 190 -9.47 -32.53 -8.98
N TRP F 191 -8.38 -32.41 -8.24
CA TRP F 191 -7.06 -32.31 -8.85
C TRP F 191 -6.61 -33.56 -9.62
N ASP F 192 -7.21 -34.72 -9.33
CA ASP F 192 -6.81 -35.92 -10.08
C ASP F 192 -7.39 -35.80 -11.49
N GLU F 193 -8.56 -35.20 -11.62
CA GLU F 193 -9.18 -35.04 -12.92
C GLU F 193 -8.45 -33.96 -13.73
N VAL F 194 -8.02 -32.90 -13.06
CA VAL F 194 -7.29 -31.84 -13.73
C VAL F 194 -5.99 -32.45 -14.26
N ALA F 195 -5.34 -33.27 -13.43
CA ALA F 195 -4.08 -33.92 -13.83
C ALA F 195 -4.28 -34.84 -15.02
N ARG F 196 -5.40 -35.55 -15.03
CA ARG F 196 -5.68 -36.47 -16.12
C ARG F 196 -5.87 -35.69 -17.42
N LEU F 197 -6.60 -34.58 -17.35
CA LEU F 197 -6.84 -33.76 -18.54
C LEU F 197 -5.54 -33.15 -19.05
N TYR F 198 -4.67 -32.75 -18.12
CA TYR F 198 -3.39 -32.16 -18.47
C TYR F 198 -2.52 -33.19 -19.20
N SER F 199 -2.45 -34.40 -18.66
CA SER F 199 -1.62 -35.45 -19.25
C SER F 199 -2.06 -35.74 -20.69
N GLU F 200 -3.35 -35.64 -20.96
CA GLU F 200 -3.88 -35.90 -22.29
C GLU F 200 -3.76 -34.72 -23.24
N ARG F 201 -3.60 -33.52 -22.69
CA ARG F 201 -3.48 -32.32 -23.52
C ARG F 201 -2.02 -31.94 -23.71
N ALA G 2 6.78 -18.48 7.42
CA ALA G 2 7.47 -19.74 7.82
C ALA G 2 6.47 -20.76 8.35
N TYR G 3 5.56 -20.31 9.22
CA TYR G 3 4.56 -21.21 9.78
C TYR G 3 3.53 -21.58 8.73
N GLU G 4 2.99 -22.79 8.83
CA GLU G 4 2.00 -23.24 7.88
C GLU G 4 0.80 -23.91 8.53
N LEU G 5 -0.31 -23.89 7.82
CA LEU G 5 -1.54 -24.49 8.29
C LEU G 5 -1.42 -26.00 8.15
N PRO G 6 -1.52 -26.75 9.25
CA PRO G 6 -1.41 -28.21 9.17
C PRO G 6 -2.65 -28.83 8.54
N GLU G 7 -2.47 -29.93 7.83
CA GLU G 7 -3.59 -30.62 7.21
C GLU G 7 -4.27 -31.43 8.32
N LEU G 8 -5.58 -31.61 8.21
CA LEU G 8 -6.31 -32.39 9.20
C LEU G 8 -6.02 -33.86 8.98
N PRO G 9 -5.95 -34.64 10.08
CA PRO G 9 -5.68 -36.08 10.02
C PRO G 9 -6.94 -36.90 9.73
N TYR G 10 -8.00 -36.22 9.32
CA TYR G 10 -9.28 -36.86 8.99
C TYR G 10 -10.10 -35.94 8.09
N ALA G 11 -11.20 -36.47 7.54
CA ALA G 11 -12.07 -35.69 6.67
C ALA G 11 -12.81 -34.63 7.47
N TYR G 12 -13.26 -33.58 6.79
CA TYR G 12 -13.99 -32.50 7.47
C TYR G 12 -15.32 -32.97 8.08
N ASP G 13 -15.88 -34.06 7.56
CA ASP G 13 -17.13 -34.58 8.08
C ASP G 13 -16.94 -35.82 8.93
N ALA G 14 -15.68 -36.14 9.26
CA ALA G 14 -15.38 -37.33 10.04
C ALA G 14 -15.82 -37.30 11.51
N LEU G 15 -16.12 -36.11 12.02
CA LEU G 15 -16.51 -35.97 13.42
C LEU G 15 -18.02 -35.80 13.65
N GLU G 16 -18.81 -35.96 12.59
CA GLU G 16 -20.26 -35.85 12.68
C GLU G 16 -20.77 -37.03 13.51
N PRO G 17 -21.85 -36.83 14.29
CA PRO G 17 -22.60 -35.57 14.39
C PRO G 17 -22.12 -34.70 15.54
N HIS G 18 -21.03 -35.10 16.19
CA HIS G 18 -20.51 -34.35 17.33
C HIS G 18 -20.07 -32.95 16.91
N ILE G 19 -19.34 -32.88 15.81
CA ILE G 19 -18.90 -31.59 15.27
C ILE G 19 -19.26 -31.59 13.80
N ASP G 20 -20.05 -30.61 13.39
CA ASP G 20 -20.51 -30.51 12.01
C ASP G 20 -19.44 -30.21 10.98
N LYS G 21 -19.66 -30.70 9.77
CA LYS G 21 -18.73 -30.50 8.67
C LYS G 21 -18.49 -29.02 8.38
N GLU G 22 -19.56 -28.23 8.37
CA GLU G 22 -19.44 -26.81 8.09
C GLU G 22 -18.52 -26.12 9.10
N THR G 23 -18.73 -26.39 10.38
CA THR G 23 -17.90 -25.79 11.41
C THR G 23 -16.43 -26.17 11.21
N MET G 24 -16.17 -27.47 11.00
CA MET G 24 -14.79 -27.89 10.78
C MET G 24 -14.17 -27.15 9.59
N THR G 25 -14.89 -27.03 8.46
CA THR G 25 -14.33 -26.33 7.31
C THR G 25 -13.99 -24.87 7.62
N ILE G 26 -14.92 -24.15 8.24
CA ILE G 26 -14.68 -22.73 8.56
C ILE G 26 -13.62 -22.59 9.65
N HIS G 27 -13.71 -23.43 10.65
CA HIS G 27 -12.76 -23.38 11.76
C HIS G 27 -11.31 -23.54 11.32
N HIS G 28 -11.09 -24.47 10.40
CA HIS G 28 -9.76 -24.76 9.89
C HIS G 28 -9.32 -23.80 8.79
N THR G 29 -10.09 -23.72 7.70
CA THR G 29 -9.70 -22.88 6.57
C THR G 29 -9.83 -21.36 6.74
N LYS G 30 -10.61 -20.91 7.71
CA LYS G 30 -10.76 -19.47 7.92
C LYS G 30 -10.13 -19.03 9.23
N HIS G 31 -10.66 -19.51 10.35
CA HIS G 31 -10.11 -19.10 11.63
C HIS G 31 -8.65 -19.47 11.83
N HIS G 32 -8.33 -20.76 11.78
CA HIS G 32 -6.94 -21.17 11.98
C HIS G 32 -6.01 -20.56 10.92
N ASN G 33 -6.43 -20.59 9.66
CA ASN G 33 -5.61 -20.04 8.59
C ASN G 33 -5.29 -18.56 8.86
N THR G 34 -6.26 -17.81 9.36
CA THR G 34 -6.04 -16.39 9.66
C THR G 34 -4.98 -16.20 10.74
N TYR G 35 -4.97 -17.06 11.75
CA TYR G 35 -3.95 -16.92 12.80
C TYR G 35 -2.58 -17.17 12.19
N VAL G 36 -2.47 -18.16 11.31
CA VAL G 36 -1.18 -18.44 10.69
C VAL G 36 -0.73 -17.24 9.84
N THR G 37 -1.63 -16.70 9.05
CA THR G 37 -1.30 -15.55 8.21
C THR G 37 -0.82 -14.36 9.03
N ASN G 38 -1.55 -14.02 10.09
CA ASN G 38 -1.17 -12.90 10.93
C ASN G 38 0.08 -13.17 11.74
N LEU G 39 0.30 -14.43 12.11
CA LEU G 39 1.50 -14.78 12.87
C LEU G 39 2.72 -14.55 12.00
N ASN G 40 2.65 -15.02 10.75
CA ASN G 40 3.77 -14.85 9.83
C ASN G 40 4.06 -13.38 9.55
N LYS G 41 3.03 -12.55 9.47
CA LYS G 41 3.24 -11.12 9.20
C LYS G 41 3.84 -10.42 10.42
N ALA G 42 3.70 -11.02 11.59
CA ALA G 42 4.22 -10.45 12.82
C ALA G 42 5.70 -10.75 13.02
N VAL G 43 6.10 -11.99 12.79
CA VAL G 43 7.50 -12.39 12.98
C VAL G 43 8.38 -12.13 11.77
N GLU G 44 7.79 -11.63 10.69
CA GLU G 44 8.56 -11.36 9.48
C GLU G 44 9.69 -10.38 9.77
N GLY G 45 10.88 -10.70 9.27
CA GLY G 45 12.03 -9.85 9.48
C GLY G 45 12.79 -10.22 10.75
N ASN G 46 12.16 -11.01 11.61
CA ASN G 46 12.80 -11.45 12.85
C ASN G 46 13.26 -12.89 12.65
N THR G 47 14.58 -13.09 12.74
CA THR G 47 15.15 -14.42 12.55
C THR G 47 15.04 -15.31 13.79
N ALA G 48 15.42 -14.76 14.93
CA ALA G 48 15.37 -15.49 16.19
C ALA G 48 14.01 -16.14 16.46
N LEU G 49 12.95 -15.39 16.21
CA LEU G 49 11.60 -15.90 16.44
C LEU G 49 11.09 -16.86 15.37
N ALA G 50 11.32 -16.50 14.11
CA ALA G 50 10.87 -17.33 13.00
C ALA G 50 11.41 -18.77 13.06
N ASN G 51 12.62 -18.93 13.58
CA ASN G 51 13.23 -20.26 13.69
C ASN G 51 12.63 -21.11 14.80
N LYS G 52 12.00 -20.46 15.78
CA LYS G 52 11.39 -21.18 16.88
C LYS G 52 10.08 -21.80 16.46
N SER G 53 9.76 -22.96 17.03
CA SER G 53 8.50 -23.63 16.71
C SER G 53 7.46 -22.73 17.36
N VAL G 54 6.19 -22.85 16.96
CA VAL G 54 5.16 -22.00 17.54
C VAL G 54 5.05 -22.21 19.05
N GLU G 55 5.26 -23.45 19.50
CA GLU G 55 5.20 -23.77 20.92
C GLU G 55 6.27 -23.02 21.71
N GLU G 56 7.49 -23.03 21.19
CA GLU G 56 8.60 -22.34 21.84
C GLU G 56 8.38 -20.83 21.80
N LEU G 57 7.84 -20.35 20.68
CA LEU G 57 7.57 -18.93 20.50
C LEU G 57 6.62 -18.41 21.58
N VAL G 58 5.49 -19.09 21.79
CA VAL G 58 4.51 -18.67 22.78
C VAL G 58 4.92 -18.99 24.21
N ALA G 59 5.85 -19.92 24.36
CA ALA G 59 6.32 -20.31 25.70
C ALA G 59 7.01 -19.15 26.39
N ASP G 60 7.65 -18.28 25.63
CA ASP G 60 8.34 -17.13 26.21
C ASP G 60 8.03 -15.83 25.46
N LEU G 61 6.84 -15.30 25.73
CA LEU G 61 6.37 -14.07 25.09
C LEU G 61 7.19 -12.85 25.52
N ASP G 62 7.99 -13.01 26.57
CA ASP G 62 8.81 -11.91 27.06
C ASP G 62 10.00 -11.63 26.15
N SER G 63 10.42 -12.64 25.38
CA SER G 63 11.55 -12.47 24.48
C SER G 63 11.09 -11.90 23.13
N VAL G 64 9.81 -11.59 23.02
CA VAL G 64 9.27 -11.03 21.79
C VAL G 64 9.17 -9.51 21.89
N PRO G 65 9.62 -8.78 20.86
CA PRO G 65 9.56 -7.31 20.87
C PRO G 65 8.16 -6.82 21.21
N GLU G 66 8.07 -5.80 22.09
CA GLU G 66 6.78 -5.26 22.50
C GLU G 66 5.90 -4.80 21.35
N ASN G 67 6.51 -4.31 20.28
CA ASN G 67 5.76 -3.82 19.13
C ASN G 67 4.91 -4.89 18.45
N ILE G 68 5.28 -6.15 18.62
CA ILE G 68 4.54 -7.26 18.02
C ILE G 68 4.12 -8.31 19.04
N ARG G 69 4.40 -8.02 20.32
CA ARG G 69 4.08 -8.96 21.39
C ARG G 69 2.62 -9.39 21.39
N THR G 70 1.71 -8.44 21.20
CA THR G 70 0.29 -8.74 21.18
C THR G 70 -0.06 -9.63 19.99
N ALA G 71 0.48 -9.29 18.83
CA ALA G 71 0.24 -10.05 17.61
C ALA G 71 0.69 -11.51 17.79
N VAL G 72 1.85 -11.69 18.40
CA VAL G 72 2.37 -13.05 18.62
C VAL G 72 1.53 -13.78 19.66
N ARG G 73 1.17 -13.07 20.73
CA ARG G 73 0.36 -13.65 21.78
C ARG G 73 -0.94 -14.20 21.19
N ASN G 74 -1.70 -13.32 20.54
CA ASN G 74 -2.98 -13.73 19.96
C ASN G 74 -2.91 -14.70 18.78
N ASN G 75 -2.04 -14.42 17.82
CA ASN G 75 -1.93 -15.28 16.64
C ASN G 75 -1.04 -16.51 16.84
N GLY G 76 0.00 -16.36 17.66
CA GLY G 76 0.88 -17.46 17.94
C GLY G 76 0.11 -18.45 18.79
N GLY G 77 -0.64 -17.92 19.76
CA GLY G 77 -1.45 -18.75 20.61
C GLY G 77 -2.53 -19.41 19.79
N GLY G 78 -3.10 -18.66 18.85
CA GLY G 78 -4.15 -19.20 18.00
C GLY G 78 -3.62 -20.38 17.22
N HIS G 79 -2.43 -20.22 16.66
CA HIS G 79 -1.85 -21.28 15.86
C HIS G 79 -1.45 -22.49 16.70
N ALA G 80 -0.81 -22.26 17.83
CA ALA G 80 -0.40 -23.37 18.69
C ALA G 80 -1.60 -24.12 19.25
N ASN G 81 -2.61 -23.38 19.67
CA ASN G 81 -3.79 -24.00 20.26
C ASN G 81 -4.58 -24.87 19.29
N HIS G 82 -4.81 -24.37 18.07
CA HIS G 82 -5.56 -25.13 17.09
C HIS G 82 -4.76 -26.27 16.50
N LYS G 83 -3.46 -26.04 16.33
CA LYS G 83 -2.60 -27.10 15.79
C LYS G 83 -2.71 -28.31 16.73
N LEU G 84 -2.73 -28.06 18.03
CA LEU G 84 -2.86 -29.16 18.99
C LEU G 84 -4.26 -29.77 18.96
N PHE G 85 -5.26 -28.90 18.95
CA PHE G 85 -6.66 -29.31 18.94
C PHE G 85 -7.03 -30.33 17.85
N TRP G 86 -6.61 -30.10 16.62
CA TRP G 86 -6.95 -31.03 15.55
C TRP G 86 -6.41 -32.43 15.83
N THR G 87 -5.22 -32.50 16.43
CA THR G 87 -4.59 -33.79 16.71
C THR G 87 -5.21 -34.55 17.88
N LEU G 88 -6.07 -33.88 18.65
CA LEU G 88 -6.71 -34.49 19.81
C LEU G 88 -8.07 -35.08 19.51
N LEU G 89 -8.56 -34.85 18.30
CA LEU G 89 -9.86 -35.35 17.88
C LEU G 89 -9.68 -36.50 16.89
N SER G 90 -10.67 -37.38 16.81
CA SER G 90 -10.61 -38.51 15.89
C SER G 90 -11.97 -39.15 15.69
N PRO G 91 -12.25 -39.64 14.46
CA PRO G 91 -13.53 -40.27 14.19
C PRO G 91 -13.61 -41.62 14.91
N ASN G 92 -12.47 -42.09 15.39
CA ASN G 92 -12.42 -43.35 16.13
C ASN G 92 -12.06 -43.10 17.59
N GLY G 93 -12.13 -41.83 17.99
CA GLY G 93 -11.81 -41.48 19.37
C GLY G 93 -12.91 -41.87 20.33
N GLY G 94 -12.89 -41.29 21.52
CA GLY G 94 -13.89 -41.60 22.52
C GLY G 94 -13.35 -42.60 23.51
N GLY G 95 -14.25 -43.25 24.25
CA GLY G 95 -13.81 -44.23 25.23
C GLY G 95 -13.17 -43.55 26.43
N GLU G 96 -12.17 -44.22 27.02
CA GLU G 96 -11.49 -43.67 28.18
C GLU G 96 -9.99 -43.89 28.10
N PRO G 97 -9.23 -43.10 28.87
CA PRO G 97 -7.76 -43.20 28.91
C PRO G 97 -7.32 -44.56 29.45
N THR G 98 -6.05 -44.88 29.22
CA THR G 98 -5.47 -46.14 29.68
C THR G 98 -4.04 -45.90 30.12
N GLY G 99 -3.36 -46.98 30.53
CA GLY G 99 -1.97 -46.88 30.94
C GLY G 99 -1.67 -45.93 32.08
N ALA G 100 -0.51 -45.27 31.99
CA ALA G 100 -0.07 -44.34 33.03
C ALA G 100 -1.01 -43.14 33.15
N LEU G 101 -1.45 -42.63 32.00
CA LEU G 101 -2.35 -41.48 31.99
C LEU G 101 -3.61 -41.76 32.81
N ALA G 102 -4.19 -42.94 32.61
CA ALA G 102 -5.40 -43.31 33.33
C ALA G 102 -5.11 -43.37 34.83
N GLU G 103 -3.94 -43.89 35.19
CA GLU G 103 -3.56 -44.00 36.58
C GLU G 103 -3.47 -42.65 37.29
N GLU G 104 -2.79 -41.68 36.69
CA GLU G 104 -2.67 -40.37 37.33
C GLU G 104 -4.01 -39.67 37.40
N ILE G 105 -4.82 -39.84 36.36
CA ILE G 105 -6.14 -39.23 36.33
C ILE G 105 -6.97 -39.71 37.52
N ASN G 106 -6.96 -41.01 37.78
CA ASN G 106 -7.72 -41.54 38.89
C ASN G 106 -7.13 -41.14 40.22
N SER G 107 -5.81 -40.92 40.24
CA SER G 107 -5.11 -40.54 41.46
C SER G 107 -5.31 -39.07 41.82
N VAL G 108 -5.33 -38.21 40.81
CA VAL G 108 -5.49 -36.78 41.01
C VAL G 108 -6.95 -36.31 41.08
N PHE G 109 -7.79 -36.83 40.20
CA PHE G 109 -9.20 -36.43 40.19
C PHE G 109 -10.17 -37.43 40.79
N GLY G 110 -9.67 -38.62 41.15
CA GLY G 110 -10.54 -39.63 41.73
C GLY G 110 -10.96 -40.70 40.75
N SER G 111 -11.35 -40.28 39.55
CA SER G 111 -11.77 -41.21 38.51
C SER G 111 -11.92 -40.43 37.21
N PHE G 112 -12.05 -41.16 36.11
CA PHE G 112 -12.21 -40.52 34.81
C PHE G 112 -13.50 -39.72 34.75
N ASP G 113 -14.58 -40.30 35.25
CA ASP G 113 -15.87 -39.61 35.23
C ASP G 113 -15.78 -38.32 36.05
N LYS G 114 -15.12 -38.37 37.20
CA LYS G 114 -14.96 -37.19 38.04
C LYS G 114 -14.11 -36.16 37.29
N PHE G 115 -13.08 -36.64 36.60
CA PHE G 115 -12.22 -35.74 35.83
C PHE G 115 -13.06 -35.03 34.78
N LYS G 116 -13.91 -35.78 34.08
CA LYS G 116 -14.74 -35.17 33.05
C LYS G 116 -15.65 -34.09 33.64
N GLU G 117 -16.18 -34.33 34.83
CA GLU G 117 -17.06 -33.36 35.47
C GLU G 117 -16.31 -32.07 35.78
N GLN G 118 -15.08 -32.20 36.27
CA GLN G 118 -14.26 -31.04 36.59
C GLN G 118 -13.89 -30.27 35.33
N PHE G 119 -13.48 -31.01 34.29
CA PHE G 119 -13.10 -30.40 33.02
C PHE G 119 -14.30 -29.67 32.42
N ALA G 120 -15.46 -30.30 32.44
CA ALA G 120 -16.68 -29.71 31.89
C ALA G 120 -17.05 -28.42 32.63
N ALA G 121 -16.82 -28.40 33.93
CA ALA G 121 -17.15 -27.24 34.74
C ALA G 121 -16.22 -26.08 34.39
N ALA G 122 -14.96 -26.40 34.12
CA ALA G 122 -13.99 -25.38 33.76
C ALA G 122 -14.34 -24.82 32.39
N ALA G 123 -14.75 -25.72 31.50
CA ALA G 123 -15.12 -25.32 30.14
C ALA G 123 -16.37 -24.45 30.12
N ALA G 124 -17.38 -24.85 30.89
CA ALA G 124 -18.62 -24.09 30.94
C ALA G 124 -18.47 -22.78 31.70
N GLY G 125 -17.54 -22.76 32.64
CA GLY G 125 -17.32 -21.58 33.46
C GLY G 125 -16.50 -20.45 32.85
N ARG G 126 -15.87 -20.70 31.70
CA ARG G 126 -15.07 -19.69 31.04
C ARG G 126 -15.99 -18.66 30.38
N PHE G 127 -16.03 -17.45 30.95
CA PHE G 127 -16.87 -16.38 30.43
C PHE G 127 -16.18 -15.68 29.27
N GLY G 128 -16.86 -15.59 28.13
CA GLY G 128 -16.27 -14.96 26.97
C GLY G 128 -15.57 -16.05 26.16
N SER G 129 -14.56 -15.66 25.39
CA SER G 129 -13.81 -16.61 24.58
C SER G 129 -12.67 -17.23 25.38
N GLY G 130 -12.31 -18.46 25.04
CA GLY G 130 -11.22 -19.12 25.73
C GLY G 130 -11.09 -20.61 25.48
N TRP G 131 -10.32 -21.27 26.33
CA TRP G 131 -10.04 -22.69 26.24
C TRP G 131 -10.02 -23.35 27.61
N ALA G 132 -10.40 -24.63 27.66
CA ALA G 132 -10.37 -25.40 28.90
C ALA G 132 -9.20 -26.37 28.67
N TRP G 133 -8.37 -26.55 29.70
CA TRP G 133 -7.19 -27.40 29.55
C TRP G 133 -6.94 -28.43 30.64
N LEU G 134 -6.19 -29.44 30.24
CA LEU G 134 -5.70 -30.50 31.12
C LEU G 134 -4.21 -30.35 30.83
N VAL G 135 -3.41 -30.04 31.84
CA VAL G 135 -1.99 -29.85 31.60
C VAL G 135 -1.13 -30.51 32.66
N VAL G 136 0.17 -30.49 32.40
CA VAL G 136 1.16 -31.01 33.32
C VAL G 136 1.83 -29.76 33.87
N ASN G 137 1.78 -29.58 35.18
CA ASN G 137 2.39 -28.42 35.84
C ASN G 137 3.26 -28.94 36.97
N ASN G 138 4.57 -28.69 36.87
CA ASN G 138 5.52 -29.14 37.89
C ASN G 138 5.47 -30.67 38.06
N GLY G 139 5.17 -31.36 36.96
CA GLY G 139 5.12 -32.81 36.99
C GLY G 139 3.81 -33.39 37.50
N LYS G 140 2.76 -32.59 37.52
CA LYS G 140 1.45 -33.06 37.99
C LYS G 140 0.30 -32.56 37.12
N LEU G 141 -0.73 -33.39 36.98
CA LEU G 141 -1.89 -33.03 36.17
C LEU G 141 -2.79 -32.00 36.86
N GLU G 142 -3.29 -31.06 36.09
CA GLU G 142 -4.17 -30.01 36.62
C GLU G 142 -5.08 -29.48 35.52
N ILE G 143 -6.29 -29.08 35.91
CA ILE G 143 -7.25 -28.52 34.96
C ILE G 143 -7.22 -27.02 35.10
N THR G 144 -7.23 -26.31 33.98
CA THR G 144 -7.22 -24.86 34.00
C THR G 144 -8.00 -24.33 32.81
N SER G 145 -8.19 -23.01 32.78
CA SER G 145 -8.89 -22.37 31.68
C SER G 145 -8.13 -21.09 31.34
N THR G 146 -8.06 -20.76 30.05
CA THR G 146 -7.36 -19.54 29.63
C THR G 146 -8.29 -18.69 28.76
N PRO G 147 -8.09 -17.36 28.78
CA PRO G 147 -8.94 -16.48 27.96
C PRO G 147 -8.40 -16.32 26.54
N ASN G 148 -9.33 -16.05 25.60
CA ASN G 148 -8.96 -15.81 24.20
C ASN G 148 -8.03 -16.90 23.65
N GLN G 149 -6.84 -16.53 23.18
CA GLN G 149 -5.92 -17.56 22.66
C GLN G 149 -4.70 -17.71 23.56
N ASP G 150 -4.83 -17.30 24.83
CA ASP G 150 -3.71 -17.44 25.74
C ASP G 150 -3.44 -18.94 25.93
N SER G 151 -2.17 -19.29 26.08
CA SER G 151 -1.79 -20.68 26.24
C SER G 151 -1.08 -20.96 27.56
N PRO G 152 -1.35 -22.13 28.15
CA PRO G 152 -0.70 -22.47 29.43
C PRO G 152 0.82 -22.55 29.25
N LEU G 153 1.28 -22.69 28.00
CA LEU G 153 2.72 -22.76 27.72
C LEU G 153 3.44 -21.51 28.18
N SER G 154 2.75 -20.38 28.14
CA SER G 154 3.33 -19.10 28.53
C SER G 154 3.52 -19.01 30.04
N GLU G 155 2.91 -19.94 30.77
CA GLU G 155 3.01 -19.98 32.23
C GLU G 155 3.85 -21.17 32.70
N GLY G 156 4.52 -21.83 31.76
CA GLY G 156 5.35 -22.96 32.11
C GLY G 156 4.61 -24.28 32.26
N LYS G 157 3.38 -24.32 31.77
CA LYS G 157 2.56 -25.52 31.85
C LYS G 157 2.47 -26.16 30.47
N THR G 158 2.36 -27.48 30.43
CA THR G 158 2.28 -28.19 29.15
C THR G 158 0.89 -28.79 28.94
N PRO G 159 0.16 -28.31 27.92
CA PRO G 159 -1.18 -28.85 27.67
C PRO G 159 -1.13 -30.21 26.98
N ILE G 160 -1.98 -31.13 27.42
CA ILE G 160 -2.04 -32.45 26.80
C ILE G 160 -3.45 -32.70 26.27
N LEU G 161 -4.38 -31.85 26.69
CA LEU G 161 -5.77 -31.91 26.25
C LEU G 161 -6.35 -30.51 26.34
N GLY G 162 -7.08 -30.11 25.30
CA GLY G 162 -7.69 -28.79 25.33
C GLY G 162 -9.00 -28.80 24.57
N LEU G 163 -9.94 -27.96 25.00
CA LEU G 163 -11.23 -27.82 24.34
C LEU G 163 -11.47 -26.35 24.04
N ASP G 164 -11.71 -26.04 22.77
CA ASP G 164 -11.97 -24.68 22.31
C ASP G 164 -13.37 -24.25 22.73
N VAL G 165 -13.47 -23.21 23.57
CA VAL G 165 -14.75 -22.70 24.06
C VAL G 165 -15.19 -21.42 23.35
N TRP G 166 -14.46 -21.00 22.33
CA TRP G 166 -14.86 -19.81 21.54
C TRP G 166 -16.19 -20.18 20.91
N GLU G 167 -17.09 -19.23 20.77
CA GLU G 167 -18.38 -19.57 20.20
C GLU G 167 -18.30 -20.11 18.78
N HIS G 168 -17.29 -19.70 18.01
CA HIS G 168 -17.20 -20.18 16.64
C HIS G 168 -16.98 -21.70 16.58
N ALA G 169 -16.48 -22.27 17.67
CA ALA G 169 -16.24 -23.72 17.73
C ALA G 169 -17.52 -24.54 17.84
N TYR G 170 -18.61 -23.92 18.27
CA TYR G 170 -19.86 -24.68 18.46
C TYR G 170 -21.18 -24.00 18.14
N TYR G 171 -21.17 -22.73 17.77
CA TYR G 171 -22.43 -22.05 17.54
C TYR G 171 -23.32 -22.58 16.43
N LEU G 172 -22.74 -23.00 15.31
CA LEU G 172 -23.57 -23.47 14.20
C LEU G 172 -24.40 -24.70 14.56
N ASN G 173 -23.84 -25.59 15.36
CA ASN G 173 -24.56 -26.82 15.71
C ASN G 173 -25.22 -26.79 17.09
N TYR G 174 -24.66 -26.02 18.02
CA TYR G 174 -25.20 -25.97 19.37
C TYR G 174 -25.73 -24.62 19.86
N GLN G 175 -25.51 -23.57 19.07
CA GLN G 175 -25.91 -22.23 19.44
C GLN G 175 -25.46 -21.92 20.88
N ASN G 176 -26.36 -21.41 21.71
CA ASN G 176 -25.99 -21.09 23.09
C ASN G 176 -25.74 -22.27 24.02
N ARG G 177 -26.10 -23.47 23.57
CA ARG G 177 -25.96 -24.68 24.38
C ARG G 177 -24.55 -25.24 24.52
N ARG G 178 -23.64 -24.46 25.12
CA ARG G 178 -22.27 -24.91 25.30
C ARG G 178 -22.13 -26.24 26.05
N PRO G 179 -22.96 -26.48 27.08
CA PRO G 179 -22.82 -27.76 27.80
C PRO G 179 -23.01 -28.97 26.89
N ASP G 180 -23.92 -28.87 25.93
CA ASP G 180 -24.16 -29.98 24.99
C ASP G 180 -22.93 -30.22 24.11
N TYR G 181 -22.24 -29.14 23.75
CA TYR G 181 -21.03 -29.25 22.93
C TYR G 181 -19.93 -29.94 23.73
N ILE G 182 -19.75 -29.51 24.98
CA ILE G 182 -18.74 -30.08 25.85
C ILE G 182 -19.02 -31.59 26.03
N SER G 183 -20.28 -31.96 26.18
CA SER G 183 -20.64 -33.36 26.35
C SER G 183 -20.31 -34.19 25.10
N ALA G 184 -20.59 -33.63 23.93
CA ALA G 184 -20.33 -34.34 22.68
C ALA G 184 -18.84 -34.48 22.42
N PHE G 185 -18.06 -33.55 22.97
CA PHE G 185 -16.60 -33.54 22.81
C PHE G 185 -15.97 -34.86 23.23
N TRP G 186 -16.45 -35.43 24.33
CA TRP G 186 -15.89 -36.68 24.83
C TRP G 186 -15.95 -37.84 23.85
N ASN G 187 -16.88 -37.76 22.89
CA ASN G 187 -17.05 -38.80 21.88
C ASN G 187 -15.97 -38.82 20.81
N VAL G 188 -15.25 -37.71 20.65
CA VAL G 188 -14.21 -37.62 19.63
C VAL G 188 -12.77 -37.44 20.14
N VAL G 189 -12.58 -37.49 21.45
CA VAL G 189 -11.22 -37.33 22.00
C VAL G 189 -10.36 -38.54 21.68
N ASN G 190 -9.14 -38.26 21.20
CA ASN G 190 -8.19 -39.32 20.86
C ASN G 190 -7.29 -39.51 22.08
N TRP G 191 -7.70 -40.39 22.98
CA TRP G 191 -6.92 -40.62 24.19
C TRP G 191 -5.54 -41.22 23.97
N ASP G 192 -5.32 -41.85 22.82
CA ASP G 192 -4.00 -42.40 22.55
C ASP G 192 -3.02 -41.25 22.33
N GLU G 193 -3.50 -40.16 21.72
CA GLU G 193 -2.66 -39.00 21.46
C GLU G 193 -2.41 -38.27 22.78
N VAL G 194 -3.45 -38.16 23.60
CA VAL G 194 -3.29 -37.49 24.89
C VAL G 194 -2.24 -38.23 25.70
N ALA G 195 -2.30 -39.56 25.69
CA ALA G 195 -1.34 -40.38 26.43
C ALA G 195 0.09 -40.15 25.92
N ARG G 196 0.22 -39.98 24.61
CA ARG G 196 1.53 -39.74 24.00
C ARG G 196 2.08 -38.40 24.47
N LEU G 197 1.22 -37.38 24.50
CA LEU G 197 1.65 -36.06 24.94
C LEU G 197 1.97 -36.07 26.43
N TYR G 198 1.23 -36.88 27.19
CA TYR G 198 1.46 -37.00 28.62
C TYR G 198 2.90 -37.50 28.84
N SER G 199 3.27 -38.57 28.15
CA SER G 199 4.61 -39.14 28.29
C SER G 199 5.68 -38.10 27.96
N GLU G 200 5.45 -37.32 26.90
CA GLU G 200 6.42 -36.31 26.50
C GLU G 200 6.50 -35.14 27.48
N ARG G 201 5.41 -34.90 28.20
CA ARG G 201 5.34 -33.80 29.16
C ARG G 201 5.86 -34.21 30.54
N ALA H 2 -34.22 -8.23 41.09
CA ALA H 2 -35.56 -7.87 40.66
C ALA H 2 -35.55 -7.33 39.23
N TYR H 3 -34.43 -7.48 38.55
CA TYR H 3 -34.29 -7.01 37.18
C TYR H 3 -35.11 -7.87 36.22
N GLU H 4 -35.52 -7.28 35.10
CA GLU H 4 -36.32 -8.01 34.14
C GLU H 4 -35.83 -7.85 32.71
N LEU H 5 -36.18 -8.80 31.86
CA LEU H 5 -35.78 -8.75 30.45
C LEU H 5 -36.74 -7.85 29.70
N PRO H 6 -36.21 -6.79 29.06
CA PRO H 6 -37.08 -5.88 28.30
C PRO H 6 -37.55 -6.52 26.99
N GLU H 7 -38.74 -6.15 26.52
CA GLU H 7 -39.23 -6.69 25.26
C GLU H 7 -38.64 -5.87 24.12
N LEU H 8 -38.48 -6.46 22.95
CA LEU H 8 -37.92 -5.73 21.81
C LEU H 8 -38.94 -4.72 21.31
N PRO H 9 -38.47 -3.55 20.85
CA PRO H 9 -39.38 -2.51 20.35
C PRO H 9 -39.79 -2.75 18.89
N TYR H 10 -39.50 -3.95 18.40
CA TYR H 10 -39.83 -4.35 17.03
C TYR H 10 -39.92 -5.86 16.93
N ALA H 11 -40.42 -6.35 15.79
CA ALA H 11 -40.56 -7.78 15.57
C ALA H 11 -39.18 -8.45 15.50
N TYR H 12 -39.13 -9.75 15.80
CA TYR H 12 -37.84 -10.45 15.77
C TYR H 12 -37.22 -10.57 14.38
N ASP H 13 -38.04 -10.38 13.35
CA ASP H 13 -37.53 -10.45 11.98
C ASP H 13 -37.48 -9.08 11.31
N ALA H 14 -37.72 -8.02 12.08
CA ALA H 14 -37.74 -6.65 11.58
C ALA H 14 -36.41 -6.10 11.09
N LEU H 15 -35.31 -6.74 11.49
CA LEU H 15 -33.98 -6.29 11.11
C LEU H 15 -33.37 -7.09 9.96
N GLU H 16 -34.15 -7.99 9.37
CA GLU H 16 -33.65 -8.77 8.24
C GLU H 16 -33.57 -7.85 7.02
N PRO H 17 -32.63 -8.13 6.10
CA PRO H 17 -31.67 -9.22 6.12
C PRO H 17 -30.36 -8.97 6.88
N HIS H 18 -30.23 -7.80 7.49
CA HIS H 18 -29.02 -7.41 8.22
C HIS H 18 -28.74 -8.30 9.42
N ILE H 19 -29.78 -8.57 10.19
CA ILE H 19 -29.67 -9.46 11.34
C ILE H 19 -30.84 -10.41 11.21
N ASP H 20 -30.54 -11.70 11.16
CA ASP H 20 -31.54 -12.75 11.00
C ASP H 20 -32.45 -12.95 12.20
N LYS H 21 -33.68 -13.37 11.95
CA LYS H 21 -34.64 -13.61 13.03
C LYS H 21 -34.16 -14.65 14.03
N GLU H 22 -33.54 -15.71 13.52
CA GLU H 22 -33.05 -16.78 14.39
C GLU H 22 -32.08 -16.22 15.42
N THR H 23 -31.17 -15.37 14.96
CA THR H 23 -30.20 -14.76 15.86
C THR H 23 -30.89 -13.82 16.86
N MET H 24 -31.76 -12.95 16.37
CA MET H 24 -32.46 -12.05 17.28
C MET H 24 -33.19 -12.88 18.35
N THR H 25 -33.84 -13.96 17.95
CA THR H 25 -34.56 -14.81 18.90
C THR H 25 -33.65 -15.42 19.97
N ILE H 26 -32.57 -16.06 19.56
CA ILE H 26 -31.66 -16.67 20.53
C ILE H 26 -30.91 -15.62 21.33
N HIS H 27 -30.48 -14.57 20.67
CA HIS H 27 -29.72 -13.50 21.32
C HIS H 27 -30.51 -12.86 22.45
N HIS H 28 -31.78 -12.58 22.20
CA HIS H 28 -32.63 -11.95 23.20
C HIS H 28 -33.21 -12.93 24.22
N THR H 29 -33.93 -13.94 23.76
CA THR H 29 -34.57 -14.88 24.69
C THR H 29 -33.69 -15.88 25.43
N LYS H 30 -32.47 -16.12 24.95
CA LYS H 30 -31.58 -17.05 25.62
C LYS H 30 -30.38 -16.34 26.22
N HIS H 31 -29.57 -15.71 25.38
CA HIS H 31 -28.39 -15.01 25.89
C HIS H 31 -28.71 -13.89 26.86
N HIS H 32 -29.48 -12.90 26.43
CA HIS H 32 -29.82 -11.79 27.31
C HIS H 32 -30.57 -12.30 28.54
N ASN H 33 -31.54 -13.18 28.32
CA ASN H 33 -32.32 -13.72 29.42
C ASN H 33 -31.43 -14.36 30.49
N THR H 34 -30.39 -15.07 30.05
CA THR H 34 -29.48 -15.70 30.98
C THR H 34 -28.74 -14.64 31.81
N TYR H 35 -28.38 -13.52 31.19
CA TYR H 35 -27.70 -12.46 31.93
C TYR H 35 -28.57 -11.92 33.04
N VAL H 36 -29.86 -11.75 32.76
CA VAL H 36 -30.79 -11.23 33.77
C VAL H 36 -30.97 -12.24 34.90
N THR H 37 -31.15 -13.51 34.54
CA THR H 37 -31.32 -14.58 35.52
C THR H 37 -30.13 -14.68 36.48
N ASN H 38 -28.91 -14.67 35.95
CA ASN H 38 -27.74 -14.77 36.80
C ASN H 38 -27.48 -13.49 37.58
N LEU H 39 -27.89 -12.35 37.01
CA LEU H 39 -27.72 -11.07 37.68
C LEU H 39 -28.59 -11.03 38.94
N ASN H 40 -29.85 -11.45 38.80
CA ASN H 40 -30.76 -11.44 39.94
C ASN H 40 -30.28 -12.40 41.04
N LYS H 41 -29.68 -13.52 40.65
CA LYS H 41 -29.19 -14.48 41.62
C LYS H 41 -28.00 -13.91 42.40
N ALA H 42 -27.20 -13.09 41.73
CA ALA H 42 -26.03 -12.48 42.36
C ALA H 42 -26.45 -11.47 43.42
N VAL H 43 -27.41 -10.62 43.08
CA VAL H 43 -27.90 -9.59 43.99
C VAL H 43 -29.07 -10.11 44.82
N THR H 47 -30.86 -6.66 49.90
CA THR H 47 -31.85 -5.85 49.22
C THR H 47 -31.25 -4.50 48.85
N ALA H 48 -30.03 -4.26 49.31
CA ALA H 48 -29.33 -3.01 49.06
C ALA H 48 -29.33 -2.65 47.58
N LEU H 49 -28.86 -3.58 46.75
CA LEU H 49 -28.79 -3.37 45.31
C LEU H 49 -30.07 -3.89 44.63
N ALA H 50 -31.14 -4.03 45.41
CA ALA H 50 -32.39 -4.53 44.87
C ALA H 50 -33.27 -3.42 44.29
N ASN H 51 -32.76 -2.19 44.32
CA ASN H 51 -33.51 -1.05 43.79
C ASN H 51 -32.66 -0.15 42.91
N LYS H 52 -31.41 -0.54 42.69
CA LYS H 52 -30.51 0.25 41.86
C LYS H 52 -30.62 -0.24 40.42
N SER H 53 -30.84 0.69 39.49
CA SER H 53 -30.95 0.34 38.08
C SER H 53 -29.64 -0.35 37.71
N VAL H 54 -29.68 -1.21 36.69
CA VAL H 54 -28.46 -1.93 36.29
C VAL H 54 -27.36 -0.97 35.85
N GLU H 55 -27.74 0.14 35.24
CA GLU H 55 -26.77 1.12 34.79
C GLU H 55 -26.04 1.73 35.98
N GLU H 56 -26.81 2.12 37.00
CA GLU H 56 -26.22 2.71 38.19
C GLU H 56 -25.42 1.68 38.99
N LEU H 57 -25.73 0.41 38.76
CA LEU H 57 -25.06 -0.70 39.45
C LEU H 57 -23.69 -0.97 38.84
N VAL H 58 -23.63 -0.97 37.51
CA VAL H 58 -22.39 -1.23 36.80
C VAL H 58 -21.46 -0.02 36.80
N ALA H 59 -22.00 1.17 37.04
CA ALA H 59 -21.19 2.38 37.07
C ALA H 59 -20.21 2.39 38.25
N ASP H 60 -20.49 1.60 39.27
CA ASP H 60 -19.61 1.55 40.43
C ASP H 60 -19.48 0.13 40.98
N LEU H 61 -18.68 -0.70 40.31
CA LEU H 61 -18.49 -2.07 40.76
C LEU H 61 -17.73 -2.14 42.08
N ASP H 62 -16.92 -1.14 42.37
CA ASP H 62 -16.16 -1.11 43.62
C ASP H 62 -17.08 -1.06 44.84
N SER H 63 -18.30 -0.57 44.65
CA SER H 63 -19.26 -0.49 45.73
C SER H 63 -19.99 -1.82 45.90
N VAL H 64 -19.71 -2.77 45.02
CA VAL H 64 -20.33 -4.08 45.09
C VAL H 64 -19.41 -5.07 45.81
N PRO H 65 -19.96 -5.89 46.73
CA PRO H 65 -19.18 -6.87 47.48
C PRO H 65 -18.31 -7.72 46.55
N GLU H 66 -17.13 -8.09 47.02
CA GLU H 66 -16.20 -8.90 46.23
C GLU H 66 -16.69 -10.30 45.90
N ASN H 67 -17.49 -10.89 46.78
CA ASN H 67 -17.98 -12.25 46.55
C ASN H 67 -18.96 -12.32 45.38
N ILE H 68 -19.42 -11.17 44.92
CA ILE H 68 -20.36 -11.11 43.80
C ILE H 68 -19.96 -10.05 42.77
N ARG H 69 -18.81 -9.41 43.00
CA ARG H 69 -18.34 -8.37 42.09
C ARG H 69 -18.17 -8.87 40.66
N THR H 70 -17.55 -10.04 40.49
CA THR H 70 -17.35 -10.59 39.16
C THR H 70 -18.69 -10.97 38.51
N ALA H 71 -19.58 -11.57 39.29
CA ALA H 71 -20.89 -11.97 38.78
C ALA H 71 -21.68 -10.74 38.32
N VAL H 72 -21.53 -9.63 39.04
CA VAL H 72 -22.23 -8.40 38.69
C VAL H 72 -21.60 -7.78 37.45
N ARG H 73 -20.26 -7.83 37.37
CA ARG H 73 -19.55 -7.28 36.22
C ARG H 73 -20.01 -7.98 34.94
N ASN H 74 -19.97 -9.30 34.94
CA ASN H 74 -20.35 -10.06 33.76
C ASN H 74 -21.83 -10.06 33.41
N ASN H 75 -22.68 -10.30 34.41
CA ASN H 75 -24.13 -10.35 34.17
C ASN H 75 -24.81 -8.99 34.20
N GLY H 76 -24.33 -8.11 35.06
CA GLY H 76 -24.88 -6.77 35.11
C GLY H 76 -24.48 -6.06 33.84
N GLY H 77 -23.25 -6.31 33.40
CA GLY H 77 -22.76 -5.68 32.18
C GLY H 77 -23.50 -6.24 30.98
N GLY H 78 -23.75 -7.55 31.00
CA GLY H 78 -24.48 -8.16 29.91
C GLY H 78 -25.87 -7.59 29.80
N HIS H 79 -26.52 -7.43 30.95
CA HIS H 79 -27.87 -6.90 30.95
C HIS H 79 -27.89 -5.45 30.50
N ALA H 80 -27.01 -4.63 31.07
CA ALA H 80 -26.95 -3.21 30.71
C ALA H 80 -26.61 -3.01 29.23
N ASN H 81 -25.62 -3.76 28.75
CA ASN H 81 -25.19 -3.65 27.36
C ASN H 81 -26.25 -4.05 26.37
N HIS H 82 -26.92 -5.18 26.61
CA HIS H 82 -27.96 -5.62 25.66
C HIS H 82 -29.20 -4.76 25.72
N LYS H 83 -29.55 -4.30 26.93
CA LYS H 83 -30.72 -3.45 27.10
C LYS H 83 -30.56 -2.23 26.18
N LEU H 84 -29.37 -1.62 26.20
CA LEU H 84 -29.11 -0.45 25.36
C LEU H 84 -29.08 -0.84 23.88
N PHE H 85 -28.38 -1.94 23.58
CA PHE H 85 -28.25 -2.43 22.20
C PHE H 85 -29.60 -2.53 21.46
N TRP H 86 -30.57 -3.23 22.05
CA TRP H 86 -31.87 -3.39 21.39
C TRP H 86 -32.50 -2.04 21.00
N THR H 87 -32.34 -1.03 21.85
CA THR H 87 -32.92 0.29 21.56
C THR H 87 -32.19 1.12 20.51
N LEU H 88 -31.00 0.69 20.14
CA LEU H 88 -30.19 1.41 19.17
C LEU H 88 -30.41 0.90 17.74
N LEU H 89 -31.24 -0.11 17.59
CA LEU H 89 -31.54 -0.70 16.29
C LEU H 89 -32.99 -0.40 15.92
N SER H 90 -33.28 -0.41 14.63
CA SER H 90 -34.64 -0.15 14.18
C SER H 90 -34.86 -0.56 12.73
N PRO H 91 -36.08 -1.02 12.41
CA PRO H 91 -36.38 -1.42 11.04
C PRO H 91 -36.46 -0.17 10.17
N ASN H 92 -36.58 0.98 10.83
CA ASN H 92 -36.66 2.26 10.13
C ASN H 92 -35.35 3.01 10.34
N GLY H 93 -34.29 2.27 10.66
CA GLY H 93 -32.99 2.86 10.90
C GLY H 93 -32.13 3.01 9.65
N GLY H 94 -30.83 3.16 9.85
CA GLY H 94 -29.94 3.34 8.71
C GLY H 94 -29.77 4.81 8.40
N GLY H 95 -29.23 5.12 7.23
CA GLY H 95 -29.02 6.52 6.88
C GLY H 95 -27.83 7.08 7.63
N GLU H 96 -27.86 8.38 7.91
CA GLU H 96 -26.75 9.01 8.62
C GLU H 96 -27.25 9.88 9.77
N PRO H 97 -26.37 10.18 10.74
CA PRO H 97 -26.84 11.03 11.84
C PRO H 97 -27.12 12.44 11.32
N THR H 98 -27.88 13.21 12.09
CA THR H 98 -28.23 14.58 11.69
C THR H 98 -28.22 15.52 12.89
N GLY H 99 -28.68 16.75 12.66
CA GLY H 99 -28.73 17.73 13.73
C GLY H 99 -27.42 17.96 14.46
N ALA H 100 -27.52 18.18 15.77
CA ALA H 100 -26.34 18.44 16.59
C ALA H 100 -25.39 17.26 16.65
N LEU H 101 -25.93 16.04 16.62
CA LEU H 101 -25.09 14.86 16.66
C LEU H 101 -24.18 14.84 15.44
N ALA H 102 -24.75 15.16 14.29
CA ALA H 102 -23.98 15.18 13.04
C ALA H 102 -22.88 16.23 13.13
N GLU H 103 -23.22 17.42 13.61
CA GLU H 103 -22.25 18.50 13.72
C GLU H 103 -21.04 18.08 14.56
N GLU H 104 -21.30 17.36 15.65
CA GLU H 104 -20.23 16.92 16.53
C GLU H 104 -19.42 15.79 15.92
N ILE H 105 -20.11 14.82 15.30
CA ILE H 105 -19.39 13.71 14.69
C ILE H 105 -18.44 14.23 13.61
N ASN H 106 -18.91 15.14 12.77
CA ASN H 106 -18.06 15.68 11.71
C ASN H 106 -16.92 16.50 12.29
N SER H 107 -17.19 17.16 13.41
CA SER H 107 -16.19 18.00 14.07
C SER H 107 -15.11 17.17 14.75
N VAL H 108 -15.51 16.05 15.34
CA VAL H 108 -14.58 15.20 16.06
C VAL H 108 -13.85 14.20 15.16
N PHE H 109 -14.58 13.59 14.23
CA PHE H 109 -13.98 12.58 13.35
C PHE H 109 -13.71 13.02 11.91
N GLY H 110 -14.19 14.19 11.51
CA GLY H 110 -13.95 14.67 10.16
C GLY H 110 -15.12 14.50 9.22
N SER H 111 -15.85 13.39 9.37
CA SER H 111 -17.03 13.11 8.54
C SER H 111 -17.66 11.83 9.05
N PHE H 112 -18.88 11.56 8.59
CA PHE H 112 -19.57 10.34 9.00
C PHE H 112 -18.78 9.14 8.47
N ASP H 113 -18.32 9.21 7.23
CA ASP H 113 -17.54 8.10 6.67
C ASP H 113 -16.30 7.81 7.50
N LYS H 114 -15.60 8.86 7.94
CA LYS H 114 -14.40 8.65 8.75
C LYS H 114 -14.77 8.01 10.08
N PHE H 115 -15.89 8.44 10.65
CA PHE H 115 -16.36 7.88 11.89
C PHE H 115 -16.60 6.38 11.70
N LYS H 116 -17.32 6.02 10.64
CA LYS H 116 -17.61 4.62 10.39
C LYS H 116 -16.35 3.78 10.24
N GLU H 117 -15.34 4.31 9.56
CA GLU H 117 -14.12 3.50 9.40
C GLU H 117 -13.40 3.33 10.74
N GLN H 118 -13.44 4.36 11.59
CA GLN H 118 -12.80 4.27 12.90
C GLN H 118 -13.57 3.32 13.82
N PHE H 119 -14.90 3.38 13.77
CA PHE H 119 -15.72 2.52 14.59
C PHE H 119 -15.56 1.07 14.13
N ALA H 120 -15.56 0.87 12.82
CA ALA H 120 -15.40 -0.48 12.28
C ALA H 120 -14.03 -1.05 12.62
N ALA H 121 -13.02 -0.19 12.68
CA ALA H 121 -11.67 -0.64 13.02
C ALA H 121 -11.64 -1.10 14.47
N ALA H 122 -12.33 -0.38 15.35
CA ALA H 122 -12.37 -0.75 16.75
C ALA H 122 -13.11 -2.07 16.90
N ALA H 123 -14.23 -2.19 16.18
CA ALA H 123 -15.06 -3.39 16.22
C ALA H 123 -14.34 -4.62 15.68
N ALA H 124 -13.63 -4.47 14.56
CA ALA H 124 -12.91 -5.61 13.99
C ALA H 124 -11.63 -5.93 14.76
N GLY H 125 -11.09 -4.93 15.46
CA GLY H 125 -9.87 -5.11 16.21
C GLY H 125 -10.00 -5.71 17.60
N ARG H 126 -11.23 -5.83 18.09
CA ARG H 126 -11.47 -6.41 19.40
C ARG H 126 -11.24 -7.92 19.29
N PHE H 127 -10.16 -8.40 19.88
CA PHE H 127 -9.80 -9.81 19.84
C PHE H 127 -10.58 -10.56 20.91
N GLY H 128 -11.29 -11.60 20.50
CA GLY H 128 -12.09 -12.35 21.45
C GLY H 128 -13.48 -11.74 21.51
N SER H 129 -14.14 -11.89 22.65
CA SER H 129 -15.49 -11.37 22.85
C SER H 129 -15.46 -9.94 23.37
N GLY H 130 -16.42 -9.12 22.93
CA GLY H 130 -16.48 -7.75 23.40
C GLY H 130 -17.47 -6.87 22.68
N TRP H 131 -17.28 -5.56 22.85
CA TRP H 131 -18.15 -4.53 22.28
C TRP H 131 -17.35 -3.37 21.72
N ALA H 132 -17.92 -2.66 20.74
CA ALA H 132 -17.30 -1.47 20.17
C ALA H 132 -18.24 -0.35 20.63
N TRP H 133 -17.69 0.82 20.96
CA TRP H 133 -18.53 1.90 21.46
C TRP H 133 -18.21 3.31 21.03
N LEU H 134 -19.24 4.14 21.02
CA LEU H 134 -19.11 5.57 20.78
C LEU H 134 -19.61 6.06 22.14
N VAL H 135 -18.77 6.78 22.87
CA VAL H 135 -19.13 7.28 24.19
C VAL H 135 -18.88 8.76 24.36
N VAL H 136 -19.46 9.31 25.43
CA VAL H 136 -19.28 10.71 25.78
C VAL H 136 -18.44 10.68 27.05
N ASN H 137 -17.21 11.18 26.97
CA ASN H 137 -16.30 11.22 28.11
C ASN H 137 -15.98 12.66 28.46
N ASN H 138 -16.53 13.11 29.59
CA ASN H 138 -16.34 14.48 30.05
C ASN H 138 -16.92 15.48 29.06
N GLY H 139 -17.92 15.04 28.31
CA GLY H 139 -18.56 15.90 27.33
C GLY H 139 -17.97 15.79 25.93
N LYS H 140 -17.05 14.85 25.73
CA LYS H 140 -16.41 14.67 24.44
C LYS H 140 -16.65 13.27 23.85
N LEU H 141 -16.81 13.21 22.53
CA LEU H 141 -17.04 11.93 21.84
C LEU H 141 -15.74 11.17 21.63
N GLU H 142 -15.78 9.88 21.90
CA GLU H 142 -14.62 9.01 21.74
C GLU H 142 -15.06 7.59 21.38
N ILE H 143 -14.24 6.90 20.60
CA ILE H 143 -14.54 5.52 20.20
C ILE H 143 -13.65 4.61 21.02
N THR H 144 -14.22 3.57 21.60
CA THR H 144 -13.45 2.62 22.40
C THR H 144 -14.03 1.22 22.22
N SER H 145 -13.35 0.23 22.78
CA SER H 145 -13.85 -1.14 22.71
C SER H 145 -13.56 -1.74 24.07
N THR H 146 -14.42 -2.68 24.49
CA THR H 146 -14.24 -3.33 25.79
C THR H 146 -14.35 -4.85 25.62
N PRO H 147 -13.74 -5.61 26.53
CA PRO H 147 -13.80 -7.07 26.45
C PRO H 147 -15.01 -7.64 27.16
N ASN H 148 -15.46 -8.80 26.71
CA ASN H 148 -16.58 -9.50 27.34
C ASN H 148 -17.80 -8.60 27.55
N GLN H 149 -18.27 -8.42 28.78
CA GLN H 149 -19.43 -7.55 28.98
C GLN H 149 -19.05 -6.28 29.74
N ASP H 150 -17.75 -5.95 29.76
CA ASP H 150 -17.31 -4.74 30.44
C ASP H 150 -18.01 -3.55 29.80
N SER H 151 -18.41 -2.59 30.62
CA SER H 151 -19.13 -1.41 30.14
C SER H 151 -18.36 -0.11 30.38
N PRO H 152 -18.41 0.82 29.42
CA PRO H 152 -17.68 2.09 29.59
C PRO H 152 -18.20 2.83 30.82
N LEU H 153 -19.41 2.48 31.25
CA LEU H 153 -20.03 3.13 32.42
C LEU H 153 -19.18 2.96 33.67
N SER H 154 -18.48 1.83 33.75
CA SER H 154 -17.64 1.54 34.90
C SER H 154 -16.40 2.42 34.92
N GLU H 155 -16.15 3.09 33.81
CA GLU H 155 -14.99 3.97 33.66
C GLU H 155 -15.39 5.45 33.66
N GLY H 156 -16.63 5.73 34.05
CA GLY H 156 -17.11 7.11 34.10
C GLY H 156 -17.46 7.70 32.74
N LYS H 157 -17.75 6.84 31.78
CA LYS H 157 -18.10 7.27 30.42
C LYS H 157 -19.55 6.90 30.15
N THR H 158 -20.15 7.53 29.14
CA THR H 158 -21.53 7.23 28.81
C THR H 158 -21.69 6.77 27.36
N PRO H 159 -22.03 5.48 27.15
CA PRO H 159 -22.21 5.00 25.79
C PRO H 159 -23.49 5.51 25.13
N ILE H 160 -23.39 5.89 23.86
CA ILE H 160 -24.55 6.36 23.12
C ILE H 160 -24.75 5.49 21.88
N LEU H 161 -23.76 4.66 21.61
CA LEU H 161 -23.81 3.72 20.48
C LEU H 161 -22.88 2.55 20.81
N GLY H 162 -23.38 1.34 20.60
CA GLY H 162 -22.58 0.18 20.86
C GLY H 162 -22.89 -0.93 19.86
N LEU H 163 -21.89 -1.76 19.57
CA LEU H 163 -22.06 -2.89 18.65
C LEU H 163 -21.49 -4.13 19.35
N ASP H 164 -22.33 -5.15 19.43
CA ASP H 164 -21.97 -6.42 20.06
C ASP H 164 -21.07 -7.22 19.10
N VAL H 165 -19.84 -7.47 19.55
CA VAL H 165 -18.82 -8.18 18.79
C VAL H 165 -18.65 -9.64 19.18
N TRP H 166 -19.47 -10.12 20.13
CA TRP H 166 -19.39 -11.53 20.51
C TRP H 166 -19.78 -12.34 19.27
N GLU H 167 -19.18 -13.49 19.08
CA GLU H 167 -19.51 -14.26 17.89
C GLU H 167 -20.98 -14.67 17.83
N HIS H 168 -21.63 -14.84 18.99
CA HIS H 168 -23.04 -15.21 18.97
C HIS H 168 -23.93 -14.14 18.30
N ALA H 169 -23.43 -12.90 18.20
CA ALA H 169 -24.21 -11.82 17.59
C ALA H 169 -24.27 -11.90 16.08
N TYR H 170 -23.32 -12.63 15.50
CA TYR H 170 -23.25 -12.68 14.04
C TYR H 170 -22.88 -14.01 13.40
N TYR H 171 -22.52 -15.01 14.18
CA TYR H 171 -22.08 -16.25 13.55
C TYR H 171 -23.08 -17.00 12.68
N LEU H 172 -24.36 -17.02 13.06
CA LEU H 172 -25.34 -17.76 12.26
C LEU H 172 -25.51 -17.23 10.84
N ASN H 173 -25.43 -15.92 10.66
CA ASN H 173 -25.61 -15.36 9.32
C ASN H 173 -24.32 -14.93 8.61
N TYR H 174 -23.27 -14.69 9.39
CA TYR H 174 -22.00 -14.22 8.83
C TYR H 174 -20.79 -15.10 9.08
N GLN H 175 -20.90 -16.02 10.03
CA GLN H 175 -19.79 -16.90 10.41
C GLN H 175 -18.55 -16.07 10.74
N ASN H 176 -17.42 -16.39 10.13
CA ASN H 176 -16.18 -15.67 10.40
C ASN H 176 -16.11 -14.22 9.90
N ARG H 177 -17.03 -13.87 9.00
CA ARG H 177 -17.01 -12.56 8.38
C ARG H 177 -17.47 -11.36 9.22
N ARG H 178 -16.82 -11.14 10.36
CA ARG H 178 -17.19 -10.02 11.21
C ARG H 178 -17.25 -8.67 10.46
N PRO H 179 -16.28 -8.40 9.55
CA PRO H 179 -16.35 -7.12 8.82
C PRO H 179 -17.67 -6.92 8.06
N ASP H 180 -18.21 -7.99 7.50
CA ASP H 180 -19.48 -7.90 6.76
C ASP H 180 -20.65 -7.63 7.72
N TYR H 181 -20.55 -8.14 8.95
CA TYR H 181 -21.58 -7.92 9.96
C TYR H 181 -21.55 -6.46 10.39
N ILE H 182 -20.34 -5.94 10.60
CA ILE H 182 -20.17 -4.55 11.00
C ILE H 182 -20.76 -3.63 9.92
N SER H 183 -20.44 -3.93 8.66
CA SER H 183 -20.97 -3.16 7.54
C SER H 183 -22.50 -3.18 7.51
N ALA H 184 -23.09 -4.35 7.75
CA ALA H 184 -24.55 -4.46 7.75
C ALA H 184 -25.19 -3.63 8.87
N PHE H 185 -24.50 -3.58 10.00
CA PHE H 185 -24.98 -2.84 11.18
C PHE H 185 -25.42 -1.41 10.86
N TRP H 186 -24.66 -0.71 10.03
CA TRP H 186 -25.01 0.66 9.67
C TRP H 186 -26.42 0.82 9.12
N ASN H 187 -26.96 -0.24 8.52
CA ASN H 187 -28.30 -0.17 7.94
C ASN H 187 -29.44 -0.22 8.96
N VAL H 188 -29.13 -0.58 10.20
CA VAL H 188 -30.18 -0.64 11.21
C VAL H 188 -30.00 0.31 12.40
N VAL H 189 -28.93 1.09 12.41
CA VAL H 189 -28.72 2.02 13.51
C VAL H 189 -29.83 3.05 13.57
N ASN H 190 -30.37 3.27 14.77
CA ASN H 190 -31.42 4.26 15.00
C ASN H 190 -30.70 5.53 15.44
N TRP H 191 -30.36 6.38 14.48
CA TRP H 191 -29.65 7.60 14.80
C TRP H 191 -30.43 8.60 15.63
N ASP H 192 -31.76 8.57 15.55
CA ASP H 192 -32.56 9.49 16.36
C ASP H 192 -32.34 9.13 17.84
N GLU H 193 -32.21 7.84 18.12
CA GLU H 193 -32.00 7.38 19.49
C GLU H 193 -30.59 7.76 19.95
N VAL H 194 -29.60 7.56 19.09
CA VAL H 194 -28.23 7.92 19.45
C VAL H 194 -28.21 9.43 19.76
N ALA H 195 -28.90 10.21 18.94
CA ALA H 195 -28.96 11.66 19.15
C ALA H 195 -29.61 12.02 20.49
N ARG H 196 -30.67 11.31 20.85
CA ARG H 196 -31.35 11.58 22.11
C ARG H 196 -30.41 11.29 23.27
N LEU H 197 -29.68 10.19 23.19
CA LEU H 197 -28.76 9.83 24.27
C LEU H 197 -27.62 10.83 24.37
N TYR H 198 -27.15 11.34 23.22
CA TYR H 198 -26.07 12.31 23.22
C TYR H 198 -26.52 13.62 23.87
N SER H 199 -27.74 14.05 23.55
CA SER H 199 -28.25 15.31 24.12
C SER H 199 -28.42 15.24 25.63
N GLU H 200 -28.69 14.04 26.14
CA GLU H 200 -28.90 13.86 27.58
C GLU H 200 -27.57 13.67 28.32
N ARG H 201 -26.54 13.25 27.58
CA ARG H 201 -25.23 13.02 28.19
C ARG H 201 -24.28 14.18 27.89
#